data_6NMA
#
_entry.id   6NMA
#
_cell.length_a   1.00
_cell.length_b   1.00
_cell.length_c   1.00
_cell.angle_alpha   90.00
_cell.angle_beta   90.00
_cell.angle_gamma   90.00
#
_symmetry.space_group_name_H-M   'P 1'
#
loop_
_entity.id
_entity.type
_entity.pdbx_description
1 polymer AcrVA1
2 polymer Cpf1
3 polymer RNA
4 non-polymer 'MAGNESIUM ION'
#
loop_
_entity_poly.entity_id
_entity_poly.type
_entity_poly.pdbx_seq_one_letter_code
_entity_poly.pdbx_strand_id
1 'polypeptide(L)'
;MYEIKLNDTLIHQTDDRVNAFVAYRYLLRRGDLPKCENIARMYYDGKVIKTDVIDHDSVHSDEQAKVSNNDIIKMAISEL
GVNNFKSLIKKQGYPFSNGHINSWFTDDPVKSKTMHNDEMYLVVQALIRACIIKEIDLYTEQLYNIIKSLPYDKRPNVVY
SDQPLDPNNLDLSEPELWAEQVGECMRYAHNDQPCFYIGSTKRELRVNYIVPVIGVRDEIERVMTLEEVRNLHK
;
A,C
2 'polypeptide(L)'
;MSKLEKFTNCYSLSKTLRFKAIPVGKTQENIDNKRLLVEDEKRAEDYKGVKKLLDRYYLSFINDVLHSIKLKNLNNYISL
FRKKTRTEKENKELENLEINLRKEIAKAFKGNEGYKSLFKKDIIETILPEFLDDKDEIALVNSFNGFTTAFTGFFDNREN
MFSEEAKSTSIAFRCINENLTRYISNMDIFEKVDAIFDKHEVQEIKEKILNSDYDVEDFFEGEFFNFVLTQEGIDVYNAI
IGGFVTESGEKIKGLNEYINLYNQKTKQKLPKFKPLYKQVLSDRESLSFYGEGYTSDEEVLEVFRNTLNKNSEIFSSIKK
LEKLFKNFDEYSSAGIFVKNGPAISTISKDIFGEWNVIRDKWNAEYDDIHLKKKAVVTEKYEDDRRKSFKKIGSFSLEQL
QEYADADLSVVEKLKEIIIQKVDEIYKVYGSSEKLFDADFVLEKSLKKNDAVVAIMKDLLDSVKSFENYIKAFFGEGKET
NRDESFYGDFVLAYDILLKVDHIYDAIRNYVTQKPYSKDKFKLYFQNPQFMGGWDKDKETDYRATILRYGSKYYLAIMDK
KYAKCLQKIDKDDVNGNYEKINYKLLPGPNKMLPKVFFSKKWMAYYNPSEDIQKIYKNGTFKKGDMFNLNDCHKLIDFFK
DSISRYPKWSNAYDFNFSETEKYKDIAGFYREVEEQGYKVSFESASKKEVDKLVEEGKLYMFQIYNKDFSDKSHGTPNLH
TMYFKLLFDENNHGQIRLSGGAELFMRRASLKKEELVVHPANSPIANKNPDNPKKTTTLSYDVYKDKRFSEDQYELHIPI
AINKCPKNIFKINTEVRVLLKHDDNPYVIGIDRGERNLLYIVVVDGKGNIVEQYSLNEIINNFNGIRIKTDYHSLLDKKE
KERFEARQNWTSIENIKELKAGYISQVVHKICELVEKYDAVIALEDLNSGFKNSRVKVEKQVYQKFEKMLIDKLNYMVDK
KSNPCATGGALKGYQITNKFESFKSMSTQNGFIFYIPAWLTSKIDPSTGFVNLLKTKYTSIADSKKFISSFDRIMYVPEE
DLFEFALDYKNFSRTDADYIKKWKLYSYGNRIRIFRNPKKNNVFDWEEVCLTSAYKELFNKYGINYQQGDIRALLCEQSD
KAFYSSFMALMSLMLQMRNSITGRTDVDFLISPVKNSDGIFYDSRNYEAQENAILPKNADANGAYNIARKVLWAIGQFKK
AEDEKLDKVKIAISNKEWLEYAQTSVK
;
B
3 'polyribonucleotide' AAUUUCUACUAAGUGUAGAUGGAAAUUAGGUGCGCUUGGC G
#
# COMPACT_ATOMS: atom_id res chain seq x y z
N MET A 120 -33.82 37.13 -35.79
CA MET A 120 -33.39 38.12 -36.76
C MET A 120 -31.89 38.06 -36.99
N TYR A 121 -31.18 39.02 -36.40
CA TYR A 121 -29.73 38.99 -36.27
C TYR A 121 -29.31 38.29 -34.99
N LEU A 122 -30.26 37.88 -34.17
CA LEU A 122 -30.00 37.05 -32.99
C LEU A 122 -30.52 35.63 -33.18
N VAL A 123 -30.59 35.19 -34.44
CA VAL A 123 -30.73 33.78 -34.78
C VAL A 123 -29.52 33.28 -35.56
N VAL A 124 -28.98 34.11 -36.45
CA VAL A 124 -27.67 33.84 -37.04
C VAL A 124 -26.64 33.59 -35.94
N GLN A 125 -26.60 34.45 -34.93
CA GLN A 125 -25.71 34.24 -33.80
C GLN A 125 -26.22 33.19 -32.84
N ALA A 126 -27.21 32.41 -33.28
CA ALA A 126 -27.54 31.13 -32.67
C ALA A 126 -27.35 29.98 -33.67
N LEU A 127 -26.81 30.28 -34.84
CA LEU A 127 -26.50 29.27 -35.84
C LEU A 127 -25.04 29.25 -36.24
N ILE A 128 -24.35 30.39 -36.18
CA ILE A 128 -22.90 30.36 -36.37
C ILE A 128 -22.22 29.61 -35.24
N ARG A 129 -22.80 29.64 -34.04
CA ARG A 129 -22.32 28.80 -32.95
C ARG A 129 -22.70 27.35 -33.13
N ALA A 130 -23.25 26.98 -34.29
CA ALA A 130 -23.34 25.59 -34.71
C ALA A 130 -22.48 25.29 -35.92
N CYS A 131 -21.86 26.31 -36.52
CA CYS A 131 -20.75 26.07 -37.43
C CYS A 131 -19.44 25.95 -36.65
N ILE A 132 -19.32 26.70 -35.55
CA ILE A 132 -18.14 26.56 -34.71
C ILE A 132 -18.01 25.13 -34.19
N ILE A 133 -19.13 24.47 -33.88
CA ILE A 133 -19.04 23.13 -33.33
C ILE A 133 -18.72 22.10 -34.40
N LYS A 134 -19.27 22.25 -35.60
CA LYS A 134 -18.88 21.36 -36.68
C LYS A 134 -17.47 21.65 -37.18
N GLU A 135 -16.89 22.77 -36.77
CA GLU A 135 -15.47 22.96 -37.00
C GLU A 135 -14.64 22.29 -35.90
N ILE A 136 -15.09 22.38 -34.65
CA ILE A 136 -14.39 21.72 -33.56
C ILE A 136 -14.34 20.22 -33.78
N ASP A 137 -15.46 19.61 -34.16
CA ASP A 137 -15.48 18.18 -34.37
C ASP A 137 -14.52 17.78 -35.49
N LEU A 138 -14.52 18.51 -36.59
CA LEU A 138 -13.58 18.21 -37.66
C LEU A 138 -12.15 18.34 -37.18
N TYR A 139 -11.87 19.35 -36.34
CA TYR A 139 -10.50 19.52 -35.87
C TYR A 139 -10.08 18.38 -34.97
N THR A 140 -10.97 17.96 -34.07
CA THR A 140 -10.66 16.83 -33.20
C THR A 140 -10.48 15.56 -34.00
N GLU A 141 -11.25 15.37 -35.06
CA GLU A 141 -11.08 14.16 -35.85
C GLU A 141 -9.79 14.21 -36.67
N GLN A 142 -9.37 15.40 -37.08
CA GLN A 142 -8.09 15.52 -37.76
C GLN A 142 -6.95 15.26 -36.81
N LEU A 143 -7.10 15.68 -35.56
CA LEU A 143 -6.04 15.50 -34.58
C LEU A 143 -5.95 14.04 -34.16
N TYR A 144 -7.06 13.45 -33.75
CA TYR A 144 -7.08 12.09 -33.25
C TYR A 144 -6.51 11.08 -34.23
N ASN A 145 -6.33 11.45 -35.49
CA ASN A 145 -5.64 10.58 -36.44
C ASN A 145 -4.21 11.04 -36.69
N ILE A 146 -3.70 11.92 -35.85
CA ILE A 146 -2.34 12.43 -36.00
C ILE A 146 -1.66 12.31 -34.64
N ILE A 147 -2.46 12.10 -33.60
CA ILE A 147 -1.95 11.68 -32.31
C ILE A 147 -1.90 10.17 -32.20
N LYS A 148 -2.84 9.46 -32.82
CA LYS A 148 -2.87 8.01 -32.74
C LYS A 148 -1.65 7.35 -33.37
N SER A 149 -0.79 8.10 -34.05
CA SER A 149 0.36 7.51 -34.71
C SER A 149 1.68 7.79 -34.03
N LEU A 150 1.83 8.94 -33.37
CA LEU A 150 3.09 9.26 -32.75
C LEU A 150 3.38 8.30 -31.60
N PRO A 151 4.61 7.85 -31.45
CA PRO A 151 4.96 7.00 -30.31
C PRO A 151 5.01 7.81 -29.03
N TYR A 152 4.59 7.15 -27.94
CA TYR A 152 4.16 7.86 -26.73
C TYR A 152 5.14 8.91 -26.24
N ASP A 153 6.43 8.76 -26.51
CA ASP A 153 7.39 9.70 -25.99
C ASP A 153 7.48 10.98 -26.82
N LYS A 154 6.59 11.16 -27.81
CA LYS A 154 6.61 12.36 -28.65
C LYS A 154 5.25 13.03 -28.72
N ARG A 155 4.29 12.57 -27.98
CA ARG A 155 2.98 13.20 -28.10
C ARG A 155 3.04 14.63 -27.57
N PRO A 156 2.43 15.59 -28.26
CA PRO A 156 2.61 16.99 -27.89
C PRO A 156 1.95 17.32 -26.56
N ASN A 157 2.35 18.45 -26.01
CA ASN A 157 1.69 18.99 -24.82
C ASN A 157 0.36 19.61 -25.25
N VAL A 158 -0.72 19.26 -24.57
CA VAL A 158 -2.03 19.70 -25.01
C VAL A 158 -2.73 20.45 -23.89
N VAL A 159 -3.73 21.24 -24.27
CA VAL A 159 -4.66 21.89 -23.36
C VAL A 159 -5.99 21.19 -23.53
N TYR A 160 -6.50 20.63 -22.44
CA TYR A 160 -7.66 19.75 -22.52
C TYR A 160 -8.89 20.45 -21.97
N SER A 161 -10.05 19.89 -22.31
CA SER A 161 -11.31 20.40 -21.79
C SER A 161 -12.43 19.46 -22.19
N ASP A 162 -13.47 19.46 -21.38
CA ASP A 162 -14.65 18.65 -21.63
C ASP A 162 -15.72 19.41 -22.40
N GLN A 163 -15.55 20.70 -22.61
CA GLN A 163 -16.37 21.51 -23.50
C GLN A 163 -15.52 21.98 -24.66
N PRO A 164 -16.12 22.10 -25.85
CA PRO A 164 -15.33 22.32 -27.06
C PRO A 164 -14.36 23.47 -26.92
N LEU A 165 -13.15 23.29 -27.45
CA LEU A 165 -12.09 24.28 -27.41
C LEU A 165 -11.78 24.72 -28.83
N ASP A 166 -12.03 25.97 -29.13
CA ASP A 166 -11.70 26.49 -30.45
C ASP A 166 -10.20 26.70 -30.56
N PRO A 167 -9.50 25.94 -31.39
CA PRO A 167 -8.04 26.11 -31.50
C PRO A 167 -7.63 27.36 -32.24
N ASN A 168 -8.59 28.15 -32.73
CA ASN A 168 -8.26 29.36 -33.45
C ASN A 168 -7.86 30.48 -32.48
N ASN A 169 -8.76 30.86 -31.58
CA ASN A 169 -8.49 31.96 -30.68
C ASN A 169 -8.06 31.47 -29.31
N LEU A 170 -8.93 30.75 -28.62
CA LEU A 170 -8.69 30.00 -27.40
C LEU A 170 -8.37 30.88 -26.20
N ASP A 171 -8.17 32.20 -26.38
CA ASP A 171 -7.83 33.14 -25.31
C ASP A 171 -6.87 32.51 -24.28
N LEU A 172 -5.66 32.20 -24.75
CA LEU A 172 -4.71 31.43 -23.96
C LEU A 172 -4.49 31.99 -22.56
N SER A 173 -4.84 33.25 -22.33
CA SER A 173 -4.61 33.86 -21.02
C SER A 173 -5.53 33.32 -19.93
N GLU A 174 -6.58 32.58 -20.29
CA GLU A 174 -7.51 32.09 -19.27
C GLU A 174 -6.77 31.18 -18.31
N PRO A 175 -6.97 31.34 -16.99
CA PRO A 175 -6.13 30.60 -16.03
C PRO A 175 -6.63 29.21 -15.69
N GLU A 176 -7.73 28.74 -16.29
CA GLU A 176 -8.28 27.43 -15.95
C GLU A 176 -8.01 26.40 -17.02
N LEU A 177 -6.88 26.48 -17.70
CA LEU A 177 -6.47 25.44 -18.64
C LEU A 177 -4.99 25.18 -18.48
N TRP A 178 -4.65 23.97 -18.08
CA TRP A 178 -3.27 23.53 -17.92
C TRP A 178 -2.78 22.91 -19.21
N ALA A 179 -1.53 22.47 -19.18
CA ALA A 179 -0.92 21.84 -20.34
C ALA A 179 -0.18 20.60 -19.84
N GLU A 180 -0.61 19.43 -20.28
CA GLU A 180 0.06 18.19 -19.96
C GLU A 180 0.30 17.41 -21.26
N GLN A 181 0.92 16.25 -21.14
CA GLN A 181 1.05 15.39 -22.31
C GLN A 181 -0.31 14.82 -22.65
N VAL A 182 -0.39 14.03 -23.70
CA VAL A 182 -1.61 13.32 -24.06
C VAL A 182 -1.28 11.85 -24.24
N GLY A 183 -1.98 10.99 -23.52
CA GLY A 183 -1.65 9.59 -23.50
C GLY A 183 -2.37 8.87 -24.60
N GLU A 184 -3.23 7.92 -24.24
CA GLU A 184 -3.94 7.15 -25.23
C GLU A 184 -5.03 7.96 -25.88
N CYS A 185 -5.21 7.79 -27.18
CA CYS A 185 -6.35 8.35 -27.87
C CYS A 185 -7.25 7.21 -28.28
N MET A 186 -8.29 6.98 -27.50
CA MET A 186 -9.25 5.91 -27.70
C MET A 186 -10.44 6.46 -28.47
N ARG A 187 -11.49 5.67 -28.54
CA ARG A 187 -12.66 6.03 -29.33
C ARG A 187 -13.88 5.44 -28.67
N TYR A 188 -14.88 6.28 -28.41
CA TYR A 188 -16.01 5.89 -27.57
C TYR A 188 -16.74 4.69 -28.15
N ALA A 189 -17.66 4.14 -27.36
CA ALA A 189 -18.34 2.91 -27.75
C ALA A 189 -19.62 3.18 -28.52
N HIS A 190 -20.57 3.90 -27.92
CA HIS A 190 -21.88 4.05 -28.55
C HIS A 190 -21.80 4.88 -29.82
N ASN A 191 -21.43 6.16 -29.69
CA ASN A 191 -20.99 6.92 -30.84
C ASN A 191 -19.51 6.63 -31.05
N ASP A 192 -18.83 7.41 -31.87
CA ASP A 192 -17.40 7.25 -32.06
C ASP A 192 -16.66 8.54 -31.75
N GLN A 193 -17.16 9.29 -30.79
CA GLN A 193 -16.52 10.52 -30.38
C GLN A 193 -15.13 10.23 -29.85
N PRO A 194 -14.09 10.80 -30.40
CA PRO A 194 -12.73 10.44 -30.01
C PRO A 194 -12.28 11.00 -28.67
N CYS A 195 -12.55 10.31 -27.56
CA CYS A 195 -12.01 10.73 -26.29
C CYS A 195 -10.51 10.52 -26.25
N PHE A 196 -9.83 11.36 -25.47
CA PHE A 196 -8.40 11.29 -25.27
C PHE A 196 -8.12 10.89 -23.83
N TYR A 197 -6.84 10.90 -23.45
CA TYR A 197 -6.45 10.49 -22.12
C TYR A 197 -5.21 11.26 -21.71
N ILE A 198 -5.39 12.26 -20.85
CA ILE A 198 -4.29 13.12 -20.45
C ILE A 198 -3.37 12.37 -19.52
N GLY A 199 -2.07 12.66 -19.60
CA GLY A 199 -1.13 11.97 -18.74
C GLY A 199 -1.07 10.50 -19.10
N SER A 200 -1.13 9.66 -18.07
CA SER A 200 -1.19 8.23 -18.28
C SER A 200 -2.62 7.75 -18.08
N THR A 201 -2.91 6.57 -18.62
CA THR A 201 -4.27 6.06 -18.56
C THR A 201 -4.76 5.92 -17.13
N LYS A 202 -3.96 5.31 -16.26
CA LYS A 202 -4.43 4.96 -14.93
C LYS A 202 -4.87 6.18 -14.12
N ARG A 203 -4.64 7.40 -14.59
CA ARG A 203 -5.24 8.54 -13.91
C ARG A 203 -6.73 8.63 -14.19
N GLU A 204 -7.19 8.04 -15.28
CA GLU A 204 -8.59 8.09 -15.69
C GLU A 204 -9.06 9.53 -15.87
N LEU A 205 -8.20 10.34 -16.50
CA LEU A 205 -8.55 11.71 -16.82
C LEU A 205 -8.91 11.76 -18.30
N ARG A 206 -10.15 11.39 -18.59
CA ARG A 206 -10.62 11.33 -19.96
C ARG A 206 -11.25 12.65 -20.35
N VAL A 207 -10.75 13.26 -21.41
CA VAL A 207 -11.25 14.55 -21.85
C VAL A 207 -11.59 14.46 -23.33
N ASN A 208 -12.70 15.10 -23.69
CA ASN A 208 -13.23 14.97 -25.04
C ASN A 208 -12.59 15.90 -26.05
N TYR A 209 -12.19 17.12 -25.69
CA TYR A 209 -11.65 18.04 -26.67
C TYR A 209 -10.32 18.58 -26.19
N ILE A 210 -9.28 18.41 -27.00
CA ILE A 210 -7.96 18.93 -26.70
C ILE A 210 -7.57 19.91 -27.77
N VAL A 211 -6.47 20.62 -27.52
CA VAL A 211 -5.82 21.45 -28.54
C VAL A 211 -4.34 21.54 -28.21
N PRO A 212 -3.44 21.22 -29.13
CA PRO A 212 -2.03 21.09 -28.78
C PRO A 212 -1.39 22.46 -28.65
N VAL A 213 -0.74 22.71 -27.51
CA VAL A 213 -0.02 23.96 -27.31
C VAL A 213 1.46 23.64 -27.24
N ILE A 214 2.29 24.68 -27.14
CA ILE A 214 3.73 24.49 -27.06
C ILE A 214 4.28 24.88 -25.70
N GLY A 215 3.43 25.15 -24.73
CA GLY A 215 3.91 25.54 -23.43
C GLY A 215 4.05 24.37 -22.49
N VAL A 216 4.84 24.60 -21.45
CA VAL A 216 5.02 23.69 -20.33
C VAL A 216 3.81 23.87 -19.43
N ARG A 217 3.78 23.14 -18.31
CA ARG A 217 2.63 22.96 -17.45
C ARG A 217 1.64 24.12 -17.40
N ASP A 218 2.07 25.33 -17.09
CA ASP A 218 1.11 26.43 -16.98
C ASP A 218 1.51 27.70 -17.72
N GLU A 219 2.78 27.96 -17.97
CA GLU A 219 3.17 29.08 -18.83
C GLU A 219 2.99 28.65 -20.27
N ILE A 220 1.75 28.72 -20.74
CA ILE A 220 1.39 28.34 -22.10
C ILE A 220 1.86 29.43 -23.04
N GLU A 221 2.66 29.07 -24.04
CA GLU A 221 3.23 30.07 -24.94
C GLU A 221 2.30 30.39 -26.10
N ARG A 222 1.96 29.39 -26.90
CA ARG A 222 1.15 29.61 -28.10
C ARG A 222 0.53 28.29 -28.50
N VAL A 223 -0.49 28.37 -29.34
CA VAL A 223 -1.19 27.18 -29.81
C VAL A 223 -0.41 26.58 -30.97
N MET A 224 -0.08 25.31 -30.87
CA MET A 224 0.68 24.62 -31.89
C MET A 224 -0.22 24.35 -33.09
N THR A 225 0.27 24.66 -34.29
CA THR A 225 -0.54 24.45 -35.47
C THR A 225 -0.37 23.03 -35.99
N LEU A 226 -1.40 22.55 -36.69
CA LEU A 226 -1.46 21.15 -37.07
C LEU A 226 -0.25 20.71 -37.87
N GLU A 227 0.35 21.61 -38.65
CA GLU A 227 1.56 21.25 -39.38
C GLU A 227 2.68 20.85 -38.43
N GLU A 228 2.75 21.48 -37.27
CA GLU A 228 3.81 21.13 -36.32
C GLU A 228 3.51 19.80 -35.64
N VAL A 229 2.27 19.58 -35.23
CA VAL A 229 1.93 18.27 -34.67
C VAL A 229 2.22 17.16 -35.67
N ARG A 230 1.96 17.42 -36.96
CA ARG A 230 2.27 16.41 -37.96
C ARG A 230 3.77 16.20 -38.09
N ASN A 231 4.55 17.29 -38.13
CA ASN A 231 5.99 17.17 -38.20
C ASN A 231 6.62 16.87 -36.85
N LEU A 232 5.84 16.50 -35.85
CA LEU A 232 6.41 16.04 -34.60
C LEU A 232 6.87 14.59 -34.69
N HIS A 233 6.33 13.85 -35.65
CA HIS A 233 6.76 12.47 -35.87
C HIS A 233 8.02 12.40 -36.71
N LYS A 234 8.17 13.30 -37.68
CA LYS A 234 9.17 13.20 -38.73
C LYS A 234 8.99 11.87 -39.45
N MET B 1 22.99 -33.36 -2.84
CA MET B 1 21.85 -32.59 -2.35
C MET B 1 22.24 -31.15 -2.05
N SER B 2 21.51 -30.22 -2.66
CA SER B 2 21.71 -28.80 -2.41
C SER B 2 21.15 -28.44 -1.05
N LYS B 3 21.44 -27.24 -0.58
CA LYS B 3 20.94 -26.84 0.73
C LYS B 3 19.43 -26.74 0.77
N LEU B 4 18.78 -26.62 -0.38
CA LEU B 4 17.34 -26.40 -0.42
C LEU B 4 16.54 -27.68 -0.35
N GLU B 5 16.99 -28.74 -1.03
CA GLU B 5 16.19 -29.95 -1.17
C GLU B 5 15.72 -30.49 0.17
N LYS B 6 16.31 -30.04 1.26
CA LYS B 6 15.85 -30.48 2.57
C LYS B 6 14.57 -29.78 3.00
N PHE B 7 14.32 -28.59 2.47
CA PHE B 7 13.19 -27.77 2.91
C PHE B 7 11.99 -27.99 2.00
N THR B 8 11.14 -28.93 2.37
CA THR B 8 9.80 -29.00 1.84
C THR B 8 8.89 -29.56 2.92
N ASN B 9 7.60 -29.59 2.63
CA ASN B 9 6.61 -30.26 3.47
C ASN B 9 6.72 -29.87 4.94
N CYS B 10 7.18 -28.64 5.22
CA CYS B 10 7.47 -28.27 6.60
C CYS B 10 6.21 -27.91 7.39
N TYR B 11 5.41 -26.97 6.91
CA TYR B 11 4.25 -26.53 7.69
C TYR B 11 3.08 -26.22 6.78
N SER B 12 1.93 -26.02 7.41
CA SER B 12 0.67 -25.88 6.69
C SER B 12 0.42 -24.44 6.31
N LEU B 13 -0.22 -24.25 5.16
CA LEU B 13 -0.21 -22.93 4.56
C LEU B 13 -1.41 -22.83 3.62
N SER B 14 -2.39 -22.00 3.95
CA SER B 14 -3.67 -22.01 3.25
C SER B 14 -3.83 -20.76 2.41
N LYS B 15 -4.30 -20.93 1.18
CA LYS B 15 -4.49 -19.85 0.24
C LYS B 15 -5.92 -19.90 -0.30
N THR B 16 -6.29 -18.91 -1.09
CA THR B 16 -7.67 -18.76 -1.56
C THR B 16 -7.68 -18.47 -3.04
N LEU B 17 -7.90 -19.51 -3.85
CA LEU B 17 -7.99 -19.28 -5.27
C LEU B 17 -9.31 -18.61 -5.60
N ARG B 18 -9.28 -17.74 -6.60
CA ARG B 18 -10.50 -17.11 -7.10
C ARG B 18 -10.67 -17.45 -8.56
N PHE B 19 -11.90 -17.30 -9.05
CA PHE B 19 -12.19 -17.58 -10.45
C PHE B 19 -13.43 -16.81 -10.84
N LYS B 20 -13.69 -16.73 -12.14
CA LYS B 20 -14.93 -16.16 -12.63
C LYS B 20 -15.83 -17.31 -13.00
N ALA B 21 -17.09 -17.24 -12.61
CA ALA B 21 -18.06 -18.27 -12.95
C ALA B 21 -18.94 -17.74 -14.06
N ILE B 22 -18.91 -18.42 -15.21
CA ILE B 22 -19.70 -18.05 -16.37
C ILE B 22 -20.93 -18.94 -16.39
N PRO B 23 -22.14 -18.40 -16.23
CA PRO B 23 -23.33 -19.27 -16.29
C PRO B 23 -23.48 -19.89 -17.66
N VAL B 24 -23.60 -21.21 -17.69
CA VAL B 24 -23.56 -22.00 -18.92
C VAL B 24 -24.95 -22.48 -19.27
N GLY B 25 -25.32 -22.29 -20.52
CA GLY B 25 -26.60 -22.81 -20.98
C GLY B 25 -27.74 -21.93 -20.55
N LYS B 26 -28.82 -22.55 -20.06
CA LYS B 26 -30.03 -21.84 -19.69
C LYS B 26 -30.11 -21.62 -18.19
N THR B 27 -28.98 -21.40 -17.53
CA THR B 27 -29.02 -21.10 -16.11
C THR B 27 -29.19 -19.63 -15.82
N GLN B 28 -28.76 -18.75 -16.73
CA GLN B 28 -28.95 -17.32 -16.50
C GLN B 28 -30.42 -16.95 -16.51
N GLU B 29 -31.16 -17.44 -17.50
CA GLU B 29 -32.59 -17.17 -17.55
C GLU B 29 -33.31 -17.73 -16.33
N ASN B 30 -32.85 -18.88 -15.82
CA ASN B 30 -33.50 -19.45 -14.64
C ASN B 30 -33.21 -18.63 -13.39
N ILE B 31 -31.97 -18.18 -13.23
CA ILE B 31 -31.69 -17.33 -12.08
C ILE B 31 -32.47 -16.02 -12.17
N ASP B 32 -32.75 -15.56 -13.39
CA ASP B 32 -33.54 -14.35 -13.53
C ASP B 32 -35.03 -14.57 -13.28
N ASN B 33 -35.56 -15.71 -13.70
CA ASN B 33 -36.98 -15.99 -13.54
C ASN B 33 -37.36 -16.44 -12.14
N LYS B 34 -36.50 -17.21 -11.46
CA LYS B 34 -36.79 -17.57 -10.09
C LYS B 34 -36.43 -16.47 -9.10
N ARG B 35 -35.76 -15.42 -9.56
CA ARG B 35 -35.42 -14.26 -8.72
C ARG B 35 -34.57 -14.68 -7.53
N LEU B 36 -33.36 -15.14 -7.84
CA LEU B 36 -32.39 -15.54 -6.83
C LEU B 36 -31.32 -14.49 -6.61
N LEU B 37 -31.47 -13.31 -7.17
CA LEU B 37 -30.47 -12.26 -6.98
C LEU B 37 -31.01 -11.07 -6.22
N VAL B 38 -32.15 -10.50 -6.64
CA VAL B 38 -32.67 -9.33 -5.96
C VAL B 38 -32.98 -9.64 -4.51
N GLU B 39 -33.24 -10.91 -4.18
CA GLU B 39 -33.34 -11.29 -2.78
C GLU B 39 -31.99 -11.17 -2.08
N ASP B 40 -30.97 -11.79 -2.66
CA ASP B 40 -29.65 -11.74 -2.04
C ASP B 40 -28.95 -10.42 -2.29
N GLU B 41 -29.49 -9.58 -3.15
CA GLU B 41 -29.00 -8.21 -3.24
C GLU B 41 -29.68 -7.34 -2.19
N LYS B 42 -30.95 -7.63 -1.88
CA LYS B 42 -31.63 -6.91 -0.82
C LYS B 42 -31.06 -7.25 0.55
N ARG B 43 -30.64 -8.50 0.73
CA ARG B 43 -30.08 -8.88 2.02
C ARG B 43 -28.78 -8.14 2.29
N ALA B 44 -27.79 -8.31 1.43
CA ALA B 44 -26.49 -7.68 1.66
C ALA B 44 -26.50 -6.20 1.35
N GLU B 45 -27.67 -5.60 1.19
CA GLU B 45 -27.85 -4.16 1.18
C GLU B 45 -28.45 -3.64 2.47
N ASP B 46 -29.20 -4.48 3.18
CA ASP B 46 -29.78 -4.14 4.46
C ASP B 46 -28.99 -4.72 5.62
N TYR B 47 -28.01 -5.58 5.36
CA TYR B 47 -27.17 -6.13 6.41
C TYR B 47 -26.51 -5.04 7.24
N LYS B 48 -26.18 -3.91 6.63
CA LYS B 48 -25.74 -2.76 7.41
C LYS B 48 -26.83 -2.30 8.37
N GLY B 49 -28.10 -2.47 8.00
CA GLY B 49 -29.17 -2.13 8.91
C GLY B 49 -29.16 -2.99 10.16
N VAL B 50 -28.99 -4.30 10.00
CA VAL B 50 -28.96 -5.14 11.19
C VAL B 50 -27.67 -4.91 11.97
N LYS B 51 -26.59 -4.48 11.31
CA LYS B 51 -25.43 -4.06 12.08
C LYS B 51 -25.76 -2.85 12.95
N LYS B 52 -26.47 -1.87 12.39
CA LYS B 52 -26.91 -0.73 13.19
C LYS B 52 -27.75 -1.17 14.37
N LEU B 53 -28.70 -2.08 14.13
CA LEU B 53 -29.58 -2.51 15.21
C LEU B 53 -28.83 -3.28 16.29
N LEU B 54 -27.87 -4.13 15.90
CA LEU B 54 -27.12 -4.86 16.89
C LEU B 54 -26.21 -3.93 17.70
N ASP B 55 -25.66 -2.89 17.07
CA ASP B 55 -24.93 -1.91 17.85
C ASP B 55 -25.85 -1.21 18.84
N ARG B 56 -27.07 -0.88 18.41
CA ARG B 56 -28.02 -0.27 19.32
C ARG B 56 -28.32 -1.17 20.50
N TYR B 57 -28.52 -2.46 20.25
CA TYR B 57 -28.81 -3.37 21.35
C TYR B 57 -27.60 -3.56 22.25
N TYR B 58 -26.39 -3.61 21.70
CA TYR B 58 -25.22 -3.72 22.56
C TYR B 58 -25.08 -2.50 23.45
N LEU B 59 -25.35 -1.31 22.91
CA LEU B 59 -25.26 -0.13 23.75
C LEU B 59 -26.35 -0.12 24.83
N SER B 60 -27.56 -0.55 24.48
CA SER B 60 -28.60 -0.63 25.51
C SER B 60 -28.25 -1.66 26.57
N PHE B 61 -27.67 -2.79 26.18
CA PHE B 61 -27.26 -3.80 27.14
C PHE B 61 -26.16 -3.27 28.06
N ILE B 62 -25.19 -2.56 27.50
CA ILE B 62 -24.10 -2.02 28.31
C ILE B 62 -24.62 -0.99 29.30
N ASN B 63 -25.51 -0.10 28.85
CA ASN B 63 -26.05 0.90 29.75
C ASN B 63 -27.08 0.32 30.72
N ASP B 64 -27.61 -0.88 30.45
CA ASP B 64 -28.50 -1.51 31.40
C ASP B 64 -27.73 -2.34 32.41
N VAL B 65 -26.49 -2.73 32.07
CA VAL B 65 -25.69 -3.51 33.02
C VAL B 65 -24.72 -2.66 33.81
N LEU B 66 -24.36 -1.47 33.35
CA LEU B 66 -23.49 -0.61 34.13
C LEU B 66 -24.25 0.29 35.10
N HIS B 67 -25.53 0.03 35.32
CA HIS B 67 -26.26 0.54 36.48
C HIS B 67 -26.33 -0.49 37.59
N SER B 68 -25.44 -1.48 37.57
CA SER B 68 -25.32 -2.44 38.65
C SER B 68 -23.87 -2.77 38.96
N ILE B 69 -22.93 -2.07 38.35
CA ILE B 69 -21.52 -2.33 38.60
C ILE B 69 -21.12 -1.69 39.92
N LYS B 70 -20.08 -2.25 40.55
CA LYS B 70 -19.55 -1.73 41.80
C LYS B 70 -18.05 -1.95 41.80
N LEU B 71 -17.30 -0.86 41.71
CA LEU B 71 -15.84 -0.92 41.76
C LEU B 71 -15.43 -0.77 43.23
N LYS B 72 -15.28 -1.91 43.90
CA LYS B 72 -14.94 -1.89 45.32
C LYS B 72 -13.51 -1.44 45.57
N ASN B 73 -12.58 -1.75 44.67
CA ASN B 73 -11.20 -1.28 44.82
C ASN B 73 -11.07 0.21 44.58
N LEU B 74 -12.15 0.91 44.24
CA LEU B 74 -12.05 2.32 43.90
C LEU B 74 -11.67 3.16 45.11
N ASN B 75 -12.26 2.90 46.27
CA ASN B 75 -11.96 3.68 47.46
C ASN B 75 -10.49 3.62 47.84
N ASN B 76 -9.75 2.65 47.33
CA ASN B 76 -8.33 2.56 47.56
C ASN B 76 -7.50 3.04 46.37
N TYR B 77 -8.01 2.89 45.16
CA TYR B 77 -7.35 3.46 43.99
C TYR B 77 -7.29 4.98 44.09
N ILE B 78 -8.38 5.61 44.55
CA ILE B 78 -8.45 7.06 44.64
C ILE B 78 -7.33 7.61 45.52
N SER B 79 -6.98 6.91 46.59
CA SER B 79 -5.90 7.34 47.47
C SER B 79 -4.54 6.87 46.98
N LEU B 80 -4.46 5.71 46.32
CA LEU B 80 -3.19 5.24 45.81
C LEU B 80 -2.68 6.11 44.67
N PHE B 81 -3.58 6.78 43.95
CA PHE B 81 -3.13 7.60 42.83
C PHE B 81 -2.39 8.84 43.31
N ARG B 82 -2.93 9.53 44.32
CA ARG B 82 -2.39 10.81 44.77
C ARG B 82 -1.34 10.66 45.87
N LYS B 83 -0.61 9.54 45.88
CA LYS B 83 0.39 9.25 46.88
C LYS B 83 1.72 9.95 46.62
N LYS B 84 1.91 10.55 45.45
CA LYS B 84 3.23 10.90 44.94
C LYS B 84 4.12 9.66 44.95
N THR B 85 3.70 8.73 44.08
CA THR B 85 4.17 7.33 44.12
C THR B 85 5.67 7.24 44.38
N ARG B 86 6.47 7.87 43.52
CA ARG B 86 7.92 7.76 43.57
C ARG B 86 8.31 6.29 43.66
N THR B 87 8.08 5.59 42.55
CA THR B 87 7.80 4.16 42.48
C THR B 87 8.56 3.33 43.51
N GLU B 88 9.88 3.44 43.53
CA GLU B 88 10.75 2.74 44.49
C GLU B 88 10.30 1.30 44.71
N LYS B 89 9.77 0.69 43.64
CA LYS B 89 9.09 -0.60 43.71
C LYS B 89 7.89 -0.54 44.66
N GLU B 90 6.97 0.37 44.33
CA GLU B 90 5.66 0.41 44.97
C GLU B 90 4.53 0.66 43.98
N ASN B 91 4.83 1.03 42.73
CA ASN B 91 3.78 1.22 41.74
C ASN B 91 3.35 -0.07 41.07
N LYS B 92 4.06 -1.19 41.31
CA LYS B 92 3.65 -2.44 40.70
C LYS B 92 2.36 -2.95 41.30
N GLU B 93 2.19 -2.79 42.62
CA GLU B 93 0.89 -3.09 43.21
C GLU B 93 -0.19 -2.12 42.74
N LEU B 94 0.19 -0.89 42.38
CA LEU B 94 -0.75 0.01 41.74
C LEU B 94 -1.24 -0.57 40.41
N GLU B 95 -0.30 -1.01 39.57
CA GLU B 95 -0.67 -1.68 38.32
C GLU B 95 -1.58 -2.87 38.58
N ASN B 96 -1.28 -3.65 39.62
CA ASN B 96 -2.08 -4.84 39.88
C ASN B 96 -3.49 -4.47 40.35
N LEU B 97 -3.61 -3.46 41.21
CA LEU B 97 -4.93 -3.01 41.62
C LEU B 97 -5.72 -2.47 40.45
N GLU B 98 -5.07 -1.74 39.55
CA GLU B 98 -5.74 -1.22 38.37
C GLU B 98 -6.21 -2.36 37.46
N ILE B 99 -5.39 -3.39 37.30
CA ILE B 99 -5.77 -4.54 36.50
C ILE B 99 -6.96 -5.26 37.12
N ASN B 100 -6.89 -5.54 38.42
CA ASN B 100 -8.01 -6.18 39.11
C ASN B 100 -9.26 -5.31 39.04
N LEU B 101 -9.10 -3.99 39.03
CA LEU B 101 -10.24 -3.11 38.90
C LEU B 101 -10.90 -3.26 37.53
N ARG B 102 -10.13 -3.11 36.46
CA ARG B 102 -10.71 -3.26 35.13
C ARG B 102 -11.26 -4.67 34.91
N LYS B 103 -10.73 -5.67 35.63
CA LYS B 103 -11.30 -7.01 35.51
C LYS B 103 -12.63 -7.11 36.22
N GLU B 104 -12.72 -6.61 37.45
CA GLU B 104 -13.98 -6.66 38.18
C GLU B 104 -15.04 -5.74 37.61
N ILE B 105 -14.73 -5.02 36.52
CA ILE B 105 -15.77 -4.36 35.75
C ILE B 105 -16.25 -5.24 34.60
N ALA B 106 -15.43 -6.19 34.17
CA ALA B 106 -15.78 -7.11 33.11
C ALA B 106 -16.24 -8.46 33.62
N LYS B 107 -16.44 -8.60 34.93
CA LYS B 107 -16.94 -9.86 35.45
C LYS B 107 -18.41 -10.06 35.07
N ALA B 108 -19.25 -9.06 35.34
CA ALA B 108 -20.63 -9.12 34.89
C ALA B 108 -20.71 -9.21 33.38
N PHE B 109 -19.85 -8.46 32.68
CA PHE B 109 -19.79 -8.55 31.22
C PHE B 109 -19.58 -10.00 30.78
N LYS B 110 -18.47 -10.60 31.19
CA LYS B 110 -18.12 -11.93 30.71
C LYS B 110 -19.00 -13.02 31.29
N GLY B 111 -19.47 -12.87 32.52
CA GLY B 111 -20.22 -13.94 33.16
C GLY B 111 -21.72 -13.88 33.09
N ASN B 112 -22.32 -12.78 33.55
CA ASN B 112 -23.73 -12.80 33.91
C ASN B 112 -24.53 -11.80 33.09
N GLU B 113 -25.82 -11.73 33.40
CA GLU B 113 -26.77 -10.86 32.71
C GLU B 113 -26.74 -11.12 31.20
N GLY B 114 -26.86 -12.40 30.85
CA GLY B 114 -26.81 -12.80 29.45
C GLY B 114 -25.39 -13.09 29.01
N TYR B 115 -24.97 -12.44 27.92
CA TYR B 115 -23.64 -12.60 27.33
C TYR B 115 -23.50 -13.99 26.73
N LYS B 116 -24.49 -14.85 26.95
CA LYS B 116 -24.55 -16.12 26.24
C LYS B 116 -25.41 -16.00 24.99
N SER B 117 -26.67 -15.60 25.16
CA SER B 117 -27.53 -15.31 24.02
C SER B 117 -27.24 -13.91 23.50
N LEU B 118 -25.98 -13.63 23.25
CA LEU B 118 -25.58 -12.33 22.76
C LEU B 118 -24.78 -12.42 21.47
N PHE B 119 -23.88 -13.39 21.36
CA PHE B 119 -23.02 -13.53 20.20
C PHE B 119 -23.27 -14.82 19.42
N LYS B 120 -24.19 -15.67 19.89
CA LYS B 120 -24.56 -16.88 19.16
C LYS B 120 -25.57 -16.54 18.08
N LYS B 121 -26.15 -17.58 17.48
CA LYS B 121 -27.22 -17.41 16.51
C LYS B 121 -28.50 -16.89 17.14
N ASP B 122 -28.57 -16.85 18.47
CA ASP B 122 -29.85 -16.58 19.13
C ASP B 122 -30.25 -15.12 19.03
N ILE B 123 -29.27 -14.21 18.99
CA ILE B 123 -29.58 -12.79 19.19
C ILE B 123 -30.42 -12.27 18.03
N ILE B 124 -30.09 -12.64 16.80
CA ILE B 124 -30.86 -12.15 15.66
C ILE B 124 -32.10 -13.01 15.46
N GLU B 125 -32.17 -14.15 16.13
CA GLU B 125 -33.32 -15.03 15.95
C GLU B 125 -34.41 -14.73 16.99
N THR B 126 -34.04 -14.64 18.26
CA THR B 126 -35.06 -14.55 19.31
C THR B 126 -34.90 -13.36 20.22
N ILE B 127 -33.67 -12.96 20.55
CA ILE B 127 -33.49 -11.88 21.51
C ILE B 127 -33.87 -10.53 20.90
N LEU B 128 -33.27 -10.19 19.76
CA LEU B 128 -33.55 -8.89 19.16
C LEU B 128 -35.01 -8.69 18.76
N PRO B 129 -35.77 -9.70 18.33
CA PRO B 129 -37.19 -9.45 18.07
C PRO B 129 -37.93 -8.84 19.25
N GLU B 130 -37.72 -9.35 20.46
CA GLU B 130 -38.25 -8.68 21.64
C GLU B 130 -37.77 -7.24 21.72
N PHE B 131 -36.46 -7.04 21.66
CA PHE B 131 -35.90 -5.72 21.82
C PHE B 131 -36.16 -4.88 20.58
N LEU B 132 -37.42 -4.47 20.42
CA LEU B 132 -37.83 -3.56 19.36
C LEU B 132 -39.31 -3.24 19.52
N ASP B 133 -39.73 -2.08 19.01
CA ASP B 133 -41.14 -1.71 19.02
C ASP B 133 -41.61 -1.19 17.68
N ASP B 134 -40.91 -1.51 16.60
CA ASP B 134 -41.27 -1.09 15.26
C ASP B 134 -41.47 -2.32 14.39
N LYS B 135 -42.24 -2.18 13.31
CA LYS B 135 -42.41 -3.31 12.40
C LYS B 135 -41.33 -3.32 11.33
N ASP B 136 -40.93 -2.14 10.85
CA ASP B 136 -39.81 -2.03 9.93
C ASP B 136 -38.59 -2.71 10.53
N GLU B 137 -38.14 -2.22 11.69
CA GLU B 137 -36.97 -2.76 12.35
C GLU B 137 -37.12 -4.23 12.73
N ILE B 138 -38.34 -4.77 12.72
CA ILE B 138 -38.49 -6.19 13.01
C ILE B 138 -38.43 -7.02 11.73
N ALA B 139 -38.86 -6.46 10.60
CA ALA B 139 -38.83 -7.21 9.36
C ALA B 139 -37.40 -7.57 8.95
N LEU B 140 -36.47 -6.64 9.15
CA LEU B 140 -35.08 -6.91 8.83
C LEU B 140 -34.56 -8.08 9.65
N VAL B 141 -34.52 -7.93 10.97
CA VAL B 141 -33.95 -8.97 11.83
C VAL B 141 -34.74 -10.26 11.78
N ASN B 142 -35.96 -10.26 11.24
CA ASN B 142 -36.65 -11.53 11.08
C ASN B 142 -36.23 -12.24 9.80
N SER B 143 -35.76 -11.49 8.81
CA SER B 143 -35.36 -12.10 7.55
C SER B 143 -34.04 -12.86 7.63
N PHE B 144 -33.25 -12.63 8.66
CA PHE B 144 -31.95 -13.28 8.79
C PHE B 144 -32.02 -14.58 9.55
N ASN B 145 -33.19 -15.20 9.66
CA ASN B 145 -33.28 -16.49 10.33
C ASN B 145 -32.47 -17.53 9.57
N GLY B 146 -31.43 -18.05 10.21
CA GLY B 146 -30.58 -19.07 9.65
C GLY B 146 -29.31 -18.55 9.01
N PHE B 147 -29.27 -17.29 8.60
CA PHE B 147 -28.09 -16.71 7.96
C PHE B 147 -27.15 -16.06 8.96
N THR B 148 -27.18 -16.48 10.21
CA THR B 148 -26.28 -15.94 11.21
C THR B 148 -24.82 -16.04 10.80
N THR B 149 -24.45 -17.09 10.05
CA THR B 149 -23.07 -17.24 9.60
C THR B 149 -22.59 -16.09 8.73
N ALA B 150 -23.49 -15.20 8.30
CA ALA B 150 -23.06 -14.02 7.59
C ALA B 150 -22.60 -12.90 8.52
N PHE B 151 -22.49 -13.19 9.82
CA PHE B 151 -22.07 -12.19 10.79
C PHE B 151 -20.73 -12.49 11.44
N THR B 152 -20.34 -13.76 11.55
CA THR B 152 -19.37 -14.20 12.54
C THR B 152 -18.16 -13.29 12.66
N GLY B 153 -17.76 -12.60 11.59
CA GLY B 153 -16.71 -11.62 11.74
C GLY B 153 -17.12 -10.42 12.55
N PHE B 154 -18.34 -9.94 12.34
CA PHE B 154 -18.84 -8.83 13.15
C PHE B 154 -18.85 -9.19 14.62
N PHE B 155 -19.47 -10.33 14.96
CA PHE B 155 -19.44 -10.80 16.35
C PHE B 155 -18.03 -10.99 16.86
N ASP B 156 -17.10 -11.42 16.01
CA ASP B 156 -15.70 -11.47 16.41
C ASP B 156 -15.23 -10.11 16.88
N ASN B 157 -15.42 -9.08 16.06
CA ASN B 157 -14.95 -7.76 16.44
C ASN B 157 -15.70 -7.22 17.65
N ARG B 158 -16.90 -7.72 17.94
CA ARG B 158 -17.64 -7.25 19.10
C ARG B 158 -17.33 -8.05 20.36
N GLU B 159 -16.34 -8.94 20.32
CA GLU B 159 -15.83 -9.50 21.58
C GLU B 159 -14.62 -8.71 22.06
N ASN B 160 -13.97 -7.98 21.16
CA ASN B 160 -12.89 -7.09 21.53
C ASN B 160 -13.40 -5.99 22.44
N MET B 161 -14.71 -5.76 22.40
CA MET B 161 -15.32 -4.66 23.14
C MET B 161 -15.63 -5.01 24.58
N PHE B 162 -15.82 -6.29 24.89
CA PHE B 162 -16.17 -6.71 26.24
C PHE B 162 -14.98 -7.23 27.02
N SER B 163 -13.83 -7.39 26.39
CA SER B 163 -12.62 -7.85 27.05
C SER B 163 -11.77 -6.64 27.45
N GLU B 164 -10.72 -6.91 28.22
CA GLU B 164 -9.92 -5.84 28.82
C GLU B 164 -8.47 -5.93 28.36
N GLU B 165 -8.26 -6.09 27.06
CA GLU B 165 -6.94 -6.39 26.52
C GLU B 165 -6.02 -5.17 26.54
N ALA B 166 -6.42 -4.12 27.24
CA ALA B 166 -5.67 -2.87 27.27
C ALA B 166 -5.53 -2.29 25.87
N LYS B 167 -6.67 -2.00 25.25
CA LYS B 167 -6.72 -1.50 23.89
C LYS B 167 -7.85 -0.48 23.77
N SER B 168 -7.69 0.41 22.79
CA SER B 168 -8.65 1.49 22.58
C SER B 168 -10.05 0.97 22.27
N THR B 169 -10.18 -0.27 21.84
CA THR B 169 -11.46 -0.84 21.44
C THR B 169 -12.07 -1.67 22.55
N SER B 170 -11.87 -1.27 23.80
CA SER B 170 -12.45 -1.98 24.93
C SER B 170 -13.24 -1.02 25.80
N ILE B 171 -14.14 -1.59 26.60
CA ILE B 171 -14.94 -0.79 27.53
C ILE B 171 -14.15 -0.49 28.80
N ALA B 172 -13.57 -1.52 29.41
CA ALA B 172 -12.81 -1.32 30.64
C ALA B 172 -11.69 -0.31 30.44
N PHE B 173 -10.92 -0.45 29.36
CA PHE B 173 -9.86 0.52 29.12
C PHE B 173 -10.40 1.92 28.93
N ARG B 174 -11.64 2.05 28.49
CA ARG B 174 -12.24 3.37 28.37
C ARG B 174 -12.60 3.93 29.73
N CYS B 175 -13.29 3.15 30.56
CA CYS B 175 -13.74 3.61 31.85
C CYS B 175 -12.72 3.40 32.95
N ILE B 176 -11.45 3.18 32.61
CA ILE B 176 -10.40 3.09 33.62
C ILE B 176 -9.26 4.03 33.30
N ASN B 177 -8.73 3.95 32.07
CA ASN B 177 -7.57 4.76 31.74
C ASN B 177 -7.94 6.14 31.25
N GLU B 178 -9.11 6.33 30.66
CA GLU B 178 -9.50 7.62 30.12
C GLU B 178 -10.66 8.25 30.85
N ASN B 179 -11.15 7.64 31.92
CA ASN B 179 -12.10 8.29 32.81
C ASN B 179 -11.51 8.54 34.19
N LEU B 180 -11.05 7.48 34.86
CA LEU B 180 -10.45 7.65 36.18
C LEU B 180 -9.29 8.64 36.15
N THR B 181 -8.47 8.59 35.10
CA THR B 181 -7.43 9.61 34.96
C THR B 181 -8.03 11.01 35.01
N ARG B 182 -8.93 11.32 34.06
CA ARG B 182 -9.55 12.63 34.04
C ARG B 182 -10.45 12.85 35.24
N TYR B 183 -11.03 11.80 35.81
CA TYR B 183 -11.87 11.98 36.98
C TYR B 183 -11.06 12.52 38.15
N ILE B 184 -9.95 11.86 38.50
CA ILE B 184 -9.15 12.33 39.63
C ILE B 184 -8.49 13.65 39.28
N SER B 185 -8.08 13.83 38.02
CA SER B 185 -7.48 15.10 37.64
C SER B 185 -8.43 16.26 37.87
N ASN B 186 -9.67 16.14 37.39
CA ASN B 186 -10.65 17.20 37.58
C ASN B 186 -11.04 17.33 39.04
N MET B 187 -11.05 16.22 39.79
CA MET B 187 -11.38 16.30 41.20
C MET B 187 -10.36 17.14 41.96
N ASP B 188 -9.07 16.94 41.66
CA ASP B 188 -8.05 17.77 42.32
C ASP B 188 -8.07 19.20 41.78
N ILE B 189 -8.36 19.36 40.49
CA ILE B 189 -8.45 20.70 39.92
C ILE B 189 -9.58 21.47 40.59
N PHE B 190 -10.60 20.76 41.07
CA PHE B 190 -11.66 21.40 41.84
C PHE B 190 -11.21 21.67 43.26
N GLU B 191 -10.64 20.66 43.92
CA GLU B 191 -10.09 20.83 45.26
C GLU B 191 -9.21 22.05 45.37
N LYS B 192 -8.52 22.41 44.28
CA LYS B 192 -7.78 23.66 44.27
C LYS B 192 -8.71 24.86 44.38
N VAL B 193 -9.78 24.88 43.60
CA VAL B 193 -10.56 26.11 43.45
C VAL B 193 -12.00 25.92 43.92
N ASP B 194 -12.19 25.10 44.95
CA ASP B 194 -13.54 24.80 45.42
C ASP B 194 -14.26 26.06 45.90
N ALA B 195 -13.58 26.87 46.71
CA ALA B 195 -14.20 28.03 47.34
C ALA B 195 -14.23 29.26 46.45
N ILE B 196 -14.08 29.08 45.14
CA ILE B 196 -14.16 30.22 44.23
C ILE B 196 -15.60 30.50 43.83
N PHE B 197 -16.30 29.48 43.34
CA PHE B 197 -17.69 29.64 42.96
C PHE B 197 -18.54 29.77 44.22
N ASP B 198 -19.02 30.98 44.49
CA ASP B 198 -19.88 31.16 45.64
C ASP B 198 -21.24 30.51 45.40
N LYS B 199 -21.99 30.35 46.49
CA LYS B 199 -23.19 29.51 46.46
C LYS B 199 -24.24 30.06 45.51
N HIS B 200 -24.68 31.29 45.73
CA HIS B 200 -25.91 31.81 45.14
C HIS B 200 -25.82 32.08 43.65
N GLU B 201 -24.72 31.74 42.98
CA GLU B 201 -24.60 31.99 41.56
C GLU B 201 -24.41 30.74 40.72
N VAL B 202 -23.85 29.66 41.29
CA VAL B 202 -23.71 28.42 40.53
C VAL B 202 -24.48 27.30 41.21
N GLN B 203 -24.43 27.26 42.54
CA GLN B 203 -24.97 26.10 43.24
C GLN B 203 -26.50 26.10 43.21
N GLU B 204 -27.12 27.23 43.53
CA GLU B 204 -28.57 27.30 43.57
C GLU B 204 -29.21 26.99 42.22
N ILE B 205 -28.49 27.21 41.12
CA ILE B 205 -29.02 26.89 39.81
C ILE B 205 -28.69 25.46 39.41
N LYS B 206 -27.42 25.05 39.51
CA LYS B 206 -27.05 23.69 39.16
C LYS B 206 -27.65 22.65 40.09
N GLU B 207 -28.32 23.07 41.15
CA GLU B 207 -29.11 22.11 41.92
C GLU B 207 -30.44 21.83 41.23
N LYS B 208 -31.20 22.88 40.92
CA LYS B 208 -32.58 22.71 40.49
C LYS B 208 -32.70 22.09 39.10
N ILE B 209 -31.76 22.36 38.19
CA ILE B 209 -31.92 21.98 36.81
C ILE B 209 -31.43 20.55 36.53
N LEU B 210 -30.33 20.12 37.14
CA LEU B 210 -29.75 18.83 36.76
C LEU B 210 -30.49 17.68 37.45
N ASN B 211 -30.39 17.61 38.76
CA ASN B 211 -30.96 16.47 39.46
C ASN B 211 -31.76 16.86 40.69
N SER B 212 -31.32 17.87 41.43
CA SER B 212 -31.93 18.28 42.70
C SER B 212 -31.89 17.16 43.75
N ASP B 213 -30.94 16.24 43.59
CA ASP B 213 -30.67 15.20 44.58
C ASP B 213 -29.23 14.76 44.38
N TYR B 214 -28.50 14.60 45.49
CA TYR B 214 -27.04 14.50 45.48
C TYR B 214 -26.45 15.50 44.49
N ASP B 215 -26.70 16.78 44.79
CA ASP B 215 -26.73 17.85 43.80
C ASP B 215 -25.41 18.14 43.09
N VAL B 216 -24.43 18.71 43.80
CA VAL B 216 -23.24 19.22 43.11
C VAL B 216 -21.96 18.72 43.76
N GLU B 217 -22.04 18.38 45.05
CA GLU B 217 -20.82 17.97 45.75
C GLU B 217 -20.60 16.47 45.63
N ASP B 218 -21.68 15.69 45.62
CA ASP B 218 -21.56 14.24 45.65
C ASP B 218 -20.91 13.71 44.38
N PHE B 219 -21.08 14.41 43.27
CA PHE B 219 -20.46 13.97 42.02
C PHE B 219 -18.95 14.17 42.05
N PHE B 220 -18.48 15.13 42.85
CA PHE B 220 -17.04 15.22 43.08
C PHE B 220 -16.64 14.44 44.33
N GLU B 221 -17.56 14.28 45.27
CA GLU B 221 -17.24 13.62 46.53
C GLU B 221 -17.11 12.11 46.35
N GLY B 222 -16.13 11.53 47.03
CA GLY B 222 -16.12 10.09 47.28
C GLY B 222 -16.06 9.26 46.02
N GLU B 223 -16.74 8.11 46.07
CA GLU B 223 -16.64 7.07 45.05
C GLU B 223 -17.80 7.12 44.07
N PHE B 224 -18.36 8.30 43.83
CA PHE B 224 -19.47 8.42 42.89
C PHE B 224 -19.06 8.13 41.46
N PHE B 225 -17.82 7.73 41.23
CA PHE B 225 -17.37 7.26 39.92
C PHE B 225 -18.15 6.02 39.50
N ASN B 226 -18.78 5.35 40.47
CA ASN B 226 -19.64 4.21 40.18
C ASN B 226 -20.99 4.69 39.65
N PHE B 227 -21.09 5.98 39.32
CA PHE B 227 -22.29 6.56 38.73
C PHE B 227 -22.03 7.21 37.39
N VAL B 228 -20.76 7.46 37.05
CA VAL B 228 -20.42 8.18 35.84
C VAL B 228 -19.88 7.19 34.83
N LEU B 229 -20.35 5.93 34.92
CA LEU B 229 -19.98 4.90 33.97
C LEU B 229 -21.02 4.70 32.88
N THR B 230 -22.28 5.04 33.13
CA THR B 230 -23.31 4.96 32.10
C THR B 230 -23.14 6.12 31.14
N GLN B 231 -24.08 6.27 30.20
CA GLN B 231 -24.04 7.45 29.33
C GLN B 231 -24.76 8.63 29.97
N GLU B 232 -25.89 8.38 30.64
CA GLU B 232 -26.51 9.44 31.42
C GLU B 232 -25.59 9.93 32.53
N GLY B 233 -24.73 9.06 33.06
CA GLY B 233 -23.77 9.50 34.05
C GLY B 233 -22.80 10.52 33.51
N ILE B 234 -22.13 10.20 32.41
CA ILE B 234 -21.16 11.13 31.85
C ILE B 234 -21.87 12.35 31.30
N ASP B 235 -23.12 12.20 30.88
CA ASP B 235 -23.89 13.37 30.45
C ASP B 235 -24.14 14.31 31.61
N VAL B 236 -24.53 13.79 32.77
CA VAL B 236 -24.71 14.65 33.93
C VAL B 236 -23.39 15.21 34.42
N TYR B 237 -22.27 14.51 34.20
CA TYR B 237 -20.99 15.07 34.59
C TYR B 237 -20.62 16.25 33.72
N ASN B 238 -20.73 16.10 32.40
CA ASN B 238 -20.54 17.25 31.52
C ASN B 238 -21.62 18.30 31.72
N ALA B 239 -22.75 17.96 32.32
CA ALA B 239 -23.74 18.96 32.70
C ALA B 239 -23.30 19.74 33.92
N ILE B 240 -22.59 19.08 34.83
CA ILE B 240 -21.90 19.80 35.90
C ILE B 240 -20.87 20.75 35.31
N ILE B 241 -20.09 20.28 34.34
CA ILE B 241 -19.01 21.12 33.82
C ILE B 241 -19.52 21.99 32.68
N GLY B 242 -19.99 21.40 31.60
CA GLY B 242 -20.31 22.15 30.41
C GLY B 242 -21.65 22.85 30.44
N GLY B 243 -22.59 22.31 31.20
CA GLY B 243 -23.86 22.96 31.39
C GLY B 243 -25.00 22.19 30.73
N PHE B 244 -26.21 22.70 30.94
CA PHE B 244 -27.42 22.09 30.43
C PHE B 244 -28.00 22.93 29.30
N VAL B 245 -29.16 22.48 28.81
CA VAL B 245 -29.90 23.24 27.79
C VAL B 245 -31.21 23.78 28.33
N THR B 246 -31.68 23.27 29.47
CA THR B 246 -33.04 23.49 30.00
C THR B 246 -34.08 23.52 28.89
N GLU B 247 -33.96 22.54 27.98
CA GLU B 247 -34.93 22.21 26.92
C GLU B 247 -35.45 23.44 26.18
N SER B 248 -34.72 24.55 26.21
CA SER B 248 -35.12 25.76 25.50
C SER B 248 -33.86 26.55 25.16
N GLY B 249 -34.02 27.82 24.81
CA GLY B 249 -32.89 28.65 24.47
C GLY B 249 -32.30 29.46 25.62
N GLU B 250 -32.09 28.82 26.78
CA GLU B 250 -31.51 29.54 27.92
C GLU B 250 -29.99 29.38 27.97
N LYS B 251 -29.52 28.12 28.04
CA LYS B 251 -28.09 27.81 28.06
C LYS B 251 -27.38 28.49 29.24
N ILE B 252 -27.75 28.02 30.44
CA ILE B 252 -27.07 28.45 31.64
C ILE B 252 -25.56 28.15 31.53
N LYS B 253 -24.78 28.98 32.22
CA LYS B 253 -23.33 28.96 32.09
C LYS B 253 -22.73 27.88 32.98
N GLY B 254 -21.73 27.17 32.44
CA GLY B 254 -21.15 26.03 33.12
C GLY B 254 -19.86 26.36 33.85
N LEU B 255 -19.38 25.37 34.61
CA LEU B 255 -18.20 25.56 35.45
C LEU B 255 -17.01 26.07 34.66
N ASN B 256 -16.77 25.49 33.48
CA ASN B 256 -15.66 25.95 32.65
C ASN B 256 -15.89 27.39 32.20
N GLU B 257 -17.13 27.73 31.84
CA GLU B 257 -17.42 29.11 31.49
C GLU B 257 -17.30 30.03 32.70
N TYR B 258 -17.60 29.51 33.90
CA TYR B 258 -17.43 30.34 35.09
C TYR B 258 -15.96 30.61 35.37
N ILE B 259 -15.10 29.60 35.23
CA ILE B 259 -13.67 29.87 35.34
C ILE B 259 -13.22 30.81 34.23
N ASN B 260 -13.82 30.71 33.05
CA ASN B 260 -13.45 31.61 31.96
C ASN B 260 -13.76 33.06 32.32
N LEU B 261 -15.00 33.34 32.75
CA LEU B 261 -15.39 34.69 33.10
C LEU B 261 -14.78 35.16 34.42
N TYR B 262 -14.27 34.25 35.25
CA TYR B 262 -13.55 34.62 36.45
C TYR B 262 -12.17 35.20 36.11
N ASN B 263 -11.92 35.50 34.85
CA ASN B 263 -10.80 36.31 34.43
C ASN B 263 -11.02 37.79 34.73
N GLN B 264 -12.05 38.12 35.51
CA GLN B 264 -12.17 39.47 36.05
C GLN B 264 -10.90 39.88 36.78
N LYS B 265 -10.25 38.94 37.44
CA LYS B 265 -8.98 39.21 38.10
C LYS B 265 -7.87 39.55 37.11
N THR B 266 -8.03 39.18 35.84
CA THR B 266 -7.10 39.49 34.75
C THR B 266 -5.70 38.92 35.02
N LYS B 267 -5.56 38.11 36.05
CA LYS B 267 -4.35 37.35 36.32
C LYS B 267 -4.70 35.91 36.67
N GLN B 268 -5.83 35.45 36.13
CA GLN B 268 -6.43 34.17 36.48
C GLN B 268 -5.54 32.99 36.13
N LYS B 269 -5.32 32.77 34.82
CA LYS B 269 -4.57 31.60 34.33
C LYS B 269 -5.01 30.32 35.04
N LEU B 270 -6.30 30.21 35.32
CA LEU B 270 -6.62 29.12 36.22
C LEU B 270 -6.86 27.82 35.46
N PRO B 271 -6.46 26.71 36.05
CA PRO B 271 -6.59 25.41 35.38
C PRO B 271 -8.04 25.01 35.15
N LYS B 272 -8.43 24.92 33.88
CA LYS B 272 -9.80 24.59 33.50
C LYS B 272 -10.01 23.08 33.52
N PHE B 273 -11.27 22.70 33.69
CA PHE B 273 -11.63 21.30 33.84
C PHE B 273 -11.44 20.55 32.52
N LYS B 274 -11.79 19.27 32.53
CA LYS B 274 -11.75 18.44 31.35
C LYS B 274 -12.95 17.51 31.35
N PRO B 275 -13.55 17.24 30.20
CA PRO B 275 -14.72 16.37 30.13
C PRO B 275 -14.33 14.90 30.31
N LEU B 276 -15.33 14.05 30.15
CA LEU B 276 -15.11 12.62 30.10
C LEU B 276 -15.33 12.09 28.69
N TYR B 277 -14.56 11.09 28.32
CA TYR B 277 -14.74 10.44 27.03
C TYR B 277 -15.87 9.43 27.10
N LYS B 278 -16.43 9.10 25.94
CA LYS B 278 -17.55 8.18 25.86
C LYS B 278 -17.38 7.29 24.63
N GLN B 279 -17.71 6.01 24.78
CA GLN B 279 -17.65 5.08 23.66
C GLN B 279 -18.99 5.07 22.91
N VAL B 280 -18.90 4.92 21.60
CA VAL B 280 -20.03 4.95 20.66
C VAL B 280 -21.23 5.74 21.15
N GLU B 292 -17.62 13.40 5.35
CA GLU B 292 -16.62 12.65 4.60
C GLU B 292 -17.00 12.55 3.12
N GLY B 293 -18.12 11.90 2.84
CA GLY B 293 -18.60 11.80 1.48
C GLY B 293 -18.52 10.40 0.91
N TYR B 294 -17.59 10.21 0.00
CA TYR B 294 -17.41 8.97 -0.77
C TYR B 294 -18.72 8.45 -1.34
N THR B 295 -19.72 9.32 -1.52
CA THR B 295 -20.95 8.93 -2.21
C THR B 295 -21.20 9.76 -3.47
N SER B 296 -21.18 11.09 -3.36
CA SER B 296 -21.51 11.95 -4.49
C SER B 296 -20.75 13.25 -4.38
N ASP B 297 -20.37 13.79 -5.54
CA ASP B 297 -19.54 14.99 -5.58
C ASP B 297 -20.15 16.12 -4.76
N GLU B 298 -21.46 16.36 -4.92
CA GLU B 298 -22.08 17.42 -4.14
C GLU B 298 -21.95 17.16 -2.64
N GLU B 299 -22.01 15.89 -2.23
CA GLU B 299 -21.86 15.58 -0.81
C GLU B 299 -20.45 15.90 -0.32
N VAL B 300 -19.43 15.53 -1.10
CA VAL B 300 -18.07 15.81 -0.66
C VAL B 300 -17.83 17.30 -0.57
N LEU B 301 -18.34 18.06 -1.54
CA LEU B 301 -18.16 19.51 -1.46
C LEU B 301 -18.90 20.09 -0.27
N GLU B 302 -20.10 19.57 0.03
CA GLU B 302 -20.82 20.08 1.18
C GLU B 302 -20.11 19.74 2.49
N VAL B 303 -19.51 18.56 2.59
CA VAL B 303 -18.80 18.20 3.81
C VAL B 303 -17.55 19.03 3.97
N PHE B 304 -16.84 19.29 2.87
CA PHE B 304 -15.69 20.17 2.95
C PHE B 304 -16.09 21.55 3.45
N ARG B 305 -17.14 22.13 2.86
CA ARG B 305 -17.55 23.46 3.29
C ARG B 305 -18.04 23.46 4.74
N ASN B 306 -18.74 22.42 5.17
CA ASN B 306 -19.27 22.37 6.53
C ASN B 306 -18.21 22.04 7.58
N THR B 307 -17.07 21.50 7.18
CA THR B 307 -16.05 21.13 8.15
C THR B 307 -14.82 22.02 8.12
N LEU B 308 -14.69 22.94 7.16
CA LEU B 308 -13.53 23.82 7.18
C LEU B 308 -13.82 25.28 6.92
N ASN B 309 -15.07 25.69 6.73
CA ASN B 309 -15.32 27.10 6.49
C ASN B 309 -15.08 27.90 7.77
N LYS B 310 -15.04 29.21 7.63
CA LYS B 310 -14.62 30.07 8.73
C LYS B 310 -15.61 30.11 9.87
N ASN B 311 -16.68 29.33 9.82
CA ASN B 311 -17.57 29.19 10.96
C ASN B 311 -17.39 27.85 11.66
N SER B 312 -16.90 26.83 10.96
CA SER B 312 -16.81 25.51 11.56
C SER B 312 -15.74 25.48 12.64
N GLU B 313 -15.81 24.44 13.47
CA GLU B 313 -14.99 24.35 14.66
C GLU B 313 -13.50 24.29 14.36
N ILE B 314 -13.10 23.80 13.20
CA ILE B 314 -11.67 23.67 12.92
C ILE B 314 -11.03 25.03 12.76
N PHE B 315 -11.72 25.96 12.11
CA PHE B 315 -11.14 27.30 12.00
C PHE B 315 -11.16 28.02 13.33
N SER B 316 -12.19 27.80 14.14
CA SER B 316 -12.18 28.37 15.48
C SER B 316 -11.00 27.84 16.28
N SER B 317 -10.68 26.55 16.13
CA SER B 317 -9.55 26.00 16.86
C SER B 317 -8.24 26.55 16.33
N ILE B 318 -8.14 26.81 15.03
CA ILE B 318 -6.93 27.46 14.52
C ILE B 318 -6.79 28.84 15.11
N LYS B 319 -7.90 29.57 15.25
CA LYS B 319 -7.85 30.88 15.88
C LYS B 319 -7.42 30.78 17.34
N LYS B 320 -7.97 29.81 18.07
CA LYS B 320 -7.62 29.66 19.47
C LYS B 320 -6.16 29.28 19.64
N LEU B 321 -5.62 28.47 18.73
CA LEU B 321 -4.21 28.14 18.82
C LEU B 321 -3.34 29.33 18.45
N GLU B 322 -3.75 30.13 17.46
CA GLU B 322 -3.01 31.35 17.16
C GLU B 322 -2.96 32.25 18.39
N LYS B 323 -4.09 32.42 19.07
CA LYS B 323 -4.10 33.24 20.28
C LYS B 323 -3.21 32.64 21.36
N LEU B 324 -3.44 31.36 21.69
CA LEU B 324 -2.70 30.70 22.75
C LEU B 324 -1.20 30.73 22.53
N PHE B 325 -0.75 30.65 21.28
CA PHE B 325 0.68 30.75 21.01
C PHE B 325 1.13 32.18 20.78
N LYS B 326 0.22 33.14 20.70
CA LYS B 326 0.62 34.54 20.72
C LYS B 326 0.98 34.98 22.13
N ASN B 327 0.42 34.33 23.14
CA ASN B 327 0.74 34.59 24.54
C ASN B 327 1.72 33.59 25.11
N PHE B 328 2.70 33.15 24.32
CA PHE B 328 3.64 32.15 24.79
C PHE B 328 4.55 32.66 25.90
N ASP B 329 4.51 33.95 26.21
CA ASP B 329 5.37 34.50 27.25
C ASP B 329 4.77 34.31 28.64
N GLU B 330 3.45 34.45 28.77
CA GLU B 330 2.79 34.47 30.07
C GLU B 330 2.47 33.07 30.59
N TYR B 331 3.17 32.04 30.11
CA TYR B 331 2.99 30.70 30.62
C TYR B 331 4.29 30.22 31.27
N SER B 332 4.20 29.10 31.96
CA SER B 332 5.33 28.57 32.72
C SER B 332 6.30 27.91 31.76
N SER B 333 7.42 28.59 31.48
CA SER B 333 8.39 28.10 30.51
C SER B 333 9.12 26.85 30.98
N ALA B 334 8.77 26.30 32.13
CA ALA B 334 9.27 25.01 32.57
C ALA B 334 8.15 23.97 32.65
N GLY B 335 7.03 24.22 31.99
CA GLY B 335 5.91 23.31 32.06
C GLY B 335 5.37 22.92 30.69
N ILE B 336 5.90 23.51 29.63
CA ILE B 336 5.52 23.17 28.27
C ILE B 336 6.56 22.25 27.68
N PHE B 337 6.14 21.06 27.26
CA PHE B 337 7.06 19.97 26.97
C PHE B 337 6.95 19.56 25.51
N VAL B 338 8.00 19.80 24.75
CA VAL B 338 8.10 19.24 23.42
C VAL B 338 8.41 17.76 23.55
N LYS B 339 7.95 16.97 22.60
CA LYS B 339 8.09 15.52 22.68
C LYS B 339 9.35 15.08 21.95
N ASN B 340 10.15 14.28 22.62
CA ASN B 340 11.37 13.77 21.99
C ASN B 340 11.01 12.72 20.95
N GLY B 341 11.77 12.70 19.87
CA GLY B 341 11.51 11.80 18.77
C GLY B 341 11.83 12.47 17.46
N PRO B 342 11.02 12.21 16.43
CA PRO B 342 11.25 12.85 15.14
C PRO B 342 11.14 14.36 15.19
N ALA B 343 10.30 14.90 16.06
CA ALA B 343 10.05 16.34 16.05
C ALA B 343 11.23 17.16 16.52
N ILE B 344 12.14 16.59 17.30
CA ILE B 344 13.30 17.37 17.73
C ILE B 344 14.22 17.62 16.56
N SER B 345 14.32 16.67 15.63
CA SER B 345 15.17 16.83 14.47
C SER B 345 14.84 18.09 13.69
N THR B 346 13.55 18.44 13.60
CA THR B 346 13.12 19.63 12.89
C THR B 346 13.01 20.84 13.79
N ILE B 347 12.71 20.64 15.07
CA ILE B 347 12.66 21.76 16.00
C ILE B 347 14.04 22.36 16.16
N SER B 348 15.09 21.55 16.07
CA SER B 348 16.45 22.11 16.11
C SER B 348 16.80 22.87 14.85
N LYS B 349 16.14 22.58 13.73
CA LYS B 349 16.39 23.34 12.52
C LYS B 349 15.62 24.65 12.52
N ASP B 350 14.42 24.64 13.08
CA ASP B 350 13.65 25.87 13.16
C ASP B 350 14.20 26.82 14.22
N ILE B 351 14.45 26.30 15.42
CA ILE B 351 14.80 27.15 16.54
C ILE B 351 16.26 27.61 16.45
N PHE B 352 17.19 26.67 16.36
CA PHE B 352 18.61 27.00 16.45
C PHE B 352 19.18 27.39 15.10
N GLY B 353 19.12 26.48 14.13
CA GLY B 353 19.64 26.79 12.82
C GLY B 353 20.39 25.65 12.14
N GLU B 354 20.55 24.53 12.84
CA GLU B 354 21.19 23.36 12.26
C GLU B 354 20.29 22.15 12.45
N TRP B 355 20.61 21.07 11.74
CA TRP B 355 19.76 19.89 11.78
C TRP B 355 19.96 19.10 13.07
N ASN B 356 21.13 19.16 13.66
CA ASN B 356 21.49 18.31 14.79
C ASN B 356 22.16 19.11 15.89
N VAL B 357 21.55 20.23 16.27
CA VAL B 357 22.10 21.00 17.40
C VAL B 357 21.68 20.40 18.73
N ILE B 358 20.39 20.13 18.92
CA ILE B 358 19.92 19.65 20.21
C ILE B 358 20.57 18.32 20.56
N ARG B 359 20.56 17.37 19.63
CA ARG B 359 21.19 16.08 19.88
C ARG B 359 22.66 16.22 20.23
N ASP B 360 23.35 17.17 19.61
CA ASP B 360 24.78 17.30 19.88
C ASP B 360 25.03 17.97 21.23
N LYS B 361 24.24 18.97 21.59
CA LYS B 361 24.37 19.56 22.92
C LYS B 361 24.09 18.53 24.00
N TRP B 362 23.03 17.75 23.82
CA TRP B 362 22.70 16.70 24.79
C TRP B 362 23.78 15.64 24.84
N ASN B 363 24.39 15.31 23.69
CA ASN B 363 25.48 14.34 23.71
C ASN B 363 26.70 14.88 24.43
N ALA B 364 27.02 16.16 24.24
CA ALA B 364 28.14 16.75 24.97
C ALA B 364 27.89 16.75 26.47
N GLU B 365 26.67 17.08 26.88
CA GLU B 365 26.35 17.05 28.30
C GLU B 365 26.46 15.64 28.86
N TYR B 366 25.82 14.66 28.21
CA TYR B 366 25.92 13.27 28.64
C TYR B 366 27.37 12.81 28.67
N ASP B 367 28.21 13.34 27.79
CA ASP B 367 29.63 13.08 27.85
C ASP B 367 30.21 13.59 29.17
N ASP B 368 29.93 14.86 29.48
CA ASP B 368 30.45 15.45 30.71
C ASP B 368 29.82 14.84 31.96
N ILE B 369 28.82 13.97 31.84
CA ILE B 369 28.27 13.31 33.02
C ILE B 369 28.72 11.86 33.11
N HIS B 370 28.34 11.05 32.11
CA HIS B 370 28.56 9.61 32.20
C HIS B 370 29.92 9.18 31.66
N LEU B 371 30.37 9.76 30.56
CA LEU B 371 31.65 9.39 30.01
C LEU B 371 32.76 9.92 30.91
N LYS B 372 33.88 9.19 30.93
CA LYS B 372 35.09 9.66 31.58
C LYS B 372 35.79 10.64 30.63
N LYS B 373 37.03 11.01 30.93
CA LYS B 373 37.81 11.88 30.06
C LYS B 373 38.77 11.09 29.16
N LYS B 374 38.33 9.91 28.70
CA LYS B 374 39.11 9.13 27.75
C LYS B 374 39.36 9.93 26.48
N ALA B 375 40.52 9.68 25.86
CA ALA B 375 40.96 10.44 24.70
C ALA B 375 40.09 10.21 23.47
N VAL B 376 39.17 9.26 23.51
CA VAL B 376 38.28 8.97 22.38
C VAL B 376 37.08 8.19 22.90
N VAL B 377 35.98 8.27 22.15
CA VAL B 377 34.79 7.51 22.53
C VAL B 377 34.96 6.05 22.15
N THR B 378 34.13 5.20 22.72
CA THR B 378 34.09 3.78 22.38
C THR B 378 32.77 3.47 21.69
N GLU B 379 32.83 2.66 20.64
CA GLU B 379 31.65 2.38 19.82
C GLU B 379 30.46 1.98 20.68
N LYS B 380 30.66 1.04 21.62
CA LYS B 380 29.55 0.61 22.46
C LYS B 380 29.10 1.72 23.41
N TYR B 381 30.03 2.56 23.85
CA TYR B 381 29.63 3.71 24.66
C TYR B 381 28.76 4.68 23.87
N GLU B 382 29.16 4.98 22.63
CA GLU B 382 28.36 5.89 21.82
C GLU B 382 27.00 5.29 21.51
N ASP B 383 26.94 3.98 21.30
CA ASP B 383 25.65 3.33 21.13
C ASP B 383 24.79 3.45 22.39
N ASP B 384 25.40 3.28 23.56
CA ASP B 384 24.61 3.41 24.79
C ASP B 384 24.15 4.83 25.00
N ARG B 385 24.96 5.82 24.61
CA ARG B 385 24.53 7.20 24.69
C ARG B 385 23.32 7.44 23.79
N ARG B 386 23.39 6.96 22.54
CA ARG B 386 22.24 7.07 21.65
C ARG B 386 21.01 6.40 22.25
N LYS B 387 21.19 5.25 22.90
CA LYS B 387 20.06 4.58 23.53
C LYS B 387 19.47 5.41 24.65
N SER B 388 20.32 5.96 25.52
CA SER B 388 19.83 6.78 26.62
C SER B 388 19.11 8.01 26.10
N PHE B 389 19.58 8.61 25.02
CA PHE B 389 18.84 9.69 24.41
C PHE B 389 17.46 9.23 23.95
N LYS B 390 17.42 8.11 23.23
CA LYS B 390 16.13 7.62 22.73
C LYS B 390 15.16 7.33 23.85
N LYS B 391 15.65 6.94 25.03
CA LYS B 391 14.75 6.67 26.15
C LYS B 391 14.14 7.94 26.73
N ILE B 392 14.82 9.08 26.60
CA ILE B 392 14.30 10.33 27.14
C ILE B 392 12.91 10.58 26.57
N GLY B 393 11.98 10.97 27.44
CA GLY B 393 10.61 11.14 27.02
C GLY B 393 10.33 12.47 26.36
N SER B 394 10.67 13.57 27.03
CA SER B 394 10.29 14.88 26.56
C SER B 394 11.33 15.91 26.99
N PHE B 395 11.17 17.12 26.49
CA PHE B 395 12.06 18.22 26.81
C PHE B 395 11.24 19.42 27.25
N SER B 396 11.64 20.04 28.35
CA SER B 396 11.00 21.29 28.70
C SER B 396 11.49 22.40 27.79
N LEU B 397 10.74 23.49 27.74
CA LEU B 397 11.26 24.69 27.09
C LEU B 397 12.44 25.26 27.85
N GLU B 398 12.54 24.98 29.15
CA GLU B 398 13.67 25.48 29.92
C GLU B 398 14.97 24.82 29.49
N GLN B 399 14.99 23.49 29.42
CA GLN B 399 16.17 22.80 28.92
C GLN B 399 16.54 23.30 27.52
N LEU B 400 15.57 23.33 26.60
CA LEU B 400 15.86 23.84 25.27
C LEU B 400 16.32 25.27 25.29
N GLN B 401 16.03 26.02 26.35
CA GLN B 401 16.64 27.33 26.51
C GLN B 401 18.10 27.20 26.93
N GLU B 402 18.40 26.20 27.76
CA GLU B 402 19.76 25.99 28.23
C GLU B 402 20.70 25.56 27.10
N TYR B 403 20.19 24.82 26.11
CA TYR B 403 21.05 24.33 25.04
C TYR B 403 21.47 25.42 24.07
N ALA B 404 20.87 26.60 24.13
CA ALA B 404 21.24 27.70 23.26
C ALA B 404 22.12 28.69 23.99
N ASP B 405 22.74 29.57 23.22
CA ASP B 405 23.55 30.65 23.78
C ASP B 405 22.62 31.77 24.25
N ALA B 406 23.19 32.91 24.63
CA ALA B 406 22.37 34.04 25.03
C ALA B 406 21.92 34.83 23.80
N ASP B 407 21.09 35.84 24.05
CA ASP B 407 20.56 36.72 23.01
C ASP B 407 19.79 35.93 21.95
N LEU B 408 19.21 34.80 22.36
CA LEU B 408 18.34 34.02 21.49
C LEU B 408 17.42 33.22 22.39
N SER B 409 16.18 33.68 22.53
CA SER B 409 15.19 32.93 23.29
C SER B 409 14.81 31.67 22.53
N VAL B 410 14.05 30.80 23.20
CA VAL B 410 13.47 29.63 22.58
C VAL B 410 11.96 29.74 22.52
N VAL B 411 11.35 30.31 23.55
CA VAL B 411 9.91 30.53 23.51
C VAL B 411 9.55 31.57 22.45
N GLU B 412 10.37 32.61 22.30
CA GLU B 412 10.07 33.64 21.31
C GLU B 412 10.23 33.11 19.90
N LYS B 413 11.26 32.29 19.65
CA LYS B 413 11.44 31.71 18.32
C LYS B 413 10.29 30.77 17.97
N LEU B 414 9.83 29.97 18.92
CA LEU B 414 8.69 29.11 18.65
C LEU B 414 7.44 29.92 18.38
N LYS B 415 7.24 31.00 19.15
CA LYS B 415 6.11 31.88 18.88
C LYS B 415 6.16 32.44 17.46
N GLU B 416 7.35 32.86 17.03
CA GLU B 416 7.51 33.34 15.66
C GLU B 416 7.16 32.26 14.64
N ILE B 417 7.65 31.03 14.87
CA ILE B 417 7.44 29.96 13.90
C ILE B 417 5.96 29.63 13.78
N ILE B 418 5.27 29.48 14.92
CA ILE B 418 3.86 29.14 14.89
C ILE B 418 3.05 30.26 14.27
N ILE B 419 3.39 31.52 14.57
CA ILE B 419 2.67 32.60 13.91
C ILE B 419 2.89 32.56 12.41
N GLN B 420 4.09 32.21 11.98
CA GLN B 420 4.35 32.10 10.54
C GLN B 420 3.47 31.03 9.91
N LYS B 421 3.37 29.86 10.54
CA LYS B 421 2.54 28.81 9.98
C LYS B 421 1.06 29.22 9.94
N VAL B 422 0.61 29.96 10.95
CA VAL B 422 -0.80 30.34 10.96
C VAL B 422 -1.06 31.40 9.88
N ASP B 423 -0.11 32.29 9.64
CA ASP B 423 -0.28 33.21 8.52
C ASP B 423 -0.27 32.47 7.20
N GLU B 424 0.49 31.38 7.10
CA GLU B 424 0.41 30.52 5.91
C GLU B 424 -1.01 30.01 5.72
N ILE B 425 -1.61 29.47 6.79
CA ILE B 425 -2.98 28.95 6.69
C ILE B 425 -3.95 30.05 6.28
N TYR B 426 -3.78 31.26 6.82
CA TYR B 426 -4.69 32.34 6.48
C TYR B 426 -4.54 32.74 5.02
N LYS B 427 -3.30 32.82 4.52
CA LYS B 427 -3.11 33.14 3.11
C LYS B 427 -3.77 32.09 2.23
N VAL B 428 -3.64 30.82 2.57
CA VAL B 428 -4.29 29.78 1.77
C VAL B 428 -5.80 29.94 1.83
N TYR B 429 -6.37 30.16 3.02
CA TYR B 429 -7.81 30.39 3.13
C TYR B 429 -8.24 31.59 2.30
N GLY B 430 -7.36 32.57 2.13
CA GLY B 430 -7.69 33.69 1.27
C GLY B 430 -7.68 33.31 -0.20
N SER B 431 -6.72 32.48 -0.60
CA SER B 431 -6.69 32.00 -1.97
C SER B 431 -7.73 30.93 -2.25
N SER B 432 -8.66 30.70 -1.33
CA SER B 432 -9.67 29.66 -1.48
C SER B 432 -11.07 30.15 -1.17
N GLU B 433 -11.29 31.47 -1.14
CA GLU B 433 -12.60 32.00 -0.81
C GLU B 433 -13.64 31.66 -1.86
N LYS B 434 -13.22 31.42 -3.10
CA LYS B 434 -14.17 31.11 -4.16
C LYS B 434 -14.93 29.83 -3.85
N LEU B 435 -14.31 28.90 -3.15
CA LEU B 435 -14.91 27.60 -2.91
C LEU B 435 -15.85 27.58 -1.71
N PHE B 436 -15.69 28.52 -0.79
CA PHE B 436 -16.49 28.53 0.43
C PHE B 436 -17.78 29.29 0.30
N ASP B 437 -18.03 29.92 -0.84
CA ASP B 437 -19.31 30.59 -1.03
C ASP B 437 -20.43 29.57 -1.10
N ALA B 438 -21.56 29.93 -0.51
CA ALA B 438 -22.70 29.01 -0.48
C ALA B 438 -23.33 28.83 -1.86
N ASP B 439 -23.04 29.72 -2.80
CA ASP B 439 -23.65 29.70 -4.13
C ASP B 439 -22.66 29.26 -5.20
N PHE B 440 -21.78 28.33 -4.84
CA PHE B 440 -20.79 27.79 -5.79
C PHE B 440 -21.40 26.64 -6.57
N VAL B 441 -20.87 26.42 -7.77
CA VAL B 441 -21.31 25.33 -8.63
C VAL B 441 -20.11 24.84 -9.42
N LEU B 442 -20.20 23.62 -9.93
CA LEU B 442 -19.08 22.96 -10.57
C LEU B 442 -19.33 22.81 -12.07
N GLU B 443 -18.25 22.94 -12.84
CA GLU B 443 -18.32 22.70 -14.27
C GLU B 443 -17.92 21.29 -14.67
N LYS B 444 -17.32 20.52 -13.76
CA LYS B 444 -16.91 19.16 -14.05
C LYS B 444 -17.17 18.30 -12.82
N SER B 445 -16.98 16.99 -12.99
CA SER B 445 -17.00 16.09 -11.86
C SER B 445 -15.74 16.26 -11.03
N LEU B 446 -15.87 16.12 -9.72
CA LEU B 446 -14.75 16.37 -8.82
C LEU B 446 -13.55 15.49 -9.12
N LYS B 447 -13.77 14.28 -9.60
CA LYS B 447 -12.64 13.40 -9.88
C LYS B 447 -11.82 13.90 -11.07
N LYS B 448 -12.47 14.53 -12.05
CA LYS B 448 -11.76 15.13 -13.17
C LYS B 448 -11.48 16.60 -12.98
N ASN B 449 -12.22 17.28 -12.09
CA ASN B 449 -11.95 18.68 -11.81
C ASN B 449 -10.67 18.78 -10.99
N ASP B 450 -9.84 19.75 -11.32
CA ASP B 450 -8.57 19.92 -10.63
C ASP B 450 -8.39 21.28 -9.99
N ALA B 451 -8.83 22.36 -10.64
CA ALA B 451 -8.85 23.65 -9.98
C ALA B 451 -9.78 23.68 -8.77
N VAL B 452 -10.51 22.60 -8.52
CA VAL B 452 -11.30 22.44 -7.31
C VAL B 452 -10.64 21.48 -6.34
N VAL B 453 -9.94 20.47 -6.85
CA VAL B 453 -9.23 19.58 -5.95
C VAL B 453 -7.89 20.17 -5.55
N ALA B 454 -7.25 20.93 -6.44
CA ALA B 454 -6.01 21.60 -6.05
C ALA B 454 -6.24 22.53 -4.88
N ILE B 455 -7.42 23.15 -4.80
CA ILE B 455 -7.70 24.05 -3.69
C ILE B 455 -7.96 23.26 -2.41
N MET B 456 -8.73 22.18 -2.49
CA MET B 456 -8.92 21.32 -1.33
C MET B 456 -7.58 20.82 -0.81
N LYS B 457 -6.68 20.45 -1.70
CA LYS B 457 -5.40 19.92 -1.25
C LYS B 457 -4.53 21.02 -0.67
N ASP B 458 -4.51 22.20 -1.29
CA ASP B 458 -3.71 23.28 -0.76
C ASP B 458 -4.23 23.78 0.58
N LEU B 459 -5.50 23.52 0.88
CA LEU B 459 -6.01 23.92 2.19
C LEU B 459 -5.78 22.83 3.24
N LEU B 460 -6.06 21.59 2.88
CA LEU B 460 -5.88 20.49 3.82
C LEU B 460 -4.42 20.24 4.12
N ASP B 461 -3.53 20.42 3.15
CA ASP B 461 -2.12 20.29 3.47
C ASP B 461 -1.66 21.37 4.43
N SER B 462 -2.17 22.58 4.29
CA SER B 462 -1.81 23.63 5.24
C SER B 462 -2.28 23.30 6.64
N VAL B 463 -3.58 23.00 6.78
CA VAL B 463 -4.09 22.70 8.12
C VAL B 463 -3.40 21.48 8.70
N LYS B 464 -3.13 20.47 7.88
CA LYS B 464 -2.57 19.24 8.40
C LYS B 464 -1.09 19.37 8.73
N SER B 465 -0.34 20.16 7.97
CA SER B 465 1.04 20.41 8.34
C SER B 465 1.16 21.48 9.41
N PHE B 466 0.05 22.09 9.82
CA PHE B 466 0.05 22.80 11.08
C PHE B 466 -0.22 21.86 12.23
N GLU B 467 -1.21 20.98 12.07
CA GLU B 467 -1.56 20.04 13.13
C GLU B 467 -0.44 19.05 13.41
N ASN B 468 0.40 18.77 12.41
CA ASN B 468 1.50 17.84 12.65
C ASN B 468 2.72 18.52 13.24
N TYR B 469 2.78 19.84 13.19
CA TYR B 469 3.86 20.55 13.85
C TYR B 469 3.48 21.01 15.24
N ILE B 470 2.18 21.07 15.53
CA ILE B 470 1.74 21.41 16.86
C ILE B 470 1.82 20.19 17.78
N LYS B 471 1.47 19.01 17.28
CA LYS B 471 1.41 17.81 18.11
C LYS B 471 2.67 17.57 18.92
N ALA B 472 3.81 18.11 18.48
CA ALA B 472 5.04 17.93 19.22
C ALA B 472 4.99 18.54 20.62
N PHE B 473 4.02 19.39 20.92
CA PHE B 473 3.91 20.03 22.23
C PHE B 473 3.06 19.23 23.18
N PHE B 474 3.29 17.94 23.29
CA PHE B 474 2.54 17.08 24.19
C PHE B 474 3.44 16.35 25.17
N GLY B 475 4.52 15.74 24.69
CA GLY B 475 5.46 15.07 25.57
C GLY B 475 4.90 13.90 26.33
N GLU B 476 3.83 13.28 25.82
CA GLU B 476 3.34 11.99 26.29
C GLU B 476 2.86 12.05 27.75
N LYS B 478 1.32 12.35 31.43
CA LYS B 478 2.32 11.48 32.11
C LYS B 478 3.66 12.10 32.50
N GLU B 479 3.64 13.12 33.34
CA GLU B 479 4.86 13.85 33.63
C GLU B 479 4.81 14.38 35.06
N THR B 480 5.74 15.26 35.38
CA THR B 480 5.78 16.01 36.62
C THR B 480 4.80 17.16 36.53
N ASN B 481 4.92 18.12 37.44
CA ASN B 481 4.13 19.34 37.34
C ASN B 481 4.30 19.96 35.95
N ARG B 482 3.17 20.21 35.29
CA ARG B 482 3.13 20.87 33.99
C ARG B 482 2.35 22.16 34.13
N ASP B 483 2.07 22.81 33.00
CA ASP B 483 1.39 24.10 32.99
C ASP B 483 -0.06 23.85 32.60
N GLU B 484 -0.88 23.48 33.59
CA GLU B 484 -2.30 23.24 33.35
C GLU B 484 -2.97 24.44 32.69
N SER B 485 -2.55 25.66 33.04
CA SER B 485 -3.13 26.84 32.40
C SER B 485 -2.86 26.86 30.92
N PHE B 486 -1.86 26.10 30.46
CA PHE B 486 -1.58 26.00 29.04
C PHE B 486 -2.26 24.77 28.45
N TYR B 487 -2.10 23.63 29.10
CA TYR B 487 -2.58 22.38 28.51
C TYR B 487 -4.09 22.28 28.49
N GLY B 488 -4.81 22.92 29.41
CA GLY B 488 -6.26 22.92 29.29
C GLY B 488 -6.72 23.45 27.94
N ASP B 489 -6.33 24.68 27.62
CA ASP B 489 -6.71 25.28 26.35
C ASP B 489 -6.08 24.55 25.18
N PHE B 490 -4.82 24.12 25.32
CA PHE B 490 -4.15 23.45 24.23
C PHE B 490 -4.87 22.17 23.84
N VAL B 491 -5.14 21.29 24.82
CA VAL B 491 -5.81 20.05 24.50
C VAL B 491 -7.22 20.31 24.01
N LEU B 492 -7.93 21.27 24.61
CA LEU B 492 -9.27 21.56 24.13
C LEU B 492 -9.27 21.98 22.67
N ALA B 493 -8.24 22.71 22.23
CA ALA B 493 -8.21 23.13 20.84
C ALA B 493 -7.70 22.01 19.93
N TYR B 494 -6.67 21.29 20.36
CA TYR B 494 -6.05 20.30 19.51
C TYR B 494 -6.95 19.10 19.29
N ASP B 495 -7.70 18.68 20.30
CA ASP B 495 -8.59 17.56 20.09
C ASP B 495 -9.67 17.87 19.07
N ILE B 496 -9.97 19.15 18.84
CA ILE B 496 -10.87 19.52 17.77
C ILE B 496 -10.14 19.59 16.44
N LEU B 497 -8.97 20.23 16.43
CA LEU B 497 -8.18 20.31 15.21
C LEU B 497 -7.85 18.94 14.63
N LEU B 498 -7.87 17.89 15.46
CA LEU B 498 -7.45 16.58 15.00
C LEU B 498 -8.38 15.96 13.97
N LYS B 499 -9.60 16.48 13.78
CA LYS B 499 -10.53 15.89 12.82
C LYS B 499 -10.16 16.16 11.37
N VAL B 500 -9.20 17.04 11.13
CA VAL B 500 -8.74 17.23 9.77
C VAL B 500 -8.13 15.96 9.23
N ASP B 501 -7.72 15.04 10.08
CA ASP B 501 -7.22 13.76 9.58
C ASP B 501 -8.32 12.95 8.95
N HIS B 502 -9.45 12.83 9.64
CA HIS B 502 -10.61 12.18 9.04
C HIS B 502 -10.98 12.84 7.72
N ILE B 503 -11.00 14.16 7.68
CA ILE B 503 -11.42 14.83 6.44
C ILE B 503 -10.42 14.55 5.32
N TYR B 504 -9.13 14.69 5.61
CA TYR B 504 -8.11 14.55 4.57
C TYR B 504 -7.96 13.11 4.13
N ASP B 505 -8.39 12.15 4.94
CA ASP B 505 -8.33 10.76 4.53
C ASP B 505 -9.62 10.27 3.91
N ALA B 506 -10.71 11.04 4.03
CA ALA B 506 -11.96 10.64 3.40
C ALA B 506 -12.36 11.54 2.25
N ILE B 507 -11.55 12.53 1.90
CA ILE B 507 -11.67 13.21 0.62
C ILE B 507 -10.63 12.71 -0.37
N ARG B 508 -9.46 12.33 0.11
CA ARG B 508 -8.47 11.74 -0.78
C ARG B 508 -8.89 10.36 -1.24
N ASN B 509 -9.58 9.60 -0.40
CA ASN B 509 -10.11 8.31 -0.82
C ASN B 509 -11.34 8.44 -1.70
N TYR B 510 -11.71 9.66 -2.07
CA TYR B 510 -12.77 9.88 -3.04
C TYR B 510 -12.26 10.55 -4.31
N VAL B 511 -11.20 11.34 -4.22
CA VAL B 511 -10.61 11.86 -5.44
C VAL B 511 -9.67 10.84 -6.06
N THR B 512 -9.23 9.85 -5.30
CA THR B 512 -8.36 8.82 -5.86
C THR B 512 -9.15 7.61 -6.36
N GLN B 513 -10.32 7.38 -5.79
CA GLN B 513 -11.11 6.19 -6.08
C GLN B 513 -11.34 6.02 -7.58
N LYS B 514 -11.06 4.80 -8.08
CA LYS B 514 -11.12 4.51 -9.50
C LYS B 514 -12.56 4.66 -10.02
N PRO B 515 -12.73 4.74 -11.34
CA PRO B 515 -14.09 4.96 -11.89
C PRO B 515 -15.01 3.78 -11.72
N TYR B 516 -14.52 2.56 -11.80
CA TYR B 516 -15.32 1.38 -11.60
C TYR B 516 -15.43 1.07 -10.11
N SER B 517 -15.93 -0.11 -9.79
CA SER B 517 -16.08 -0.48 -8.39
C SER B 517 -16.20 -1.98 -8.29
N LYS B 518 -15.59 -2.55 -7.27
CA LYS B 518 -15.61 -3.99 -7.05
C LYS B 518 -16.56 -4.38 -5.93
N ASP B 519 -17.64 -3.62 -5.76
CA ASP B 519 -18.55 -3.83 -4.64
C ASP B 519 -19.49 -4.96 -4.97
N LYS B 520 -19.37 -6.05 -4.24
CA LYS B 520 -20.11 -7.27 -4.51
C LYS B 520 -20.94 -7.66 -3.31
N PHE B 521 -21.80 -8.66 -3.50
CA PHE B 521 -22.55 -9.24 -2.42
C PHE B 521 -22.52 -10.74 -2.57
N LYS B 522 -22.91 -11.45 -1.53
CA LYS B 522 -22.76 -12.90 -1.48
C LYS B 522 -24.06 -13.58 -1.87
N LEU B 523 -23.96 -14.57 -2.74
CA LEU B 523 -25.13 -15.34 -3.15
C LEU B 523 -25.25 -16.57 -2.28
N TYR B 524 -26.45 -16.81 -1.75
CA TYR B 524 -26.72 -18.00 -0.96
C TYR B 524 -27.62 -19.00 -1.65
N PHE B 525 -28.41 -18.56 -2.62
CA PHE B 525 -29.38 -19.42 -3.30
C PHE B 525 -30.35 -20.05 -2.31
N GLN B 526 -30.97 -19.21 -1.49
CA GLN B 526 -32.05 -19.62 -0.61
C GLN B 526 -31.62 -20.76 0.32
N ASN B 527 -30.41 -20.67 0.83
CA ASN B 527 -29.88 -21.76 1.64
C ASN B 527 -28.76 -21.26 2.54
N PRO B 528 -28.87 -21.46 3.85
CA PRO B 528 -27.81 -20.99 4.74
C PRO B 528 -26.48 -21.70 4.54
N GLN B 529 -26.49 -23.02 4.39
CA GLN B 529 -25.27 -23.80 4.32
C GLN B 529 -24.80 -24.01 2.90
N PHE B 530 -25.10 -23.09 2.00
CA PHE B 530 -24.73 -23.26 0.61
C PHE B 530 -23.22 -23.34 0.46
N MET B 531 -22.76 -24.42 -0.15
CA MET B 531 -21.37 -24.54 -0.60
C MET B 531 -20.40 -24.57 0.56
N GLY B 532 -20.91 -24.74 1.78
CA GLY B 532 -20.04 -24.69 2.95
C GLY B 532 -19.03 -25.81 2.99
N GLY B 533 -19.14 -26.77 2.07
CA GLY B 533 -18.17 -27.84 2.00
C GLY B 533 -18.54 -28.78 0.87
N TRP B 534 -17.57 -29.56 0.42
CA TRP B 534 -17.84 -30.59 -0.57
C TRP B 534 -17.69 -31.96 0.07
N ASP B 535 -18.81 -32.57 0.42
CA ASP B 535 -18.84 -33.92 0.94
C ASP B 535 -19.79 -34.72 0.08
N LYS B 536 -19.51 -36.02 -0.08
CA LYS B 536 -20.42 -36.86 -0.85
C LYS B 536 -21.74 -37.03 -0.14
N ASP B 537 -21.71 -37.37 1.15
CA ASP B 537 -22.94 -37.68 1.87
C ASP B 537 -23.79 -36.43 2.09
N LYS B 538 -23.15 -35.27 2.21
CA LYS B 538 -23.87 -34.06 2.56
C LYS B 538 -24.24 -33.21 1.33
N GLU B 539 -24.14 -33.76 0.12
CA GLU B 539 -24.54 -33.02 -1.07
C GLU B 539 -25.95 -32.47 -0.95
N THR B 540 -26.88 -33.27 -0.45
CA THR B 540 -28.27 -32.84 -0.35
C THR B 540 -28.48 -31.74 0.69
N ASP B 541 -27.44 -31.33 1.40
CA ASP B 541 -27.53 -30.24 2.35
C ASP B 541 -26.69 -29.03 1.97
N TYR B 542 -25.54 -29.25 1.33
CA TYR B 542 -24.71 -28.16 0.82
C TYR B 542 -25.09 -27.76 -0.60
N ARG B 543 -25.40 -28.73 -1.45
CA ARG B 543 -25.84 -28.49 -2.82
C ARG B 543 -24.78 -27.74 -3.62
N ALA B 544 -23.64 -28.38 -3.82
CA ALA B 544 -22.61 -27.84 -4.68
C ALA B 544 -21.65 -28.96 -5.02
N THR B 545 -21.42 -29.20 -6.30
CA THR B 545 -20.45 -30.18 -6.75
C THR B 545 -19.62 -29.58 -7.87
N ILE B 546 -18.52 -30.24 -8.20
CA ILE B 546 -17.62 -29.74 -9.23
C ILE B 546 -17.51 -30.80 -10.31
N LEU B 547 -18.34 -30.69 -11.33
CA LEU B 547 -18.22 -31.58 -12.47
C LEU B 547 -17.01 -31.18 -13.29
N ARG B 548 -16.58 -32.08 -14.16
CA ARG B 548 -15.46 -31.80 -15.05
C ARG B 548 -15.66 -32.50 -16.37
N TYR B 549 -15.59 -31.75 -17.46
CA TYR B 549 -15.74 -32.32 -18.79
C TYR B 549 -14.55 -31.92 -19.63
N GLY B 550 -13.88 -32.91 -20.22
CA GLY B 550 -12.68 -32.63 -20.96
C GLY B 550 -11.64 -31.95 -20.09
N SER B 551 -11.37 -30.69 -20.37
CA SER B 551 -10.47 -29.89 -19.55
C SER B 551 -11.14 -28.61 -19.09
N LYS B 552 -12.42 -28.70 -18.71
CA LYS B 552 -13.17 -27.55 -18.24
C LYS B 552 -13.98 -27.96 -17.02
N TYR B 553 -13.89 -27.18 -15.95
CA TYR B 553 -14.42 -27.55 -14.65
C TYR B 553 -15.65 -26.72 -14.34
N TYR B 554 -16.79 -27.38 -14.18
CA TYR B 554 -18.06 -26.71 -13.97
C TYR B 554 -18.46 -26.79 -12.51
N LEU B 555 -18.86 -25.66 -11.93
CA LEU B 555 -19.61 -25.73 -10.69
C LEU B 555 -20.98 -26.32 -10.98
N ALA B 556 -21.68 -26.75 -9.95
CA ALA B 556 -23.05 -27.22 -10.14
C ALA B 556 -23.80 -27.07 -8.83
N ILE B 557 -24.90 -26.32 -8.88
CA ILE B 557 -25.73 -26.02 -7.72
C ILE B 557 -27.14 -26.45 -8.03
N MET B 558 -27.77 -27.18 -7.12
CA MET B 558 -29.00 -27.86 -7.53
C MET B 558 -30.19 -26.92 -7.59
N ASP B 559 -30.73 -26.51 -6.44
CA ASP B 559 -31.89 -25.62 -6.35
C ASP B 559 -32.30 -25.56 -4.89
N LYS B 560 -33.45 -24.98 -4.60
CA LYS B 560 -34.03 -25.18 -3.28
C LYS B 560 -34.76 -26.52 -3.12
N LYS B 561 -35.56 -26.92 -4.11
CA LYS B 561 -36.55 -27.98 -3.89
C LYS B 561 -36.26 -29.28 -4.64
N TYR B 562 -35.12 -29.42 -5.29
CA TYR B 562 -34.78 -30.63 -6.05
C TYR B 562 -33.45 -31.18 -5.59
N ALA B 563 -33.20 -31.15 -4.28
CA ALA B 563 -31.91 -31.58 -3.76
C ALA B 563 -31.53 -32.99 -4.21
N LYS B 564 -32.49 -33.79 -4.65
CA LYS B 564 -32.23 -35.15 -5.12
C LYS B 564 -32.10 -35.22 -6.64
N CYS B 565 -31.61 -34.15 -7.28
CA CYS B 565 -31.61 -34.08 -8.73
C CYS B 565 -30.28 -34.44 -9.36
N LEU B 566 -29.29 -34.88 -8.58
CA LEU B 566 -28.01 -35.27 -9.15
C LEU B 566 -27.56 -36.60 -8.55
N GLN B 567 -28.46 -37.54 -8.48
CA GLN B 567 -28.13 -38.88 -8.03
C GLN B 567 -28.47 -39.96 -9.04
N LYS B 568 -29.63 -39.87 -9.68
CA LYS B 568 -30.13 -40.96 -10.53
C LYS B 568 -29.56 -40.85 -11.95
N ILE B 569 -28.24 -40.75 -12.05
CA ILE B 569 -27.57 -40.49 -13.32
C ILE B 569 -26.45 -41.51 -13.47
N ASP B 570 -26.56 -42.35 -14.48
CA ASP B 570 -25.59 -43.42 -14.73
C ASP B 570 -24.72 -43.07 -15.93
N LYS B 571 -23.67 -43.88 -16.10
CA LYS B 571 -22.66 -43.58 -17.12
C LYS B 571 -23.19 -43.79 -18.53
N ASP B 572 -23.59 -45.02 -18.83
CA ASP B 572 -24.36 -45.45 -20.01
C ASP B 572 -23.71 -45.16 -21.35
N ASP B 573 -22.49 -44.60 -21.35
CA ASP B 573 -21.66 -44.46 -22.55
C ASP B 573 -22.45 -43.89 -23.73
N VAL B 574 -22.88 -42.65 -23.58
CA VAL B 574 -23.53 -41.92 -24.65
C VAL B 574 -22.56 -40.97 -25.35
N ASN B 575 -21.26 -41.22 -25.22
CA ASN B 575 -20.19 -40.36 -25.73
C ASN B 575 -20.22 -38.97 -25.10
N GLY B 576 -20.92 -38.82 -23.98
CA GLY B 576 -20.78 -37.63 -23.16
C GLY B 576 -20.95 -37.98 -21.70
N ASN B 577 -19.96 -37.69 -20.88
CA ASN B 577 -20.01 -38.05 -19.47
C ASN B 577 -19.27 -36.99 -18.67
N TYR B 578 -20.01 -36.19 -17.92
CA TYR B 578 -19.39 -35.36 -16.92
C TYR B 578 -18.75 -36.23 -15.87
N GLU B 579 -17.51 -35.92 -15.51
CA GLU B 579 -16.96 -36.51 -14.32
C GLU B 579 -17.56 -35.79 -13.12
N LYS B 580 -17.20 -36.22 -11.92
CA LYS B 580 -17.77 -35.61 -10.73
C LYS B 580 -16.86 -35.92 -9.56
N ILE B 581 -16.55 -34.89 -8.78
CA ILE B 581 -15.49 -34.93 -7.79
C ILE B 581 -16.13 -35.15 -6.42
N ASN B 582 -15.66 -36.16 -5.69
CA ASN B 582 -16.32 -36.58 -4.46
C ASN B 582 -15.30 -37.17 -3.50
N TYR B 583 -15.80 -37.96 -2.53
CA TYR B 583 -15.07 -38.55 -1.41
C TYR B 583 -14.46 -37.54 -0.45
N LYS B 584 -15.35 -36.92 0.32
CA LYS B 584 -15.03 -35.96 1.37
C LYS B 584 -13.76 -36.30 2.14
N LEU B 585 -12.97 -35.27 2.42
CA LEU B 585 -11.82 -35.40 3.29
C LEU B 585 -12.27 -35.65 4.72
N LEU B 586 -11.31 -35.72 5.64
CA LEU B 586 -11.62 -36.06 7.03
C LEU B 586 -11.53 -34.82 7.90
N PRO B 587 -12.59 -34.48 8.63
CA PRO B 587 -12.57 -33.27 9.47
C PRO B 587 -11.91 -33.47 10.82
N GLY B 588 -10.71 -32.89 11.01
CA GLY B 588 -10.11 -32.77 12.32
C GLY B 588 -10.07 -34.05 13.13
N PRO B 589 -9.25 -35.01 12.71
CA PRO B 589 -9.30 -36.34 13.32
C PRO B 589 -8.94 -36.36 14.80
N ASN B 590 -8.07 -35.46 15.25
CA ASN B 590 -7.65 -35.46 16.65
C ASN B 590 -8.82 -35.25 17.59
N LYS B 591 -9.85 -34.53 17.14
CA LYS B 591 -11.10 -34.43 17.87
C LYS B 591 -12.20 -35.28 17.26
N MET B 592 -12.13 -35.56 15.96
CA MET B 592 -13.16 -36.36 15.31
C MET B 592 -13.20 -37.78 15.84
N LEU B 593 -12.08 -38.51 15.72
CA LEU B 593 -12.07 -39.89 16.20
C LEU B 593 -12.47 -40.01 17.66
N PRO B 594 -11.94 -39.20 18.60
CA PRO B 594 -12.51 -39.23 19.95
C PRO B 594 -13.99 -38.89 19.98
N LYS B 595 -14.44 -37.99 19.10
CA LYS B 595 -15.87 -37.67 19.05
C LYS B 595 -16.65 -38.75 18.33
N VAL B 596 -16.12 -39.25 17.21
CA VAL B 596 -16.90 -40.16 16.37
C VAL B 596 -16.93 -41.56 16.99
N PHE B 597 -16.08 -41.81 18.00
CA PHE B 597 -16.07 -43.12 18.63
C PHE B 597 -16.46 -43.12 20.09
N PHE B 598 -16.48 -41.97 20.75
CA PHE B 598 -16.93 -41.85 22.14
C PHE B 598 -18.18 -40.98 22.25
N SER B 599 -19.11 -41.17 21.32
CA SER B 599 -20.39 -40.45 21.32
C SER B 599 -21.52 -41.30 21.88
N LYS B 600 -21.23 -42.12 22.89
CA LYS B 600 -22.21 -42.99 23.54
C LYS B 600 -22.77 -44.01 22.56
N LYS B 601 -21.86 -44.72 21.89
CA LYS B 601 -22.21 -45.80 20.97
C LYS B 601 -21.67 -47.15 21.42
N TRP B 602 -21.26 -47.28 22.68
CA TRP B 602 -20.70 -48.53 23.19
C TRP B 602 -21.75 -49.58 23.51
N MET B 603 -22.99 -49.39 23.06
CA MET B 603 -24.07 -50.30 23.45
C MET B 603 -23.91 -51.67 22.83
N ALA B 604 -23.86 -51.75 21.49
CA ALA B 604 -23.89 -53.03 20.77
C ALA B 604 -22.83 -53.06 19.68
N TYR B 605 -21.60 -52.66 20.04
CA TYR B 605 -20.48 -52.80 19.11
C TYR B 605 -19.48 -53.83 19.62
N TYR B 606 -18.99 -53.64 20.84
CA TYR B 606 -18.07 -54.58 21.46
C TYR B 606 -18.73 -55.25 22.66
N ASN B 607 -17.96 -56.05 23.40
CA ASN B 607 -18.52 -56.72 24.58
C ASN B 607 -19.01 -55.73 25.62
N SER B 609 -14.62 -54.54 26.78
CA SER B 609 -13.64 -54.92 27.78
C SER B 609 -13.48 -53.80 28.82
N GLU B 610 -13.18 -54.20 30.05
CA GLU B 610 -13.09 -53.24 31.14
C GLU B 610 -11.74 -52.54 31.18
N ASP B 611 -10.68 -53.20 30.69
CA ASP B 611 -9.35 -52.60 30.72
C ASP B 611 -9.30 -51.32 29.88
N ILE B 612 -9.90 -51.34 28.69
CA ILE B 612 -9.93 -50.15 27.86
C ILE B 612 -10.84 -49.09 28.48
N GLN B 613 -11.93 -49.51 29.12
CA GLN B 613 -12.89 -48.54 29.62
C GLN B 613 -12.36 -47.81 30.85
N LYS B 614 -11.59 -48.49 31.70
CA LYS B 614 -11.06 -47.82 32.88
C LYS B 614 -9.91 -46.88 32.54
N ILE B 615 -9.04 -47.28 31.60
CA ILE B 615 -8.02 -46.34 31.12
C ILE B 615 -8.64 -45.20 30.32
N TYR B 616 -9.86 -45.39 29.79
CA TYR B 616 -10.61 -44.25 29.28
C TYR B 616 -11.10 -43.36 30.43
N LYS B 617 -11.58 -43.97 31.51
CA LYS B 617 -12.07 -43.21 32.64
C LYS B 617 -10.98 -42.33 33.23
N ASN B 618 -9.77 -42.88 33.38
CA ASN B 618 -8.65 -42.05 33.80
C ASN B 618 -8.21 -41.11 32.68
N GLY B 619 -8.41 -41.53 31.43
CA GLY B 619 -7.90 -40.75 30.31
C GLY B 619 -6.40 -40.74 30.25
N THR B 620 -5.76 -41.87 30.56
CA THR B 620 -4.31 -41.95 30.69
C THR B 620 -3.60 -42.20 29.37
N PHE B 621 -4.24 -41.88 28.25
CA PHE B 621 -3.64 -42.06 26.93
C PHE B 621 -3.10 -40.76 26.35
N LYS B 622 -3.24 -39.65 27.06
CA LYS B 622 -2.64 -38.38 26.67
C LYS B 622 -1.31 -38.19 27.39
N LYS B 623 -0.74 -37.00 27.29
CA LYS B 623 0.51 -36.68 27.97
C LYS B 623 0.23 -36.41 29.45
N GLY B 624 1.22 -35.89 30.16
CA GLY B 624 1.13 -35.73 31.59
C GLY B 624 1.83 -36.86 32.32
N ASP B 625 2.76 -37.50 31.63
CA ASP B 625 3.55 -38.60 32.18
C ASP B 625 4.81 -38.76 31.33
N MET B 626 5.72 -39.65 31.73
CA MET B 626 6.96 -39.79 30.97
C MET B 626 6.67 -40.29 29.55
N PHE B 627 6.28 -41.56 29.41
CA PHE B 627 5.84 -42.16 28.15
C PHE B 627 5.51 -43.63 28.41
N ASN B 628 4.70 -44.26 27.55
CA ASN B 628 4.42 -45.68 27.70
C ASN B 628 4.27 -46.31 26.32
N LEU B 629 4.73 -47.56 26.23
CA LEU B 629 4.68 -48.30 24.96
C LEU B 629 3.36 -49.02 24.75
N ASN B 630 2.72 -49.47 25.83
CA ASN B 630 1.54 -50.33 25.73
C ASN B 630 0.22 -49.60 25.95
N ASP B 631 0.20 -48.57 26.81
CA ASP B 631 -1.06 -47.86 27.06
C ASP B 631 -1.47 -47.02 25.85
N CYS B 632 -0.51 -46.30 25.26
CA CYS B 632 -0.82 -45.46 24.11
C CYS B 632 -1.28 -46.32 22.92
N HIS B 633 -0.49 -47.33 22.55
CA HIS B 633 -0.91 -48.18 21.45
C HIS B 633 -2.12 -49.03 21.78
N LYS B 634 -2.50 -49.15 23.05
CA LYS B 634 -3.77 -49.82 23.35
C LYS B 634 -4.95 -49.03 22.80
N LEU B 635 -5.01 -47.73 23.11
CA LEU B 635 -6.05 -46.90 22.52
C LEU B 635 -5.86 -46.74 21.01
N ILE B 636 -4.61 -46.69 20.55
CA ILE B 636 -4.35 -46.66 19.12
C ILE B 636 -4.97 -47.86 18.44
N ASP B 637 -4.81 -49.05 19.02
CA ASP B 637 -5.35 -50.26 18.44
C ASP B 637 -6.86 -50.36 18.62
N PHE B 638 -7.40 -49.79 19.70
CA PHE B 638 -8.85 -49.67 19.81
C PHE B 638 -9.42 -48.87 18.64
N PHE B 639 -8.86 -47.67 18.40
CA PHE B 639 -9.28 -46.87 17.25
C PHE B 639 -9.06 -47.61 15.94
N LYS B 640 -7.94 -48.33 15.82
CA LYS B 640 -7.62 -49.00 14.57
C LYS B 640 -8.60 -50.13 14.27
N ASP B 641 -8.79 -51.03 15.23
CA ASP B 641 -9.69 -52.17 15.04
C ASP B 641 -11.16 -51.79 15.18
N SER B 642 -11.45 -50.52 15.50
CA SER B 642 -12.82 -50.04 15.37
C SER B 642 -13.10 -49.36 14.04
N ILE B 643 -12.14 -48.59 13.49
CA ILE B 643 -12.37 -48.02 12.17
C ILE B 643 -12.35 -49.10 11.10
N SER B 644 -11.47 -50.08 11.24
CA SER B 644 -11.44 -51.20 10.30
C SER B 644 -12.67 -52.09 10.40
N ARG B 645 -13.62 -51.76 11.27
CA ARG B 645 -14.90 -52.44 11.32
C ARG B 645 -16.09 -51.50 11.30
N TYR B 646 -15.88 -50.20 11.51
CA TYR B 646 -16.94 -49.22 11.32
C TYR B 646 -17.12 -48.95 9.83
N PRO B 647 -18.20 -49.41 9.21
CA PRO B 647 -18.25 -49.44 7.75
C PRO B 647 -18.26 -48.09 7.08
N LYS B 648 -18.75 -47.04 7.75
CA LYS B 648 -18.83 -45.72 7.14
C LYS B 648 -17.47 -45.19 6.72
N TRP B 649 -16.39 -45.68 7.34
CA TRP B 649 -15.05 -45.24 7.00
C TRP B 649 -14.19 -46.33 6.37
N SER B 650 -14.48 -47.60 6.64
CA SER B 650 -13.66 -48.67 6.10
C SER B 650 -13.75 -48.75 4.57
N ASN B 651 -14.96 -48.60 4.03
CA ASN B 651 -15.13 -48.66 2.58
C ASN B 651 -14.68 -47.39 1.89
N ALA B 652 -14.73 -46.25 2.58
CA ALA B 652 -14.44 -44.96 1.95
C ALA B 652 -12.94 -44.78 1.75
N TYR B 653 -12.18 -44.82 2.83
CA TYR B 653 -10.75 -44.54 2.78
C TYR B 653 -9.96 -45.84 2.72
N ASP B 654 -8.83 -45.79 2.03
CA ASP B 654 -7.91 -46.92 1.94
C ASP B 654 -6.94 -46.85 3.11
N PHE B 655 -7.42 -47.26 4.29
CA PHE B 655 -6.65 -47.09 5.53
C PHE B 655 -5.50 -48.08 5.56
N ASN B 656 -4.40 -47.69 4.91
CA ASN B 656 -3.16 -48.47 4.93
C ASN B 656 -2.19 -47.84 5.93
N PHE B 657 -2.45 -48.10 7.22
CA PHE B 657 -1.57 -47.63 8.27
C PHE B 657 -0.18 -48.26 8.15
N SER B 658 0.75 -47.73 8.94
CA SER B 658 2.11 -48.25 8.99
C SER B 658 2.17 -49.41 9.97
N GLU B 659 3.38 -49.87 10.29
CA GLU B 659 3.55 -50.98 11.21
C GLU B 659 3.47 -50.48 12.66
N THR B 660 3.65 -51.41 13.61
CA THR B 660 3.42 -51.09 15.01
C THR B 660 4.61 -50.40 15.66
N GLU B 661 5.82 -50.68 15.20
CA GLU B 661 7.01 -50.12 15.84
C GLU B 661 7.31 -48.68 15.41
N LYS B 662 6.55 -48.14 14.46
CA LYS B 662 6.81 -46.77 14.01
C LYS B 662 6.24 -45.74 14.98
N TYR B 663 5.11 -46.04 15.63
CA TYR B 663 4.48 -45.07 16.51
C TYR B 663 5.34 -44.82 17.74
N LYS B 664 5.49 -43.55 18.09
CA LYS B 664 6.21 -43.15 19.30
C LYS B 664 5.43 -42.16 20.14
N ASP B 665 4.30 -41.65 19.66
CA ASP B 665 3.47 -40.69 20.39
C ASP B 665 2.02 -40.92 19.95
N ILE B 666 1.16 -39.94 20.26
CA ILE B 666 -0.24 -40.01 19.86
C ILE B 666 -0.46 -39.13 18.64
N ALA B 667 0.21 -37.98 18.61
CA ALA B 667 0.07 -37.05 17.50
C ALA B 667 0.39 -37.68 16.16
N GLY B 668 1.31 -38.66 16.13
CA GLY B 668 1.59 -39.36 14.90
C GLY B 668 0.38 -40.08 14.36
N PHE B 669 -0.41 -40.69 15.24
CA PHE B 669 -1.62 -41.39 14.83
C PHE B 669 -2.62 -40.44 14.18
N TYR B 670 -2.86 -39.29 14.80
CA TYR B 670 -3.82 -38.35 14.24
C TYR B 670 -3.30 -37.73 12.94
N ARG B 671 -2.00 -37.45 12.87
CA ARG B 671 -1.44 -36.93 11.61
C ARG B 671 -1.58 -37.96 10.50
N GLU B 672 -1.37 -39.24 10.80
CA GLU B 672 -1.54 -40.27 9.79
C GLU B 672 -3.00 -40.40 9.36
N VAL B 673 -3.92 -40.36 10.33
CA VAL B 673 -5.33 -40.49 10.00
C VAL B 673 -5.77 -39.32 9.12
N GLU B 674 -5.28 -38.12 9.41
CA GLU B 674 -5.64 -36.98 8.57
C GLU B 674 -4.98 -37.05 7.21
N GLU B 675 -3.73 -37.53 7.13
CA GLU B 675 -3.06 -37.65 5.85
C GLU B 675 -3.72 -38.69 4.96
N GLN B 676 -4.36 -39.71 5.56
CA GLN B 676 -4.95 -40.78 4.77
C GLN B 676 -6.39 -40.52 4.36
N GLY B 677 -7.07 -39.56 4.98
CA GLY B 677 -8.46 -39.31 4.67
C GLY B 677 -8.68 -38.26 3.60
N TYR B 678 -8.08 -38.45 2.42
CA TYR B 678 -8.25 -37.52 1.30
C TYR B 678 -8.27 -38.36 0.03
N LYS B 679 -9.45 -38.54 -0.56
CA LYS B 679 -9.59 -39.42 -1.70
C LYS B 679 -10.48 -38.80 -2.79
N VAL B 680 -10.20 -37.56 -3.19
CA VAL B 680 -11.05 -36.90 -4.18
C VAL B 680 -11.13 -37.81 -5.40
N SER B 681 -12.34 -38.30 -5.69
CA SER B 681 -12.49 -39.37 -6.66
C SER B 681 -13.48 -38.97 -7.74
N PHE B 682 -13.42 -39.68 -8.86
CA PHE B 682 -14.16 -39.34 -10.06
C PHE B 682 -15.31 -40.34 -10.27
N GLU B 683 -16.53 -39.86 -10.20
CA GLU B 683 -17.69 -40.62 -10.66
C GLU B 683 -18.09 -40.09 -12.04
N SER B 684 -18.89 -40.88 -12.76
CA SER B 684 -19.36 -40.48 -14.08
C SER B 684 -20.83 -40.09 -14.03
N ALA B 685 -21.26 -39.35 -15.05
CA ALA B 685 -22.64 -38.92 -15.15
C ALA B 685 -22.98 -38.61 -16.60
N SER B 686 -24.15 -39.03 -17.05
CA SER B 686 -24.51 -38.87 -18.46
C SER B 686 -24.77 -37.41 -18.80
N LYS B 687 -24.18 -36.96 -19.90
CA LYS B 687 -24.20 -35.54 -20.21
C LYS B 687 -25.58 -35.03 -20.58
N LYS B 688 -26.37 -35.83 -21.31
CA LYS B 688 -27.68 -35.34 -21.71
C LYS B 688 -28.61 -35.20 -20.51
N GLU B 689 -28.46 -36.04 -19.49
CA GLU B 689 -29.33 -35.93 -18.33
C GLU B 689 -29.04 -34.66 -17.54
N VAL B 690 -27.77 -34.34 -17.32
CA VAL B 690 -27.46 -33.11 -16.60
C VAL B 690 -27.78 -31.89 -17.46
N ASP B 691 -27.59 -31.97 -18.77
CA ASP B 691 -27.97 -30.83 -19.60
C ASP B 691 -29.48 -30.61 -19.57
N LYS B 692 -30.28 -31.68 -19.61
CA LYS B 692 -31.71 -31.51 -19.47
C LYS B 692 -32.07 -30.97 -18.09
N LEU B 693 -31.38 -31.44 -17.05
CA LEU B 693 -31.57 -30.87 -15.72
C LEU B 693 -31.35 -29.37 -15.72
N VAL B 694 -30.33 -28.91 -16.43
CA VAL B 694 -30.13 -27.47 -16.60
C VAL B 694 -31.35 -26.87 -17.29
N GLU B 695 -31.79 -27.47 -18.38
CA GLU B 695 -32.86 -26.88 -19.18
C GLU B 695 -34.20 -26.94 -18.46
N GLU B 696 -34.41 -27.95 -17.61
CA GLU B 696 -35.66 -28.04 -16.86
C GLU B 696 -35.73 -27.04 -15.71
N GLY B 697 -34.67 -26.30 -15.45
CA GLY B 697 -34.65 -25.40 -14.31
C GLY B 697 -34.34 -26.08 -13.00
N LYS B 698 -33.61 -27.18 -13.03
CA LYS B 698 -33.32 -27.94 -11.82
C LYS B 698 -31.85 -28.00 -11.46
N LEU B 699 -30.98 -27.31 -12.18
CA LEU B 699 -29.54 -27.38 -11.92
C LEU B 699 -28.87 -26.19 -12.57
N TYR B 700 -28.18 -25.40 -11.78
CA TYR B 700 -27.48 -24.22 -12.27
C TYR B 700 -26.02 -24.60 -12.48
N MET B 701 -25.56 -24.60 -13.72
CA MET B 701 -24.21 -25.02 -14.03
C MET B 701 -23.37 -23.81 -14.44
N PHE B 702 -22.67 -23.26 -13.46
CA PHE B 702 -21.66 -22.27 -13.75
C PHE B 702 -20.38 -22.96 -14.18
N GLN B 703 -19.64 -22.35 -15.09
CA GLN B 703 -18.34 -22.85 -15.48
C GLN B 703 -17.27 -22.01 -14.81
N ILE B 704 -16.34 -22.68 -14.12
CA ILE B 704 -15.19 -21.99 -13.57
C ILE B 704 -14.29 -21.56 -14.72
N TYR B 705 -13.71 -20.38 -14.61
CA TYR B 705 -13.05 -19.81 -15.77
C TYR B 705 -12.08 -18.73 -15.33
N ASN B 706 -10.98 -18.62 -16.08
CA ASN B 706 -10.12 -17.45 -16.08
C ASN B 706 -9.20 -17.62 -17.28
N LYS B 707 -8.60 -16.51 -17.73
CA LYS B 707 -8.13 -16.46 -19.10
C LYS B 707 -7.12 -17.54 -19.44
N ASP B 708 -6.77 -18.42 -18.52
CA ASP B 708 -5.90 -19.54 -18.82
C ASP B 708 -6.68 -20.83 -19.07
N PHE B 709 -8.00 -20.80 -18.97
CA PHE B 709 -8.83 -21.93 -19.37
C PHE B 709 -9.32 -21.81 -20.79
N SER B 710 -9.37 -20.61 -21.35
CA SER B 710 -9.94 -20.41 -22.66
C SER B 710 -9.06 -21.03 -23.74
N ASP B 711 -9.71 -21.52 -24.79
CA ASP B 711 -9.02 -22.32 -25.79
C ASP B 711 -8.00 -21.51 -26.57
N LYS B 712 -8.14 -20.20 -26.64
CA LYS B 712 -7.24 -19.37 -27.43
C LYS B 712 -6.00 -18.94 -26.68
N SER B 713 -5.74 -19.55 -25.52
CA SER B 713 -4.57 -19.23 -24.71
C SER B 713 -3.53 -20.31 -24.89
N HIS B 714 -2.28 -19.90 -25.13
CA HIS B 714 -1.22 -20.86 -25.38
C HIS B 714 -0.05 -20.79 -24.41
N GLY B 715 0.24 -19.65 -23.83
CA GLY B 715 1.43 -19.50 -23.00
C GLY B 715 1.34 -20.24 -21.69
N THR B 716 2.12 -19.76 -20.73
CA THR B 716 2.19 -20.40 -19.42
C THR B 716 0.99 -19.99 -18.58
N PRO B 717 0.34 -20.92 -17.89
CA PRO B 717 -0.81 -20.56 -17.07
C PRO B 717 -0.38 -19.85 -15.81
N ASN B 718 -1.36 -19.23 -15.14
CA ASN B 718 -1.06 -18.55 -13.90
C ASN B 718 -0.58 -19.55 -12.87
N LEU B 719 -0.23 -19.06 -11.69
CA LEU B 719 0.09 -19.98 -10.61
C LEU B 719 -1.19 -20.60 -10.05
N HIS B 720 -2.18 -19.78 -9.75
CA HIS B 720 -3.39 -20.31 -9.15
C HIS B 720 -4.13 -21.23 -10.10
N THR B 721 -4.02 -21.03 -11.41
CA THR B 721 -4.61 -22.00 -12.31
C THR B 721 -3.91 -23.34 -12.18
N MET B 722 -2.60 -23.33 -11.98
CA MET B 722 -1.89 -24.59 -11.77
C MET B 722 -2.33 -25.25 -10.50
N TYR B 723 -2.53 -24.50 -9.43
CA TYR B 723 -3.03 -25.10 -8.20
C TYR B 723 -4.41 -25.70 -8.41
N PHE B 724 -5.29 -25.00 -9.13
CA PHE B 724 -6.64 -25.52 -9.26
C PHE B 724 -6.70 -26.72 -10.19
N LYS B 725 -5.81 -26.80 -11.16
CA LYS B 725 -5.75 -28.01 -11.95
C LYS B 725 -5.18 -29.17 -11.15
N LEU B 726 -4.19 -28.88 -10.29
CA LEU B 726 -3.56 -29.96 -9.53
C LEU B 726 -4.45 -30.45 -8.41
N LEU B 727 -5.45 -29.66 -8.03
CA LEU B 727 -6.40 -30.12 -7.04
C LEU B 727 -7.01 -31.46 -7.40
N PHE B 728 -7.03 -31.79 -8.69
CA PHE B 728 -7.69 -32.99 -9.18
C PHE B 728 -6.78 -33.89 -9.98
N ASP B 729 -5.48 -33.67 -9.94
CA ASP B 729 -4.55 -34.57 -10.61
C ASP B 729 -4.53 -35.92 -9.92
N GLU B 730 -3.80 -36.85 -10.51
CA GLU B 730 -3.58 -38.14 -9.87
C GLU B 730 -2.27 -38.18 -9.09
N ASN B 731 -1.31 -37.33 -9.44
CA ASN B 731 -0.04 -37.24 -8.74
C ASN B 731 -0.08 -36.27 -7.57
N ASN B 732 -1.25 -35.75 -7.23
CA ASN B 732 -1.41 -34.91 -6.05
C ASN B 732 -2.02 -35.76 -4.94
N HIS B 733 -1.14 -36.29 -4.09
CA HIS B 733 -1.59 -37.25 -3.09
C HIS B 733 -2.26 -36.56 -1.93
N GLY B 734 -1.56 -35.65 -1.25
CA GLY B 734 -2.20 -34.89 -0.21
C GLY B 734 -1.68 -33.48 -0.09
N GLN B 735 -0.82 -33.08 -1.03
CA GLN B 735 -0.05 -31.86 -0.83
C GLN B 735 -0.92 -30.62 -0.99
N ILE B 736 -1.73 -30.56 -2.04
CA ILE B 736 -2.65 -29.45 -2.26
C ILE B 736 -4.06 -29.99 -2.23
N ARG B 737 -4.77 -29.76 -1.15
CA ARG B 737 -6.10 -30.32 -0.98
C ARG B 737 -7.10 -29.20 -0.79
N LEU B 738 -8.36 -29.52 -1.05
CA LEU B 738 -9.43 -28.54 -1.21
C LEU B 738 -10.14 -28.33 0.12
N SER B 739 -9.54 -27.50 0.96
CA SER B 739 -10.16 -27.17 2.23
C SER B 739 -11.53 -26.55 2.01
N GLY B 740 -12.55 -27.16 2.59
CA GLY B 740 -13.91 -26.77 2.27
C GLY B 740 -14.23 -25.35 2.72
N GLY B 741 -15.32 -24.83 2.16
CA GLY B 741 -15.77 -23.49 2.50
C GLY B 741 -15.80 -22.52 1.35
N ALA B 742 -16.08 -23.01 0.14
CA ALA B 742 -16.11 -22.13 -1.01
C ALA B 742 -17.17 -21.05 -0.85
N GLU B 743 -17.14 -20.08 -1.77
CA GLU B 743 -18.11 -18.99 -1.77
C GLU B 743 -18.39 -18.59 -3.21
N LEU B 744 -19.49 -17.90 -3.41
CA LEU B 744 -19.87 -17.40 -4.72
C LEU B 744 -20.47 -16.01 -4.58
N PHE B 745 -19.78 -15.02 -5.11
CA PHE B 745 -20.19 -13.62 -5.02
C PHE B 745 -20.69 -13.17 -6.38
N MET B 746 -21.42 -12.06 -6.39
CA MET B 746 -21.90 -11.45 -7.63
C MET B 746 -21.48 -10.00 -7.65
N ARG B 747 -20.98 -9.53 -8.79
CA ARG B 747 -20.58 -8.15 -8.94
C ARG B 747 -21.46 -7.52 -10.01
N ARG B 748 -22.17 -6.47 -9.64
CA ARG B 748 -22.94 -5.73 -10.63
C ARG B 748 -21.98 -4.96 -11.53
N ALA B 749 -22.47 -4.50 -12.67
CA ALA B 749 -21.66 -3.73 -13.59
C ALA B 749 -21.46 -2.33 -13.04
N SER B 750 -20.23 -1.86 -13.03
CA SER B 750 -19.92 -0.55 -12.48
C SER B 750 -19.70 0.51 -13.54
N LEU B 751 -19.70 0.15 -14.82
CA LEU B 751 -19.53 1.11 -15.90
C LEU B 751 -20.82 1.20 -16.69
N LYS B 752 -21.28 2.42 -16.93
CA LYS B 752 -22.37 2.59 -17.86
C LYS B 752 -21.90 2.27 -19.27
N LYS B 753 -22.75 1.59 -20.03
CA LYS B 753 -22.41 1.29 -21.41
C LYS B 753 -22.38 2.53 -22.29
N GLU B 754 -22.62 3.71 -21.71
CA GLU B 754 -22.35 4.97 -22.36
C GLU B 754 -20.94 5.45 -22.10
N GLU B 755 -20.08 4.60 -21.55
CA GLU B 755 -18.77 5.04 -21.10
C GLU B 755 -17.66 4.05 -21.44
N LEU B 756 -17.95 3.00 -22.18
CA LEU B 756 -16.88 2.16 -22.67
C LEU B 756 -16.11 2.91 -23.74
N VAL B 757 -14.80 2.73 -23.75
CA VAL B 757 -13.95 3.25 -24.81
C VAL B 757 -13.19 2.08 -25.39
N VAL B 758 -13.01 2.07 -26.70
CA VAL B 758 -12.57 0.87 -27.40
C VAL B 758 -11.62 1.26 -28.51
N HIS B 759 -10.45 0.63 -28.55
CA HIS B 759 -9.58 0.76 -29.70
C HIS B 759 -10.23 0.05 -30.87
N PRO B 760 -10.71 0.76 -31.88
CA PRO B 760 -11.57 0.13 -32.88
C PRO B 760 -10.82 -0.93 -33.67
N ALA B 761 -11.59 -1.75 -34.37
CA ALA B 761 -11.02 -2.88 -35.08
C ALA B 761 -10.22 -2.42 -36.28
N ASN B 762 -9.04 -3.03 -36.45
CA ASN B 762 -8.17 -2.80 -37.61
C ASN B 762 -7.65 -1.37 -37.67
N SER B 763 -7.46 -0.74 -36.52
CA SER B 763 -6.86 0.58 -36.52
C SER B 763 -5.53 0.52 -35.82
N PRO B 764 -4.42 0.75 -36.53
CA PRO B 764 -3.09 0.51 -35.95
C PRO B 764 -2.90 1.30 -34.66
N ILE B 765 -2.49 0.62 -33.62
CA ILE B 765 -2.33 1.20 -32.30
C ILE B 765 -0.85 1.38 -32.02
N ALA B 766 -0.53 2.28 -31.11
CA ALA B 766 0.85 2.49 -30.74
C ALA B 766 1.20 1.62 -29.55
N ASN B 767 2.48 1.28 -29.44
CA ASN B 767 2.97 0.39 -28.40
C ASN B 767 3.68 1.19 -27.33
N LYS B 768 3.23 1.04 -26.09
CA LYS B 768 3.69 1.90 -25.01
C LYS B 768 5.11 1.58 -24.57
N ASN B 769 5.67 0.47 -25.01
CA ASN B 769 6.96 0.02 -24.51
C ASN B 769 8.05 0.45 -25.47
N PRO B 770 8.86 1.45 -25.15
CA PRO B 770 9.84 1.95 -26.12
C PRO B 770 10.93 0.96 -26.46
N ASP B 771 11.20 -0.02 -25.61
CA ASP B 771 12.20 -1.03 -25.91
C ASP B 771 11.63 -2.19 -26.71
N ASN B 772 10.40 -2.08 -27.17
CA ASN B 772 9.77 -3.09 -28.00
C ASN B 772 10.12 -2.83 -29.46
N PRO B 773 10.60 -3.83 -30.19
CA PRO B 773 10.88 -3.61 -31.61
C PRO B 773 9.64 -3.26 -32.42
N LYS B 774 8.61 -4.08 -32.37
CA LYS B 774 7.41 -3.86 -33.18
C LYS B 774 6.62 -2.68 -32.63
N LYS B 775 6.50 -1.61 -33.42
CA LYS B 775 5.98 -0.34 -32.92
C LYS B 775 4.54 -0.07 -33.35
N THR B 776 3.76 -1.10 -33.67
CA THR B 776 2.34 -0.95 -33.95
C THR B 776 1.63 -2.24 -33.61
N THR B 777 0.32 -2.26 -33.84
CA THR B 777 -0.47 -3.47 -33.65
C THR B 777 -1.82 -3.29 -34.32
N THR B 778 -2.18 -4.21 -35.18
CA THR B 778 -3.42 -4.14 -35.93
C THR B 778 -4.24 -5.39 -35.61
N LEU B 779 -5.01 -5.31 -34.54
CA LEU B 779 -5.85 -6.43 -34.14
C LEU B 779 -7.15 -6.41 -34.92
N SER B 780 -7.62 -7.60 -35.27
CA SER B 780 -8.83 -7.74 -36.08
C SER B 780 -10.09 -7.88 -35.23
N TYR B 781 -10.12 -7.29 -34.05
CA TYR B 781 -11.30 -7.26 -33.21
C TYR B 781 -11.25 -5.95 -32.42
N ASP B 782 -12.07 -5.86 -31.37
CA ASP B 782 -12.13 -4.65 -30.55
C ASP B 782 -11.49 -4.93 -29.20
N VAL B 783 -10.68 -3.98 -28.73
CA VAL B 783 -10.05 -4.11 -27.43
C VAL B 783 -10.68 -3.13 -26.47
N TYR B 784 -11.75 -3.54 -25.78
CA TYR B 784 -12.43 -2.61 -24.92
C TYR B 784 -11.52 -2.21 -23.76
N LYS B 785 -11.96 -1.25 -22.98
CA LYS B 785 -11.24 -0.84 -21.78
C LYS B 785 -12.09 -1.20 -20.57
N ASP B 786 -11.56 -2.05 -19.70
CA ASP B 786 -12.26 -2.57 -18.55
C ASP B 786 -13.54 -3.28 -18.97
N LYS B 787 -13.42 -4.09 -20.01
CA LYS B 787 -14.57 -4.87 -20.43
C LYS B 787 -15.15 -5.68 -19.29
N ARG B 788 -14.32 -6.07 -18.33
CA ARG B 788 -14.76 -6.95 -17.25
C ARG B 788 -15.63 -6.22 -16.24
N PHE B 789 -15.52 -4.91 -16.15
CA PHE B 789 -16.26 -4.14 -15.16
C PHE B 789 -17.59 -3.63 -15.68
N SER B 790 -17.89 -3.83 -16.96
CA SER B 790 -19.12 -3.35 -17.55
C SER B 790 -20.12 -4.47 -17.77
N GLU B 791 -20.03 -5.55 -17.00
CA GLU B 791 -20.94 -6.67 -17.12
C GLU B 791 -21.06 -7.34 -15.76
N ASP B 792 -22.25 -7.84 -15.46
CA ASP B 792 -22.48 -8.58 -14.24
C ASP B 792 -21.59 -9.81 -14.24
N GLN B 793 -20.77 -9.96 -13.20
CA GLN B 793 -19.78 -11.02 -13.18
C GLN B 793 -19.87 -11.78 -11.87
N TYR B 794 -20.14 -13.09 -11.96
CA TYR B 794 -20.09 -13.93 -10.78
C TYR B 794 -18.66 -14.34 -10.53
N GLU B 795 -18.20 -14.23 -9.29
CA GLU B 795 -16.89 -14.76 -8.96
C GLU B 795 -16.99 -15.81 -7.88
N LEU B 796 -16.00 -16.67 -7.83
CA LEU B 796 -16.02 -17.88 -7.02
C LEU B 796 -14.73 -17.92 -6.22
N HIS B 797 -14.84 -18.20 -4.93
CA HIS B 797 -13.68 -18.21 -4.04
C HIS B 797 -13.56 -19.60 -3.43
N ILE B 798 -12.61 -20.39 -3.90
CA ILE B 798 -12.37 -21.71 -3.34
C ILE B 798 -11.11 -21.64 -2.51
N PRO B 799 -11.14 -21.95 -1.22
CA PRO B 799 -9.91 -21.98 -0.44
C PRO B 799 -9.25 -23.33 -0.55
N ILE B 800 -7.92 -23.34 -0.61
CA ILE B 800 -7.16 -24.57 -0.59
C ILE B 800 -6.18 -24.47 0.56
N ALA B 801 -5.66 -25.63 0.97
CA ALA B 801 -4.75 -25.74 2.11
C ALA B 801 -3.52 -26.52 1.68
N ILE B 802 -2.47 -25.80 1.32
CA ILE B 802 -1.25 -26.42 0.86
C ILE B 802 -0.50 -27.03 2.04
N ASN B 803 0.06 -28.23 1.82
CA ASN B 803 0.79 -28.99 2.82
C ASN B 803 0.01 -29.07 4.13
N LYS B 804 -1.13 -29.77 4.05
CA LYS B 804 -2.00 -29.87 5.20
C LYS B 804 -1.37 -30.70 6.31
N CYS B 805 -0.88 -31.89 5.98
CA CYS B 805 -0.22 -32.76 6.96
C CYS B 805 1.27 -32.74 6.70
N PRO B 806 2.02 -31.88 7.37
CA PRO B 806 3.46 -31.75 7.07
C PRO B 806 4.28 -32.80 7.79
N LYS B 807 5.22 -33.39 7.06
CA LYS B 807 6.09 -34.39 7.66
C LYS B 807 7.33 -33.78 8.28
N ASN B 808 8.15 -33.11 7.47
CA ASN B 808 9.47 -32.69 7.92
C ASN B 808 9.38 -31.51 8.89
N ILE B 809 8.78 -31.71 10.05
CA ILE B 809 8.64 -30.63 11.01
C ILE B 809 9.97 -30.40 11.70
N PHE B 810 10.44 -29.14 11.67
CA PHE B 810 11.62 -28.73 12.41
C PHE B 810 11.71 -27.21 12.32
N LYS B 811 12.46 -26.62 13.24
CA LYS B 811 12.68 -25.19 13.22
C LYS B 811 13.60 -24.83 12.08
N ILE B 812 13.32 -23.73 11.40
CA ILE B 812 14.08 -23.37 10.21
C ILE B 812 15.26 -22.46 10.55
N ASN B 813 15.06 -21.50 11.44
CA ASN B 813 16.15 -20.62 11.83
C ASN B 813 17.37 -21.39 12.31
N THR B 814 17.18 -22.61 12.80
CA THR B 814 18.30 -23.42 13.27
C THR B 814 18.81 -24.35 12.19
N GLU B 815 17.93 -24.87 11.34
CA GLU B 815 18.38 -25.78 10.30
C GLU B 815 19.14 -25.06 9.21
N VAL B 816 18.77 -23.83 8.89
CA VAL B 816 19.56 -23.06 7.95
C VAL B 816 20.95 -22.81 8.49
N ARG B 817 21.05 -22.54 9.79
CA ARG B 817 22.37 -22.31 10.38
C ARG B 817 23.21 -23.57 10.34
N VAL B 818 22.66 -24.70 10.76
CA VAL B 818 23.40 -25.95 10.71
C VAL B 818 23.81 -26.27 9.27
N LEU B 819 22.95 -25.97 8.30
CA LEU B 819 23.28 -26.27 6.91
C LEU B 819 24.33 -25.32 6.36
N LEU B 820 24.40 -24.10 6.89
CA LEU B 820 25.44 -23.18 6.44
C LEU B 820 26.79 -23.52 7.04
N LYS B 821 26.82 -23.85 8.33
CA LYS B 821 28.08 -24.21 8.98
C LYS B 821 28.78 -25.34 8.24
N HIS B 822 28.07 -26.44 8.00
CA HIS B 822 28.67 -27.60 7.37
C HIS B 822 28.91 -27.44 5.87
N ASP B 823 28.44 -26.36 5.27
CA ASP B 823 28.66 -26.17 3.85
C ASP B 823 29.98 -25.44 3.63
N ASP B 824 30.66 -25.78 2.54
CA ASP B 824 31.98 -25.25 2.31
C ASP B 824 31.99 -23.97 1.50
N ASN B 825 31.05 -23.82 0.57
CA ASN B 825 31.02 -22.68 -0.35
C ASN B 825 29.59 -22.18 -0.48
N PRO B 826 29.11 -21.45 0.51
CA PRO B 826 27.74 -20.96 0.46
C PRO B 826 27.63 -19.64 -0.27
N TYR B 827 26.82 -19.58 -1.32
CA TYR B 827 26.61 -18.30 -1.98
C TYR B 827 25.71 -17.43 -1.13
N VAL B 828 25.73 -16.14 -1.42
CA VAL B 828 24.90 -15.18 -0.70
C VAL B 828 24.48 -14.10 -1.67
N ILE B 829 23.19 -13.96 -1.89
CA ILE B 829 22.63 -12.90 -2.71
C ILE B 829 22.53 -11.67 -1.85
N GLY B 830 22.77 -10.50 -2.42
CA GLY B 830 22.67 -9.30 -1.62
C GLY B 830 21.92 -8.26 -2.38
N ILE B 831 20.90 -7.68 -1.76
CA ILE B 831 19.95 -6.83 -2.47
C ILE B 831 19.96 -5.46 -1.81
N ASP B 832 20.30 -4.42 -2.56
CA ASP B 832 20.24 -3.10 -1.95
C ASP B 832 19.77 -2.06 -2.95
N ARG B 833 18.99 -1.11 -2.45
CA ARG B 833 18.44 -0.06 -3.28
C ARG B 833 19.56 0.86 -3.74
N GLY B 834 19.19 1.89 -4.48
CA GLY B 834 20.21 2.76 -5.02
C GLY B 834 19.57 4.01 -5.59
N GLU B 835 20.42 4.92 -6.05
CA GLU B 835 19.95 6.18 -6.60
C GLU B 835 19.71 6.10 -8.10
N ARG B 836 20.59 5.44 -8.84
CA ARG B 836 20.42 5.23 -10.26
C ARG B 836 19.92 3.84 -10.59
N ASN B 837 19.59 3.02 -9.59
CA ASN B 837 19.08 1.68 -9.80
C ASN B 837 18.02 1.41 -8.75
N LEU B 838 16.85 0.98 -9.18
CA LEU B 838 15.77 0.74 -8.24
C LEU B 838 16.15 -0.35 -7.24
N LEU B 839 16.89 -1.36 -7.68
CA LEU B 839 17.33 -2.42 -6.80
C LEU B 839 18.52 -3.10 -7.46
N TYR B 840 19.69 -3.00 -6.85
CA TYR B 840 20.88 -3.65 -7.38
C TYR B 840 21.08 -4.97 -6.67
N ILE B 841 21.48 -5.99 -7.43
CA ILE B 841 21.70 -7.33 -6.92
C ILE B 841 23.16 -7.68 -7.16
N VAL B 842 23.81 -8.26 -6.16
CA VAL B 842 25.08 -8.92 -6.40
C VAL B 842 25.17 -10.16 -5.52
N VAL B 843 25.58 -11.26 -6.13
CA VAL B 843 25.59 -12.55 -5.46
C VAL B 843 27.04 -12.99 -5.35
N VAL B 844 27.52 -13.15 -4.13
CA VAL B 844 28.93 -13.38 -3.84
C VAL B 844 29.07 -14.76 -3.23
N ASP B 845 30.07 -15.52 -3.68
CA ASP B 845 30.24 -16.89 -3.21
C ASP B 845 30.89 -16.92 -1.84
N GLY B 846 31.29 -18.11 -1.39
CA GLY B 846 31.66 -18.28 -0.01
C GLY B 846 32.94 -17.60 0.40
N LYS B 847 33.79 -17.23 -0.55
CA LYS B 847 35.06 -16.60 -0.24
C LYS B 847 35.00 -15.08 -0.27
N GLY B 848 34.18 -14.50 -1.14
CA GLY B 848 34.10 -13.07 -1.27
C GLY B 848 34.12 -12.63 -2.71
N ASN B 849 34.28 -13.57 -3.62
CA ASN B 849 34.29 -13.26 -5.04
C ASN B 849 32.90 -12.86 -5.49
N ILE B 850 32.83 -11.98 -6.48
CA ILE B 850 31.54 -11.60 -7.04
C ILE B 850 31.28 -12.45 -8.27
N VAL B 851 30.27 -13.31 -8.18
CA VAL B 851 30.00 -14.26 -9.25
C VAL B 851 28.96 -13.75 -10.23
N GLU B 852 28.18 -12.74 -9.85
CA GLU B 852 27.17 -12.16 -10.73
C GLU B 852 26.67 -10.88 -10.09
N GLN B 853 26.52 -9.84 -10.88
CA GLN B 853 26.05 -8.57 -10.35
C GLN B 853 25.36 -7.79 -11.46
N TYR B 854 24.17 -7.28 -11.19
CA TYR B 854 23.45 -6.50 -12.19
C TYR B 854 22.39 -5.68 -11.48
N SER B 855 21.57 -5.00 -12.30
CA SER B 855 20.47 -4.13 -11.80
C SER B 855 19.11 -4.73 -12.18
N LEU B 856 18.08 -4.47 -11.36
CA LEU B 856 16.71 -5.01 -11.58
C LEU B 856 15.84 -3.97 -12.31
N ASN B 857 16.44 -2.87 -12.77
CA ASN B 857 15.68 -1.79 -13.44
C ASN B 857 15.00 -2.35 -14.71
N GLU B 858 15.73 -3.18 -15.47
CA GLU B 858 15.19 -3.79 -16.68
C GLU B 858 14.73 -5.20 -16.36
N ILE B 859 13.43 -5.37 -16.17
CA ILE B 859 12.88 -6.70 -15.99
C ILE B 859 12.71 -7.33 -17.36
N ILE B 860 13.43 -8.42 -17.61
CA ILE B 860 13.44 -9.05 -18.93
C ILE B 860 12.39 -10.15 -18.92
N ASN B 861 11.24 -9.90 -19.54
CA ASN B 861 10.18 -10.88 -19.61
C ASN B 861 10.47 -11.85 -20.75
N ASN B 862 10.43 -13.13 -20.44
CA ASN B 862 10.85 -14.18 -21.35
C ASN B 862 9.66 -15.05 -21.70
N PHE B 863 9.34 -15.14 -22.99
CA PHE B 863 8.22 -15.96 -23.42
C PHE B 863 8.52 -16.56 -24.77
N ASN B 864 8.14 -17.84 -24.94
CA ASN B 864 8.23 -18.53 -26.22
C ASN B 864 9.60 -18.36 -26.87
N GLY B 865 10.65 -18.39 -26.07
CA GLY B 865 12.01 -18.35 -26.58
C GLY B 865 12.53 -16.98 -26.94
N ILE B 866 11.69 -15.94 -26.88
CA ILE B 866 12.12 -14.57 -27.16
C ILE B 866 11.96 -13.77 -25.88
N ARG B 867 12.83 -12.80 -25.68
CA ARG B 867 12.82 -12.02 -24.45
C ARG B 867 12.77 -10.55 -24.77
N ILE B 868 11.89 -9.83 -24.07
CA ILE B 868 11.68 -8.41 -24.27
C ILE B 868 11.86 -7.73 -22.93
N LYS B 869 12.65 -6.66 -22.91
CA LYS B 869 13.04 -6.09 -21.64
C LYS B 869 12.20 -4.88 -21.30
N THR B 870 11.26 -5.05 -20.39
CA THR B 870 10.48 -3.92 -19.90
C THR B 870 11.34 -3.17 -18.90
N ASP B 871 11.67 -1.92 -19.22
CA ASP B 871 12.34 -1.11 -18.22
C ASP B 871 11.34 -0.74 -17.13
N TYR B 872 11.87 -0.48 -15.94
CA TYR B 872 11.04 -0.01 -14.82
C TYR B 872 11.66 1.18 -14.13
N HIS B 873 12.67 1.79 -14.72
CA HIS B 873 13.20 3.05 -14.23
C HIS B 873 12.83 4.22 -15.10
N SER B 874 12.99 4.10 -16.42
CA SER B 874 12.48 5.12 -17.31
C SER B 874 10.97 5.25 -17.17
N LEU B 875 10.29 4.16 -16.86
CA LEU B 875 8.84 4.22 -16.66
C LEU B 875 8.50 4.97 -15.38
N LEU B 876 9.20 4.68 -14.29
CA LEU B 876 8.98 5.43 -13.07
C LEU B 876 9.46 6.86 -13.21
N ASP B 877 10.47 7.11 -14.03
CA ASP B 877 10.88 8.48 -14.29
C ASP B 877 9.81 9.24 -15.06
N LYS B 878 9.15 8.59 -16.01
CA LYS B 878 8.04 9.23 -16.70
C LYS B 878 6.90 9.54 -15.74
N LYS B 879 6.54 8.59 -14.88
CA LYS B 879 5.45 8.89 -13.96
C LYS B 879 5.82 9.96 -12.96
N GLU B 880 7.10 10.12 -12.64
CA GLU B 880 7.48 11.21 -11.76
C GLU B 880 7.42 12.55 -12.48
N LYS B 881 7.89 12.60 -13.72
CA LYS B 881 7.74 13.82 -14.50
C LYS B 881 6.29 14.17 -14.72
N GLU B 882 5.43 13.13 -14.76
CA GLU B 882 3.95 13.26 -14.88
C GLU B 882 3.36 13.86 -13.60
N ARG B 883 3.77 13.35 -12.42
CA ARG B 883 3.34 13.88 -11.14
C ARG B 883 3.80 15.33 -10.95
N PHE B 884 4.95 15.67 -11.53
CA PHE B 884 5.51 17.00 -11.33
C PHE B 884 4.61 18.09 -11.87
N GLU B 885 3.82 17.80 -12.89
CA GLU B 885 3.04 18.81 -13.60
C GLU B 885 1.57 18.42 -13.68
N ALA B 886 0.99 18.00 -12.56
CA ALA B 886 -0.38 17.51 -12.57
C ALA B 886 -1.32 18.37 -11.74
N ARG B 887 -0.80 19.27 -10.92
CA ARG B 887 -1.57 20.28 -10.21
C ARG B 887 -2.47 19.70 -9.12
N GLN B 888 -2.56 18.38 -8.99
CA GLN B 888 -3.30 17.82 -7.86
C GLN B 888 -2.60 16.69 -7.13
N ASN B 889 -1.68 15.95 -7.76
CA ASN B 889 -0.79 15.00 -7.09
C ASN B 889 -1.50 14.06 -6.13
N TRP B 890 -2.79 13.78 -6.32
CA TRP B 890 -3.49 12.87 -5.43
C TRP B 890 -3.83 11.53 -6.05
N THR B 891 -4.16 11.50 -7.33
CA THR B 891 -4.26 10.26 -8.07
C THR B 891 -3.02 10.00 -8.88
N SER B 892 -2.15 11.00 -9.02
CA SER B 892 -0.89 10.83 -9.71
C SER B 892 0.23 10.41 -8.79
N ILE B 893 -0.03 10.35 -7.49
CA ILE B 893 0.92 9.77 -6.54
C ILE B 893 0.40 8.49 -5.92
N GLU B 894 -0.82 8.08 -6.24
CA GLU B 894 -1.23 6.72 -5.98
C GLU B 894 -0.89 5.82 -7.17
N ASN B 895 -0.76 6.38 -8.37
CA ASN B 895 -0.30 5.60 -9.50
C ASN B 895 1.14 5.16 -9.31
N ILE B 896 1.99 6.04 -8.79
CA ILE B 896 3.37 5.64 -8.55
C ILE B 896 3.44 4.63 -7.42
N LYS B 897 2.55 4.74 -6.44
CA LYS B 897 2.58 3.81 -5.32
C LYS B 897 1.98 2.47 -5.71
N GLU B 898 1.21 2.43 -6.80
CA GLU B 898 0.72 1.16 -7.31
C GLU B 898 1.58 0.63 -8.44
N LEU B 899 2.52 1.42 -8.92
CA LEU B 899 3.54 0.88 -9.81
C LEU B 899 4.69 0.28 -9.01
N LYS B 900 5.27 1.06 -8.09
CA LYS B 900 6.36 0.54 -7.26
C LYS B 900 5.96 -0.68 -6.47
N ALA B 901 4.68 -1.03 -6.43
CA ALA B 901 4.21 -2.26 -5.80
C ALA B 901 3.67 -3.23 -6.82
N GLY B 902 3.98 -3.01 -8.09
CA GLY B 902 3.70 -3.96 -9.13
C GLY B 902 4.99 -4.11 -9.88
N TYR B 903 6.03 -3.51 -9.31
CA TYR B 903 7.39 -3.77 -9.70
C TYR B 903 8.08 -4.75 -8.78
N ILE B 904 7.70 -4.79 -7.52
CA ILE B 904 8.33 -5.65 -6.53
C ILE B 904 7.48 -6.90 -6.44
N SER B 905 6.74 -7.19 -7.50
CA SER B 905 6.18 -8.49 -7.73
C SER B 905 6.75 -9.13 -8.97
N GLN B 906 7.53 -8.38 -9.74
CA GLN B 906 8.35 -8.92 -10.80
C GLN B 906 9.81 -8.90 -10.46
N VAL B 907 10.17 -8.38 -9.29
CA VAL B 907 11.50 -8.60 -8.73
C VAL B 907 11.50 -9.89 -7.93
N VAL B 908 10.38 -10.20 -7.26
CA VAL B 908 10.29 -11.40 -6.45
C VAL B 908 10.56 -12.65 -7.28
N HIS B 909 10.17 -12.64 -8.54
CA HIS B 909 10.55 -13.76 -9.38
C HIS B 909 12.04 -13.75 -9.66
N LYS B 910 12.63 -12.58 -9.92
CA LYS B 910 14.06 -12.57 -10.19
C LYS B 910 14.88 -12.91 -8.96
N ILE B 911 14.29 -12.91 -7.77
CA ILE B 911 14.99 -13.36 -6.57
C ILE B 911 14.77 -14.85 -6.34
N CYS B 912 13.54 -15.33 -6.54
CA CYS B 912 13.29 -16.76 -6.44
C CYS B 912 13.80 -17.52 -7.64
N GLU B 913 14.45 -16.85 -8.59
CA GLU B 913 15.21 -17.57 -9.59
C GLU B 913 16.65 -17.78 -9.14
N LEU B 914 17.25 -16.76 -8.55
CA LEU B 914 18.61 -16.92 -8.05
C LEU B 914 18.66 -17.83 -6.84
N VAL B 915 17.65 -17.78 -5.96
CA VAL B 915 17.66 -18.64 -4.80
C VAL B 915 17.60 -20.11 -5.21
N GLU B 916 17.11 -20.40 -6.40
CA GLU B 916 17.15 -21.78 -6.87
C GLU B 916 18.35 -22.06 -7.75
N LYS B 917 18.87 -21.06 -8.44
CA LYS B 917 20.02 -21.27 -9.30
C LYS B 917 21.30 -21.41 -8.50
N TYR B 918 21.32 -20.91 -7.26
CA TYR B 918 22.54 -20.88 -6.48
C TYR B 918 22.44 -21.55 -5.12
N ASP B 919 21.25 -21.91 -4.66
CA ASP B 919 21.05 -22.38 -3.30
C ASP B 919 21.52 -21.35 -2.29
N ALA B 920 21.32 -20.09 -2.58
CA ALA B 920 21.90 -19.05 -1.76
C ALA B 920 20.97 -18.65 -0.63
N VAL B 921 21.52 -17.93 0.34
CA VAL B 921 20.74 -17.21 1.29
C VAL B 921 20.62 -15.79 0.77
N ILE B 922 19.70 -15.02 1.32
CA ILE B 922 19.44 -13.66 0.84
C ILE B 922 19.83 -12.68 1.93
N ALA B 923 20.43 -11.57 1.54
CA ALA B 923 20.88 -10.55 2.48
C ALA B 923 20.20 -9.24 2.13
N LEU B 924 19.21 -8.88 2.94
CA LEU B 924 18.41 -7.69 2.75
C LEU B 924 18.80 -6.64 3.77
N GLU B 925 18.59 -5.39 3.40
CA GLU B 925 18.80 -4.30 4.34
C GLU B 925 17.85 -4.45 5.51
N ASP B 926 18.24 -3.91 6.66
CA ASP B 926 17.38 -3.94 7.84
C ASP B 926 16.83 -2.54 8.07
N LEU B 927 15.50 -2.42 8.05
CA LEU B 927 14.86 -1.12 7.92
C LEU B 927 14.58 -0.45 9.26
N ASN B 928 14.74 -1.16 10.37
CA ASN B 928 14.50 -0.53 11.66
C ASN B 928 15.62 0.39 12.10
N SER B 929 16.79 0.31 11.47
CA SER B 929 17.97 0.99 11.97
C SER B 929 18.75 1.65 10.82
N GLY B 930 18.06 2.40 9.97
CA GLY B 930 18.73 2.97 8.82
C GLY B 930 18.02 4.21 8.31
N PHE B 931 18.79 5.09 7.67
CA PHE B 931 18.30 6.36 7.15
C PHE B 931 18.87 6.51 5.74
N LYS B 932 18.13 6.02 4.74
CA LYS B 932 18.54 6.18 3.35
C LYS B 932 18.23 7.58 2.88
N ASN B 933 19.13 8.12 2.06
CA ASN B 933 19.27 9.56 1.92
C ASN B 933 18.35 10.10 0.84
N SER B 934 17.05 9.89 1.01
CA SER B 934 16.04 10.81 0.51
C SER B 934 16.03 10.97 -1.01
N ARG B 935 16.97 10.34 -1.69
CA ARG B 935 17.04 10.36 -3.14
C ARG B 935 17.12 8.97 -3.72
N VAL B 936 17.26 7.96 -2.85
CA VAL B 936 17.10 6.58 -3.28
C VAL B 936 15.68 6.38 -3.75
N LYS B 937 15.51 5.60 -4.81
CA LYS B 937 14.23 5.59 -5.50
C LYS B 937 13.16 4.85 -4.71
N VAL B 938 13.43 3.60 -4.34
CA VAL B 938 12.46 2.78 -3.63
C VAL B 938 12.47 3.19 -2.17
N GLU B 939 11.51 4.02 -1.76
CA GLU B 939 11.50 4.53 -0.40
C GLU B 939 11.20 3.43 0.59
N LYS B 940 11.27 3.74 1.87
CA LYS B 940 11.15 2.72 2.90
C LYS B 940 9.77 2.11 2.95
N GLN B 941 8.74 2.93 2.79
CA GLN B 941 7.38 2.42 2.88
C GLN B 941 7.08 1.36 1.82
N VAL B 942 7.77 1.42 0.69
CA VAL B 942 7.60 0.41 -0.34
C VAL B 942 8.58 -0.75 -0.14
N TYR B 943 9.75 -0.48 0.43
CA TYR B 943 10.63 -1.59 0.73
C TYR B 943 9.99 -2.54 1.73
N GLN B 944 9.52 -2.04 2.87
CA GLN B 944 8.81 -2.91 3.81
C GLN B 944 7.75 -3.74 3.12
N LYS B 945 7.12 -3.21 2.07
CA LYS B 945 6.20 -3.99 1.29
C LYS B 945 6.92 -5.01 0.42
N PHE B 946 8.19 -4.77 0.11
CA PHE B 946 8.97 -5.77 -0.62
C PHE B 946 9.45 -6.90 0.26
N GLU B 947 10.04 -6.60 1.41
CA GLU B 947 10.47 -7.64 2.33
C GLU B 947 9.32 -8.46 2.86
N LYS B 948 8.09 -7.97 2.80
CA LYS B 948 6.93 -8.73 3.20
C LYS B 948 6.32 -9.48 2.04
N MET B 949 6.68 -9.13 0.82
CA MET B 949 6.24 -9.84 -0.37
C MET B 949 7.24 -10.91 -0.77
N LEU B 950 8.47 -10.82 -0.27
CA LEU B 950 9.49 -11.83 -0.49
C LEU B 950 9.46 -12.91 0.57
N ILE B 951 8.82 -12.65 1.70
CA ILE B 951 8.59 -13.69 2.70
C ILE B 951 7.38 -14.52 2.32
N ASP B 952 6.29 -13.86 1.95
CA ASP B 952 5.09 -14.58 1.56
C ASP B 952 5.29 -15.39 0.29
N LYS B 953 6.33 -15.12 -0.48
CA LYS B 953 6.61 -15.96 -1.63
C LYS B 953 7.50 -17.11 -1.27
N LEU B 954 8.52 -16.88 -0.45
CA LEU B 954 9.39 -17.97 -0.05
C LEU B 954 8.70 -18.94 0.88
N ASN B 955 7.58 -18.56 1.50
CA ASN B 955 6.80 -19.53 2.26
C ASN B 955 6.54 -20.78 1.46
N TYR B 956 6.17 -20.65 0.19
CA TYR B 956 5.90 -21.80 -0.64
C TYR B 956 6.50 -21.56 -2.03
N MET B 957 7.78 -21.19 -2.09
CA MET B 957 8.44 -20.95 -3.37
C MET B 957 8.14 -22.08 -4.34
N VAL B 958 7.87 -21.73 -5.60
CA VAL B 958 7.46 -22.69 -6.60
C VAL B 958 7.76 -22.13 -7.98
N ASP B 959 8.20 -23.00 -8.88
CA ASP B 959 8.53 -22.61 -10.24
C ASP B 959 7.42 -23.07 -11.18
N LYS B 960 6.81 -22.12 -11.90
CA LYS B 960 5.68 -22.43 -12.81
C LYS B 960 6.08 -23.38 -13.93
N LYS B 961 7.29 -23.20 -14.49
CA LYS B 961 7.71 -23.96 -15.66
C LYS B 961 8.40 -25.27 -15.31
N SER B 962 8.11 -25.83 -14.14
CA SER B 962 8.75 -27.06 -13.71
C SER B 962 7.73 -28.19 -13.62
N ASN B 963 8.23 -29.41 -13.77
CA ASN B 963 7.43 -30.61 -13.61
C ASN B 963 6.75 -30.59 -12.25
N PRO B 964 5.42 -30.65 -12.18
CA PRO B 964 4.73 -30.37 -10.92
C PRO B 964 5.04 -31.35 -9.80
N CYS B 965 5.76 -32.43 -10.06
CA CYS B 965 6.09 -33.34 -8.97
C CYS B 965 7.49 -33.11 -8.44
N ALA B 966 8.42 -32.69 -9.31
CA ALA B 966 9.81 -32.53 -8.93
C ALA B 966 9.95 -31.51 -7.83
N THR B 967 11.00 -31.66 -7.03
CA THR B 967 11.23 -30.71 -5.95
C THR B 967 11.47 -29.34 -6.53
N GLY B 968 10.66 -28.38 -6.07
CA GLY B 968 10.62 -27.06 -6.64
C GLY B 968 9.35 -26.76 -7.38
N GLY B 969 8.72 -27.77 -7.97
CA GLY B 969 7.49 -27.60 -8.70
C GLY B 969 6.30 -27.45 -7.78
N ALA B 970 5.12 -27.33 -8.39
CA ALA B 970 3.96 -26.81 -7.70
C ALA B 970 3.48 -27.68 -6.54
N LEU B 971 3.86 -28.96 -6.49
CA LEU B 971 3.39 -29.81 -5.42
C LEU B 971 4.39 -29.97 -4.29
N LYS B 972 5.68 -29.82 -4.58
CA LYS B 972 6.71 -30.01 -3.58
C LYS B 972 7.59 -28.77 -3.51
N GLY B 973 6.97 -27.61 -3.35
CA GLY B 973 7.71 -26.37 -3.37
C GLY B 973 8.41 -26.12 -2.05
N TYR B 974 9.52 -25.40 -2.13
CA TYR B 974 10.35 -25.12 -0.98
C TYR B 974 9.61 -24.26 0.01
N GLN B 975 9.94 -24.41 1.30
CA GLN B 975 9.41 -23.56 2.35
C GLN B 975 10.60 -23.08 3.16
N ILE B 976 11.24 -22.00 2.72
CA ILE B 976 12.50 -21.60 3.31
C ILE B 976 12.35 -20.34 4.13
N THR B 977 11.18 -20.10 4.70
CA THR B 977 11.00 -18.97 5.59
C THR B 977 9.75 -19.19 6.42
N ASN B 978 9.73 -18.58 7.60
CA ASN B 978 8.59 -18.68 8.48
C ASN B 978 7.51 -17.72 8.01
N LYS B 979 6.28 -17.90 8.49
CA LYS B 979 5.22 -17.00 8.09
C LYS B 979 5.54 -15.58 8.53
N PHE B 980 4.91 -14.62 7.88
CA PHE B 980 5.14 -13.22 8.20
C PHE B 980 4.35 -12.86 9.46
N GLU B 981 5.05 -12.38 10.48
CA GLU B 981 4.41 -12.03 11.74
C GLU B 981 4.04 -10.55 11.81
N SER B 982 5.03 -9.66 11.69
CA SER B 982 4.78 -8.23 11.74
C SER B 982 6.03 -7.48 11.33
N PHE B 983 5.85 -6.24 10.87
CA PHE B 983 6.95 -5.47 10.30
C PHE B 983 8.10 -5.26 11.25
N LYS B 984 7.88 -5.39 12.55
CA LYS B 984 8.94 -5.20 13.53
C LYS B 984 9.67 -6.49 13.83
N SER B 985 9.17 -7.62 13.34
CA SER B 985 9.82 -8.91 13.50
C SER B 985 10.63 -9.25 12.25
N MET B 986 11.18 -8.22 11.62
CA MET B 986 12.14 -8.36 10.54
C MET B 986 13.50 -7.97 11.09
N SER B 987 14.19 -8.93 11.70
CA SER B 987 15.47 -8.63 12.31
C SER B 987 16.26 -9.90 12.55
N THR B 988 17.47 -9.90 12.00
CA THR B 988 18.58 -10.78 12.32
C THR B 988 18.45 -12.20 11.80
N GLN B 989 17.27 -12.64 11.39
CA GLN B 989 17.13 -13.93 10.73
C GLN B 989 15.68 -14.13 10.33
N ASN B 990 15.49 -14.81 9.20
CA ASN B 990 14.21 -15.42 8.88
C ASN B 990 14.52 -16.41 7.76
N GLY B 991 14.42 -17.70 8.05
CA GLY B 991 14.69 -18.72 7.06
C GLY B 991 15.98 -18.47 6.31
N PHE B 992 15.89 -18.34 4.99
CA PHE B 992 17.03 -17.98 4.18
C PHE B 992 17.26 -16.49 4.07
N ILE B 993 16.50 -15.67 4.80
CA ILE B 993 16.49 -14.23 4.57
C ILE B 993 17.15 -13.57 5.77
N PHE B 994 18.45 -13.33 5.68
CA PHE B 994 19.19 -12.68 6.75
C PHE B 994 18.97 -11.17 6.67
N TYR B 995 18.45 -10.58 7.73
CA TYR B 995 18.32 -9.13 7.80
C TYR B 995 19.56 -8.57 8.46
N ILE B 996 20.35 -7.82 7.70
CA ILE B 996 21.63 -7.30 8.17
C ILE B 996 21.55 -5.78 8.15
N PRO B 997 22.09 -5.08 9.16
CA PRO B 997 22.04 -3.62 9.13
C PRO B 997 22.89 -3.08 8.01
N ALA B 998 22.72 -1.80 7.71
CA ALA B 998 23.32 -1.23 6.51
C ALA B 998 24.09 0.03 6.82
N TRP B 999 24.93 0.01 7.84
CA TRP B 999 25.81 1.13 8.11
C TRP B 999 27.18 0.88 7.49
N LEU B 1000 27.82 1.96 7.07
CA LEU B 1000 29.16 1.90 6.47
C LEU B 1000 29.20 0.86 5.38
N THR B 1001 28.18 0.87 4.53
CA THR B 1001 28.03 -0.16 3.51
C THR B 1001 28.29 0.35 2.11
N SER B 1002 27.86 1.56 1.78
CA SER B 1002 28.04 2.09 0.44
C SER B 1002 29.24 2.99 0.29
N LYS B 1003 29.60 3.75 1.32
CA LYS B 1003 30.77 4.61 1.26
C LYS B 1003 31.99 3.94 1.87
N ILE B 1004 32.36 2.77 1.36
CA ILE B 1004 33.49 2.02 1.87
C ILE B 1004 34.14 1.31 0.71
N ASP B 1005 35.35 1.70 0.36
CA ASP B 1005 36.00 1.17 -0.82
C ASP B 1005 36.28 -0.31 -0.62
N PRO B 1006 35.92 -1.17 -1.58
CA PRO B 1006 36.05 -2.62 -1.37
C PRO B 1006 37.38 -3.22 -1.81
N SER B 1007 38.31 -2.43 -2.31
CA SER B 1007 39.63 -2.97 -2.62
C SER B 1007 40.46 -3.14 -1.36
N THR B 1008 40.33 -2.20 -0.42
CA THR B 1008 41.04 -2.24 0.84
C THR B 1008 40.09 -2.41 2.02
N GLY B 1009 39.13 -1.52 2.15
CA GLY B 1009 38.27 -1.52 3.30
C GLY B 1009 38.29 -0.16 3.96
N PHE B 1010 38.86 0.81 3.26
CA PHE B 1010 38.89 2.17 3.78
C PHE B 1010 37.50 2.65 4.09
N VAL B 1011 37.40 3.63 4.98
CA VAL B 1011 36.17 4.35 5.21
C VAL B 1011 36.55 5.72 5.74
N ASN B 1012 35.64 6.67 5.62
CA ASN B 1012 35.92 8.06 5.98
C ASN B 1012 35.28 8.36 7.32
N LEU B 1013 36.11 8.43 8.36
CA LEU B 1013 35.63 8.63 9.72
C LEU B 1013 36.01 9.98 10.28
N LEU B 1014 36.53 10.89 9.46
CA LEU B 1014 36.89 12.21 9.95
C LEU B 1014 35.67 13.11 10.05
N LYS B 1015 35.92 14.40 10.28
CA LYS B 1015 34.89 15.45 10.28
C LYS B 1015 35.56 16.64 9.60
N THR B 1016 35.35 16.76 8.29
CA THR B 1016 36.09 17.73 7.49
C THR B 1016 35.26 18.95 7.11
N LYS B 1017 34.41 19.42 7.99
CA LYS B 1017 33.74 20.70 7.78
C LYS B 1017 34.45 21.78 8.57
N TYR B 1018 34.36 23.01 8.08
CA TYR B 1018 35.08 24.12 8.67
C TYR B 1018 34.31 24.70 9.86
N THR B 1019 35.02 24.95 10.95
CA THR B 1019 34.46 25.64 12.10
C THR B 1019 35.20 26.92 12.46
N SER B 1020 36.52 26.86 12.56
CA SER B 1020 37.31 28.00 12.98
C SER B 1020 38.75 27.80 12.51
N ILE B 1021 39.66 28.59 13.07
CA ILE B 1021 41.07 28.43 12.72
C ILE B 1021 41.78 27.55 13.73
N ALA B 1022 41.34 27.56 14.99
CA ALA B 1022 41.93 26.67 15.98
C ALA B 1022 41.68 25.22 15.61
N ASP B 1023 40.43 24.87 15.35
CA ASP B 1023 40.10 23.50 14.95
C ASP B 1023 40.83 23.11 13.68
N SER B 1024 40.93 24.02 12.72
CA SER B 1024 41.57 23.69 11.45
C SER B 1024 43.07 23.46 11.63
N LYS B 1025 43.73 24.29 12.44
CA LYS B 1025 45.16 24.06 12.68
C LYS B 1025 45.39 22.78 13.46
N LYS B 1026 44.54 22.49 14.45
CA LYS B 1026 44.64 21.21 15.14
C LYS B 1026 44.45 20.04 14.19
N PHE B 1027 43.52 20.17 13.25
CA PHE B 1027 43.32 19.16 12.22
C PHE B 1027 44.60 18.95 11.42
N ILE B 1028 45.07 20.00 10.74
CA ILE B 1028 46.26 19.84 9.90
C ILE B 1028 47.47 19.43 10.72
N SER B 1029 47.41 19.59 12.04
CA SER B 1029 48.48 19.09 12.88
C SER B 1029 48.24 17.66 13.36
N SER B 1030 47.04 17.12 13.16
CA SER B 1030 46.74 15.77 13.59
C SER B 1030 47.17 14.71 12.58
N PHE B 1031 47.57 15.10 11.39
CA PHE B 1031 48.09 14.16 10.41
C PHE B 1031 49.47 13.71 10.83
N ASP B 1032 50.12 12.88 10.00
CA ASP B 1032 51.53 12.59 10.16
C ASP B 1032 52.39 13.11 9.03
N ARG B 1033 51.89 13.11 7.79
CA ARG B 1033 52.68 13.65 6.69
C ARG B 1033 51.76 14.32 5.69
N ILE B 1034 52.19 15.49 5.22
CA ILE B 1034 51.57 16.15 4.07
C ILE B 1034 52.66 16.46 3.07
N MET B 1035 52.94 15.55 2.15
CA MET B 1035 54.11 15.71 1.29
C MET B 1035 53.77 15.48 -0.17
N TYR B 1036 54.28 16.36 -1.02
CA TYR B 1036 54.10 16.26 -2.46
C TYR B 1036 55.18 15.33 -3.03
N VAL B 1037 54.80 14.08 -3.25
CA VAL B 1037 55.68 13.19 -4.00
C VAL B 1037 55.72 13.72 -5.42
N PRO B 1038 56.88 13.96 -5.99
CA PRO B 1038 56.94 14.52 -7.35
C PRO B 1038 56.86 13.45 -8.42
N GLU B 1039 57.21 12.21 -8.08
CA GLU B 1039 57.18 11.15 -9.09
C GLU B 1039 55.77 10.72 -9.45
N GLU B 1040 54.83 10.89 -8.52
CA GLU B 1040 53.45 10.49 -8.76
C GLU B 1040 52.51 11.68 -8.92
N ASP B 1041 53.00 12.90 -8.72
CA ASP B 1041 52.19 14.11 -8.81
C ASP B 1041 50.99 14.04 -7.89
N LEU B 1042 51.21 13.52 -6.69
CA LEU B 1042 50.14 13.34 -5.71
C LEU B 1042 50.56 13.98 -4.41
N PHE B 1043 49.57 14.28 -3.58
CA PHE B 1043 49.77 14.90 -2.28
C PHE B 1043 49.51 13.84 -1.20
N GLU B 1044 50.55 13.11 -0.83
CA GLU B 1044 50.39 12.03 0.13
C GLU B 1044 50.08 12.62 1.51
N PHE B 1045 48.94 12.22 2.06
CA PHE B 1045 48.55 12.54 3.43
C PHE B 1045 48.67 11.26 4.25
N ALA B 1046 49.74 11.13 5.01
CA ALA B 1046 49.88 9.99 5.90
C ALA B 1046 49.15 10.32 7.20
N LEU B 1047 48.02 9.64 7.42
CA LEU B 1047 47.24 9.87 8.63
C LEU B 1047 47.18 8.60 9.47
N ASP B 1048 47.04 8.80 10.76
CA ASP B 1048 46.86 7.73 11.74
C ASP B 1048 45.56 8.01 12.47
N TYR B 1049 44.63 7.06 12.41
CA TYR B 1049 43.31 7.32 12.95
C TYR B 1049 43.27 7.39 14.46
N LYS B 1050 44.39 7.26 15.14
CA LYS B 1050 44.40 7.34 16.59
C LYS B 1050 44.24 8.77 17.09
N ASN B 1051 44.74 9.75 16.34
CA ASN B 1051 44.73 11.12 16.82
C ASN B 1051 43.33 11.72 16.79
N PHE B 1052 42.55 11.37 15.78
CA PHE B 1052 41.24 11.99 15.61
C PHE B 1052 40.21 11.35 16.53
N SER B 1053 39.03 11.95 16.57
CA SER B 1053 37.98 11.55 17.49
C SER B 1053 36.90 10.74 16.79
N ARG B 1054 36.26 9.87 17.57
CA ARG B 1054 35.16 9.02 17.11
C ARG B 1054 35.61 7.97 16.10
N THR B 1055 36.92 7.79 15.94
CA THR B 1055 37.47 6.81 15.02
C THR B 1055 37.88 5.55 15.74
N ASP B 1056 37.14 5.17 16.77
CA ASP B 1056 37.40 3.91 17.46
C ASP B 1056 36.90 2.71 16.68
N ALA B 1057 36.17 2.93 15.59
CA ALA B 1057 35.62 1.81 14.84
C ALA B 1057 36.67 1.14 13.97
N ASP B 1058 37.61 1.91 13.44
CA ASP B 1058 38.51 1.40 12.41
C ASP B 1058 39.42 0.32 12.98
N TYR B 1059 40.14 -0.34 12.08
CA TYR B 1059 41.03 -1.44 12.47
C TYR B 1059 42.48 -1.20 12.11
N ILE B 1060 42.78 -0.80 10.87
CA ILE B 1060 44.16 -0.60 10.48
C ILE B 1060 44.73 0.62 11.16
N LYS B 1061 44.01 1.74 11.13
CA LYS B 1061 44.34 2.97 11.83
C LYS B 1061 45.58 3.67 11.30
N LYS B 1062 46.13 3.23 10.18
CA LYS B 1062 47.29 3.90 9.58
C LYS B 1062 47.12 3.89 8.06
N TRP B 1063 46.60 4.98 7.51
CA TRP B 1063 46.28 5.06 6.10
C TRP B 1063 47.16 6.09 5.42
N LYS B 1064 47.41 5.86 4.13
CA LYS B 1064 48.18 6.76 3.29
C LYS B 1064 47.23 7.33 2.24
N LEU B 1065 46.51 8.38 2.60
CA LEU B 1065 45.64 9.03 1.64
C LEU B 1065 46.45 9.65 0.51
N TYR B 1066 45.85 9.72 -0.67
CA TYR B 1066 46.48 10.39 -1.79
C TYR B 1066 45.50 11.40 -2.39
N SER B 1067 45.85 11.97 -3.53
CA SER B 1067 44.95 12.86 -4.25
C SER B 1067 44.64 12.35 -5.64
N TYR B 1068 44.67 11.05 -5.85
CA TYR B 1068 44.45 10.50 -7.18
C TYR B 1068 43.04 10.78 -7.66
N GLY B 1069 42.89 10.92 -8.97
CA GLY B 1069 41.60 11.03 -9.59
C GLY B 1069 41.00 12.42 -9.45
N ASN B 1070 39.79 12.54 -9.99
CA ASN B 1070 39.02 13.77 -9.94
C ASN B 1070 37.76 13.52 -9.12
N ARG B 1071 37.10 14.59 -8.71
CA ARG B 1071 35.88 14.49 -7.93
C ARG B 1071 34.83 15.41 -8.50
N ILE B 1072 33.62 15.28 -8.00
CA ILE B 1072 32.45 15.95 -8.56
C ILE B 1072 31.81 16.75 -7.44
N ARG B 1073 32.20 18.01 -7.31
CA ARG B 1073 31.66 18.86 -6.27
C ARG B 1073 30.22 19.24 -6.57
N ILE B 1074 29.39 19.26 -5.53
CA ILE B 1074 27.95 19.46 -5.74
C ILE B 1074 27.61 20.93 -5.85
N PHE B 1075 28.24 21.78 -5.03
CA PHE B 1075 28.19 23.23 -5.25
C PHE B 1075 26.77 23.77 -5.13
N PHE B 1084 21.06 23.42 -7.29
CA PHE B 1084 22.11 22.41 -7.14
C PHE B 1084 22.97 22.32 -8.39
N ASP B 1085 24.15 22.93 -8.33
CA ASP B 1085 25.07 22.95 -9.46
C ASP B 1085 25.85 21.65 -9.52
N TRP B 1086 26.93 21.63 -10.31
CA TRP B 1086 27.82 20.49 -10.39
C TRP B 1086 29.12 20.90 -11.06
N GLU B 1087 30.26 20.54 -10.46
CA GLU B 1087 31.52 21.01 -11.02
C GLU B 1087 32.59 19.95 -10.84
N GLU B 1088 33.19 19.51 -11.95
CA GLU B 1088 34.20 18.47 -11.90
C GLU B 1088 35.56 19.07 -11.60
N VAL B 1089 36.11 18.75 -10.44
CA VAL B 1089 37.38 19.32 -9.99
C VAL B 1089 38.44 18.23 -10.01
N CYS B 1090 39.68 18.64 -10.21
CA CYS B 1090 40.82 17.75 -10.15
C CYS B 1090 41.61 18.08 -8.90
N LEU B 1091 41.93 17.07 -8.11
CA LEU B 1091 42.40 17.31 -6.75
C LEU B 1091 43.83 17.84 -6.72
N THR B 1092 44.75 17.20 -7.45
CA THR B 1092 46.12 17.67 -7.44
C THR B 1092 46.23 19.10 -7.96
N SER B 1093 45.55 19.39 -9.07
CA SER B 1093 45.57 20.75 -9.63
C SER B 1093 44.93 21.73 -8.68
N ALA B 1094 43.83 21.36 -8.03
CA ALA B 1094 43.19 22.26 -7.08
C ALA B 1094 44.12 22.56 -5.92
N TYR B 1095 44.86 21.57 -5.45
CA TYR B 1095 45.80 21.81 -4.37
C TYR B 1095 46.94 22.70 -4.81
N LYS B 1096 47.46 22.47 -6.02
CA LYS B 1096 48.51 23.35 -6.52
C LYS B 1096 48.03 24.79 -6.59
N GLU B 1097 46.83 25.01 -7.12
CA GLU B 1097 46.32 26.37 -7.20
C GLU B 1097 46.11 26.97 -5.82
N LEU B 1098 45.59 26.18 -4.87
CA LEU B 1098 45.36 26.72 -3.53
C LEU B 1098 46.67 27.10 -2.86
N PHE B 1099 47.69 26.25 -2.98
CA PHE B 1099 48.98 26.54 -2.36
C PHE B 1099 49.71 27.68 -3.05
N ASN B 1100 49.53 27.86 -4.36
CA ASN B 1100 50.14 29.00 -5.03
C ASN B 1100 49.45 30.29 -4.68
N LYS B 1101 48.12 30.26 -4.52
CA LYS B 1101 47.37 31.47 -4.19
C LYS B 1101 47.85 32.09 -2.89
N TYR B 1102 48.48 31.31 -2.01
CA TYR B 1102 48.94 31.82 -0.73
C TYR B 1102 50.45 31.71 -0.56
N GLY B 1103 51.19 31.28 -1.57
CA GLY B 1103 52.64 31.20 -1.48
C GLY B 1103 53.12 30.20 -0.45
N ILE B 1104 52.92 28.92 -0.72
CA ILE B 1104 53.33 27.84 0.17
C ILE B 1104 54.22 26.90 -0.63
N ASN B 1105 55.51 26.89 -0.30
CA ASN B 1105 56.46 26.05 -1.02
C ASN B 1105 56.21 24.60 -0.66
N TYR B 1106 55.42 23.91 -1.49
CA TYR B 1106 54.95 22.57 -1.20
C TYR B 1106 55.88 21.49 -1.70
N GLN B 1107 57.18 21.78 -1.84
CA GLN B 1107 58.13 20.77 -2.29
C GLN B 1107 59.13 20.41 -1.19
N GLN B 1108 58.80 20.76 0.06
CA GLN B 1108 59.69 20.48 1.22
C GLN B 1108 59.15 19.29 2.01
N GLY B 1109 58.92 18.15 1.33
CA GLY B 1109 58.41 16.93 1.99
C GLY B 1109 57.20 17.23 2.86
N ASP B 1110 57.37 17.10 4.18
CA ASP B 1110 56.27 17.38 5.14
C ASP B 1110 56.10 18.89 5.27
N ILE B 1111 54.98 19.43 4.78
CA ILE B 1111 54.69 20.90 4.84
C ILE B 1111 53.72 21.17 5.99
N ARG B 1112 53.60 20.22 6.92
CA ARG B 1112 52.67 20.35 8.09
C ARG B 1112 52.88 21.70 8.77
N ALA B 1113 54.11 21.99 9.22
CA ALA B 1113 54.39 23.25 9.91
C ALA B 1113 54.21 24.45 8.99
N LEU B 1114 54.47 24.28 7.69
CA LEU B 1114 54.21 25.37 6.75
C LEU B 1114 52.72 25.66 6.63
N LEU B 1115 51.90 24.60 6.63
CA LEU B 1115 50.47 24.76 6.49
C LEU B 1115 49.82 25.48 7.66
N CYS B 1116 50.46 25.47 8.83
CA CYS B 1116 49.92 26.12 10.01
C CYS B 1116 50.43 27.55 10.18
N GLU B 1117 50.75 28.22 9.08
CA GLU B 1117 51.23 29.59 9.15
C GLU B 1117 50.20 30.63 8.73
N GLN B 1118 49.45 30.39 7.66
CA GLN B 1118 48.46 31.35 7.20
C GLN B 1118 47.44 31.62 8.30
N SER B 1119 46.99 32.86 8.38
CA SER B 1119 46.19 33.32 9.51
C SER B 1119 44.83 33.88 9.12
N ASP B 1120 44.40 33.75 7.87
CA ASP B 1120 43.11 34.27 7.46
C ASP B 1120 42.02 33.21 7.64
N LYS B 1121 40.77 33.66 7.50
CA LYS B 1121 39.64 32.74 7.49
C LYS B 1121 39.32 32.25 6.09
N ALA B 1122 39.92 32.87 5.07
CA ALA B 1122 39.66 32.48 3.70
C ALA B 1122 40.48 31.27 3.26
N PHE B 1123 41.50 30.89 4.02
CA PHE B 1123 42.32 29.75 3.62
C PHE B 1123 41.75 28.45 4.16
N TYR B 1124 41.65 28.34 5.49
CA TYR B 1124 41.13 27.12 6.09
C TYR B 1124 39.65 26.89 5.79
N SER B 1125 38.95 27.90 5.29
CA SER B 1125 37.59 27.65 4.81
C SER B 1125 37.59 26.95 3.46
N SER B 1126 38.67 27.06 2.70
CA SER B 1126 38.76 26.45 1.39
C SER B 1126 39.64 25.22 1.35
N PHE B 1127 40.60 25.13 2.26
CA PHE B 1127 41.39 23.90 2.35
C PHE B 1127 40.55 22.74 2.84
N MET B 1128 39.70 22.99 3.83
CA MET B 1128 38.80 21.95 4.30
C MET B 1128 37.89 21.47 3.18
N ALA B 1129 37.54 22.36 2.25
CA ALA B 1129 36.70 21.93 1.14
C ALA B 1129 37.38 20.87 0.29
N LEU B 1130 38.63 21.11 -0.10
CA LEU B 1130 39.31 20.13 -0.92
C LEU B 1130 39.66 18.87 -0.12
N MET B 1131 39.95 19.04 1.17
CA MET B 1131 40.17 17.87 2.01
C MET B 1131 38.91 17.02 2.12
N SER B 1132 37.74 17.65 2.11
CA SER B 1132 36.51 16.90 2.09
C SER B 1132 36.30 16.23 0.75
N LEU B 1133 36.58 16.94 -0.34
CA LEU B 1133 36.42 16.36 -1.66
C LEU B 1133 37.37 15.18 -1.88
N MET B 1134 38.46 15.12 -1.13
CA MET B 1134 39.32 13.96 -1.24
C MET B 1134 38.69 12.72 -0.63
N LEU B 1135 37.97 12.86 0.47
CA LEU B 1135 37.30 11.74 1.12
C LEU B 1135 35.82 11.76 0.76
N GLN B 1136 35.52 11.54 -0.53
CA GLN B 1136 34.12 11.48 -0.92
C GLN B 1136 33.73 10.10 -1.43
N MET B 1137 34.40 9.60 -2.46
CA MET B 1137 34.19 8.24 -2.94
C MET B 1137 32.77 8.00 -3.45
N ARG B 1138 31.97 9.03 -3.64
CA ARG B 1138 30.58 8.79 -4.01
C ARG B 1138 30.12 9.83 -5.03
N ASN B 1139 30.93 10.09 -6.05
CA ASN B 1139 30.65 11.21 -6.93
C ASN B 1139 29.44 10.96 -7.81
N SER B 1140 28.48 11.87 -7.76
CA SER B 1140 27.27 11.80 -8.57
C SER B 1140 27.07 13.12 -9.29
N ILE B 1141 26.24 13.09 -10.32
CA ILE B 1141 25.98 14.28 -11.13
C ILE B 1141 24.50 14.61 -11.11
N THR B 1142 23.67 13.61 -10.83
CA THR B 1142 22.21 13.73 -10.79
C THR B 1142 21.61 14.06 -12.16
N GLY B 1143 22.41 13.98 -13.21
CA GLY B 1143 21.92 14.29 -14.53
C GLY B 1143 22.08 13.16 -15.53
N ARG B 1144 23.07 12.31 -15.32
CA ARG B 1144 23.33 11.18 -16.21
C ARG B 1144 23.50 9.92 -15.38
N THR B 1145 22.75 8.87 -15.75
CA THR B 1145 23.03 7.55 -15.20
C THR B 1145 24.32 6.97 -15.77
N ASP B 1146 24.89 7.61 -16.78
CA ASP B 1146 26.04 7.09 -17.50
C ASP B 1146 27.36 7.45 -16.85
N VAL B 1147 27.42 8.52 -16.07
CA VAL B 1147 28.64 8.91 -15.37
C VAL B 1147 28.27 9.08 -13.89
N ASP B 1148 28.37 7.99 -13.15
CA ASP B 1148 28.40 8.00 -11.70
C ASP B 1148 29.41 6.94 -11.30
N PHE B 1149 30.22 7.23 -10.30
CA PHE B 1149 31.34 6.37 -10.02
C PHE B 1149 31.85 6.64 -8.63
N LEU B 1150 32.48 5.62 -8.05
CA LEU B 1150 33.06 5.71 -6.73
C LEU B 1150 34.55 5.42 -6.87
N ILE B 1151 35.37 6.23 -6.21
CA ILE B 1151 36.81 6.15 -6.33
C ILE B 1151 37.41 6.29 -4.95
N SER B 1152 38.52 5.61 -4.71
CA SER B 1152 39.07 5.59 -3.36
C SER B 1152 40.40 6.34 -3.32
N PRO B 1153 40.65 7.07 -2.26
CA PRO B 1153 41.88 7.84 -2.19
C PRO B 1153 43.06 7.08 -1.61
N VAL B 1154 42.99 5.75 -1.56
CA VAL B 1154 43.98 4.96 -0.83
C VAL B 1154 44.43 3.78 -1.68
N LYS B 1155 45.73 3.62 -1.84
CA LYS B 1155 46.26 2.50 -2.59
C LYS B 1155 45.96 1.18 -1.90
N ASN B 1156 45.89 0.10 -2.69
CA ASN B 1156 45.69 -1.22 -2.14
C ASN B 1156 47.02 -1.97 -2.13
N SER B 1157 46.98 -3.27 -1.83
CA SER B 1157 48.20 -4.06 -1.68
C SER B 1157 49.06 -4.07 -2.93
N ASP B 1158 48.49 -3.82 -4.10
CA ASP B 1158 49.28 -3.81 -5.32
C ASP B 1158 49.89 -2.43 -5.55
N GLY B 1159 49.09 -1.39 -5.41
CA GLY B 1159 49.57 -0.04 -5.65
C GLY B 1159 48.60 0.79 -6.45
N ILE B 1160 47.56 0.15 -6.99
CA ILE B 1160 46.60 0.87 -7.81
C ILE B 1160 45.38 1.26 -6.97
N PHE B 1161 44.78 2.38 -7.34
CA PHE B 1161 43.58 2.86 -6.67
C PHE B 1161 42.37 2.15 -7.24
N TYR B 1162 41.27 2.16 -6.49
CA TYR B 1162 40.03 1.56 -6.94
C TYR B 1162 39.20 2.64 -7.60
N ASP B 1163 39.01 2.51 -8.91
CA ASP B 1163 38.28 3.50 -9.71
C ASP B 1163 37.14 2.77 -10.41
N SER B 1164 35.93 2.94 -9.91
CA SER B 1164 34.80 2.15 -10.39
C SER B 1164 34.53 2.35 -11.87
N ARG B 1165 35.15 3.35 -12.50
CA ARG B 1165 35.04 3.47 -13.95
C ARG B 1165 35.93 2.48 -14.69
N ASN B 1166 36.85 1.82 -14.00
CA ASN B 1166 37.67 0.80 -14.63
C ASN B 1166 37.00 -0.57 -14.62
N TYR B 1167 35.82 -0.68 -14.04
CA TYR B 1167 35.08 -1.92 -14.07
C TYR B 1167 33.75 -1.83 -14.78
N GLU B 1168 33.23 -0.63 -15.03
CA GLU B 1168 32.00 -0.53 -15.81
C GLU B 1168 32.18 -1.10 -17.21
N ALA B 1169 33.39 -1.02 -17.75
CA ALA B 1169 33.68 -1.57 -19.07
C ALA B 1169 34.23 -3.00 -18.98
N GLN B 1170 33.53 -3.86 -18.24
CA GLN B 1170 33.88 -5.26 -18.17
C GLN B 1170 32.61 -6.09 -18.10
N GLU B 1171 32.71 -7.33 -18.57
CA GLU B 1171 31.56 -8.22 -18.65
C GLU B 1171 31.23 -8.86 -17.31
N ASN B 1172 32.23 -9.37 -16.58
CA ASN B 1172 32.02 -9.83 -15.22
C ASN B 1172 33.25 -9.44 -14.41
N ALA B 1173 33.19 -8.27 -13.78
CA ALA B 1173 34.31 -7.79 -13.01
C ALA B 1173 34.46 -8.61 -11.74
N ILE B 1174 35.49 -8.29 -10.97
CA ILE B 1174 35.74 -8.95 -9.70
C ILE B 1174 35.57 -7.99 -8.53
N LEU B 1175 35.05 -6.80 -8.78
CA LEU B 1175 34.79 -5.81 -7.76
C LEU B 1175 33.53 -5.06 -8.15
N PRO B 1176 32.93 -4.27 -7.26
CA PRO B 1176 31.71 -3.57 -7.62
C PRO B 1176 31.94 -2.59 -8.75
N LYS B 1177 31.01 -2.58 -9.70
CA LYS B 1177 31.12 -1.70 -10.85
C LYS B 1177 30.56 -0.32 -10.60
N ASN B 1178 29.28 -0.22 -10.32
CA ASN B 1178 28.71 1.08 -10.02
C ASN B 1178 29.05 1.41 -8.57
N ALA B 1179 28.42 2.46 -8.05
CA ALA B 1179 28.47 2.70 -6.63
C ALA B 1179 27.23 2.19 -5.93
N ASP B 1180 26.36 1.49 -6.65
CA ASP B 1180 25.24 0.77 -6.07
C ASP B 1180 25.49 -0.71 -5.96
N ALA B 1181 26.26 -1.29 -6.89
CA ALA B 1181 26.70 -2.65 -6.70
C ALA B 1181 27.59 -2.75 -5.48
N ASN B 1182 28.24 -1.66 -5.10
CA ASN B 1182 29.03 -1.67 -3.88
C ASN B 1182 28.14 -1.78 -2.66
N GLY B 1183 26.99 -1.13 -2.69
CA GLY B 1183 26.08 -1.24 -1.57
C GLY B 1183 25.60 -2.67 -1.35
N ALA B 1184 25.20 -3.33 -2.41
CA ALA B 1184 24.69 -4.68 -2.22
C ALA B 1184 25.83 -5.68 -2.01
N TYR B 1185 27.01 -5.40 -2.57
CA TYR B 1185 28.16 -6.27 -2.32
C TYR B 1185 28.56 -6.23 -0.86
N ASN B 1186 28.62 -5.05 -0.28
CA ASN B 1186 28.93 -4.95 1.14
C ASN B 1186 27.75 -5.30 2.03
N ILE B 1187 26.53 -5.40 1.51
CA ILE B 1187 25.47 -5.96 2.33
C ILE B 1187 25.55 -7.47 2.32
N ALA B 1188 26.05 -8.05 1.24
CA ALA B 1188 26.21 -9.51 1.22
C ALA B 1188 27.44 -9.95 2.00
N ARG B 1189 28.49 -9.13 2.02
CA ARG B 1189 29.67 -9.52 2.78
C ARG B 1189 29.39 -9.60 4.27
N LYS B 1190 28.53 -8.75 4.81
CA LYS B 1190 28.19 -8.87 6.21
C LYS B 1190 27.59 -10.24 6.51
N VAL B 1191 26.76 -10.75 5.62
CA VAL B 1191 26.18 -12.05 5.83
C VAL B 1191 27.22 -13.15 5.65
N LEU B 1192 28.21 -12.90 4.79
CA LEU B 1192 29.33 -13.83 4.74
C LEU B 1192 30.08 -13.86 6.06
N TRP B 1193 30.17 -12.71 6.73
CA TRP B 1193 30.79 -12.69 8.05
C TRP B 1193 29.96 -13.48 9.05
N ALA B 1194 28.65 -13.32 9.01
CA ALA B 1194 27.81 -14.11 9.90
C ALA B 1194 27.98 -15.60 9.66
N ILE B 1195 27.95 -16.04 8.40
CA ILE B 1195 28.29 -17.41 8.07
C ILE B 1195 29.63 -17.79 8.67
N GLY B 1196 30.60 -16.88 8.62
CA GLY B 1196 31.86 -17.13 9.28
C GLY B 1196 31.69 -17.43 10.75
N GLN B 1197 30.86 -16.65 11.44
CA GLN B 1197 30.59 -16.92 12.85
C GLN B 1197 29.98 -18.30 13.05
N PHE B 1198 29.08 -18.73 12.17
CA PHE B 1198 28.49 -20.05 12.33
C PHE B 1198 29.51 -21.17 12.25
N LYS B 1199 30.64 -20.94 11.60
CA LYS B 1199 31.66 -21.97 11.49
C LYS B 1199 32.56 -22.04 12.70
N LYS B 1200 32.20 -21.35 13.79
CA LYS B 1200 32.93 -21.44 15.04
C LYS B 1200 32.18 -22.23 16.09
N ALA B 1201 30.94 -21.86 16.39
CA ALA B 1201 30.21 -22.44 17.50
C ALA B 1201 29.91 -23.91 17.24
N GLU B 1202 29.40 -24.58 18.28
CA GLU B 1202 28.98 -25.96 18.18
C GLU B 1202 27.48 -26.03 17.96
N ASP B 1203 27.06 -27.07 17.25
CA ASP B 1203 25.69 -27.18 16.75
C ASP B 1203 24.64 -27.01 17.83
N GLU B 1204 24.98 -27.14 19.11
CA GLU B 1204 24.04 -26.82 20.17
C GLU B 1204 24.00 -25.34 20.49
N LYS B 1205 25.00 -24.57 20.06
CA LYS B 1205 25.04 -23.14 20.34
C LYS B 1205 24.67 -22.28 19.14
N LEU B 1206 24.50 -22.88 17.96
CA LEU B 1206 24.17 -22.12 16.76
C LEU B 1206 22.94 -21.26 16.93
N ASP B 1207 21.96 -21.71 17.70
CA ASP B 1207 20.77 -20.91 17.93
C ASP B 1207 21.08 -19.64 18.71
N LYS B 1208 22.33 -19.40 19.10
CA LYS B 1208 22.67 -18.29 19.97
C LYS B 1208 23.69 -17.33 19.38
N VAL B 1209 24.33 -17.69 18.27
CA VAL B 1209 25.28 -16.79 17.63
C VAL B 1209 24.57 -15.50 17.23
N LYS B 1210 25.17 -14.37 17.56
CA LYS B 1210 24.59 -13.11 17.15
C LYS B 1210 24.90 -12.84 15.68
N ILE B 1211 24.01 -12.09 15.04
CA ILE B 1211 24.19 -11.71 13.64
C ILE B 1211 24.39 -10.22 13.48
N ALA B 1212 23.95 -9.41 14.43
CA ALA B 1212 23.98 -7.96 14.27
C ALA B 1212 25.43 -7.48 14.31
N ILE B 1213 26.09 -7.50 13.16
CA ILE B 1213 27.51 -7.22 13.08
C ILE B 1213 27.75 -5.75 13.37
N SER B 1214 28.40 -5.46 14.49
CA SER B 1214 28.66 -4.09 14.90
C SER B 1214 29.82 -3.50 14.11
N ASN B 1215 29.85 -2.17 14.05
CA ASN B 1215 30.74 -1.48 13.12
C ASN B 1215 32.20 -1.87 13.29
N LYS B 1216 32.67 -2.09 14.52
CA LYS B 1216 34.07 -2.46 14.68
C LYS B 1216 34.34 -3.82 14.06
N GLU B 1217 33.52 -4.82 14.37
CA GLU B 1217 33.69 -6.13 13.76
C GLU B 1217 33.64 -6.02 12.24
N TRP B 1218 32.73 -5.21 11.72
CA TRP B 1218 32.54 -5.14 10.28
C TRP B 1218 33.75 -4.50 9.61
N LEU B 1219 34.25 -3.40 10.14
CA LEU B 1219 35.43 -2.81 9.55
C LEU B 1219 36.63 -3.75 9.64
N GLU B 1220 36.73 -4.51 10.74
CA GLU B 1220 37.82 -5.47 10.83
C GLU B 1220 37.72 -6.53 9.74
N TYR B 1221 36.52 -7.11 9.57
CA TYR B 1221 36.36 -8.13 8.53
C TYR B 1221 36.57 -7.55 7.14
N ALA B 1222 36.22 -6.29 6.93
CA ALA B 1222 36.36 -5.71 5.61
C ALA B 1222 37.77 -5.26 5.32
N GLN B 1223 38.61 -5.10 6.34
CA GLN B 1223 39.98 -4.71 6.10
C GLN B 1223 40.97 -5.85 6.21
N THR B 1224 40.56 -6.99 6.76
CA THR B 1224 41.46 -8.13 6.79
C THR B 1224 41.31 -9.07 5.61
N SER B 1225 40.13 -9.10 4.97
CA SER B 1225 39.87 -10.09 3.94
C SER B 1225 40.70 -9.86 2.69
N VAL B 1226 40.96 -8.61 2.32
CA VAL B 1226 41.61 -8.32 1.05
C VAL B 1226 43.12 -8.34 1.13
N LYS B 1227 43.69 -8.46 2.33
CA LYS B 1227 45.14 -8.55 2.54
C LYS B 1227 45.87 -7.30 2.06
N MET D 120 -33.83 39.42 -47.19
CA MET D 120 -33.57 39.24 -45.78
C MET D 120 -32.77 37.96 -45.51
N TYR D 121 -32.17 37.41 -46.56
CA TYR D 121 -31.39 36.17 -46.52
C TYR D 121 -30.01 36.40 -47.13
N LEU D 122 -29.33 37.47 -46.69
CA LEU D 122 -28.09 37.88 -47.34
C LEU D 122 -26.96 36.88 -47.16
N VAL D 123 -26.80 36.29 -45.97
CA VAL D 123 -25.61 35.50 -45.66
C VAL D 123 -25.99 34.16 -45.07
N VAL D 124 -27.26 34.00 -44.69
CA VAL D 124 -27.71 32.73 -44.12
C VAL D 124 -27.40 31.58 -45.06
N GLN D 125 -27.61 31.79 -46.36
CA GLN D 125 -27.22 30.77 -47.34
C GLN D 125 -25.72 30.51 -47.28
N ALA D 126 -24.92 31.55 -47.07
CA ALA D 126 -23.48 31.37 -46.92
C ALA D 126 -23.12 30.73 -45.59
N LEU D 127 -24.07 30.62 -44.66
CA LEU D 127 -23.85 29.87 -43.44
C LEU D 127 -24.16 28.41 -43.65
N ILE D 128 -25.27 28.13 -44.32
CA ILE D 128 -25.62 26.74 -44.63
C ILE D 128 -24.57 26.10 -45.53
N ARG D 129 -24.07 26.87 -46.51
CA ARG D 129 -23.08 26.34 -47.44
C ARG D 129 -21.76 26.04 -46.76
N ALA D 130 -21.50 26.62 -45.59
CA ALA D 130 -20.30 26.30 -44.84
C ALA D 130 -20.53 25.17 -43.85
N CYS D 131 -21.70 25.15 -43.21
CA CYS D 131 -22.00 24.07 -42.27
C CYS D 131 -22.08 22.73 -42.99
N ILE D 132 -22.75 22.68 -44.13
CA ILE D 132 -22.86 21.40 -44.84
C ILE D 132 -21.51 20.96 -45.38
N ILE D 133 -20.65 21.90 -45.78
CA ILE D 133 -19.35 21.52 -46.29
C ILE D 133 -18.46 21.02 -45.16
N LYS D 134 -18.55 21.64 -43.99
CA LYS D 134 -17.79 21.13 -42.85
C LYS D 134 -18.28 19.76 -42.43
N GLU D 135 -19.60 19.52 -42.50
CA GLU D 135 -20.10 18.19 -42.19
C GLU D 135 -19.62 17.17 -43.20
N ILE D 136 -19.62 17.51 -44.49
CA ILE D 136 -19.14 16.57 -45.50
C ILE D 136 -17.66 16.33 -45.33
N ASP D 137 -16.90 17.34 -44.92
CA ASP D 137 -15.48 17.13 -44.70
C ASP D 137 -15.23 16.22 -43.51
N LEU D 138 -16.00 16.38 -42.44
CA LEU D 138 -15.89 15.45 -41.32
C LEU D 138 -16.24 14.04 -41.76
N TYR D 139 -17.24 13.90 -42.63
CA TYR D 139 -17.58 12.57 -43.13
C TYR D 139 -16.44 11.96 -43.93
N THR D 140 -15.86 12.73 -44.84
CA THR D 140 -14.77 12.18 -45.64
C THR D 140 -13.55 11.89 -44.78
N GLU D 141 -13.34 12.61 -43.68
CA GLU D 141 -12.23 12.27 -42.80
C GLU D 141 -12.52 11.04 -41.97
N GLN D 142 -13.78 10.80 -41.62
CA GLN D 142 -14.12 9.55 -40.95
C GLN D 142 -14.06 8.38 -41.92
N LEU D 143 -14.19 8.63 -43.22
CA LEU D 143 -14.20 7.54 -44.19
C LEU D 143 -12.81 7.24 -44.73
N TYR D 144 -11.93 8.23 -44.79
CA TYR D 144 -10.59 7.99 -45.29
C TYR D 144 -9.85 6.93 -44.48
N ASN D 145 -10.09 6.86 -43.18
CA ASN D 145 -9.49 5.80 -42.38
C ASN D 145 -10.11 4.45 -42.72
N ILE D 146 -11.43 4.33 -42.54
CA ILE D 146 -12.13 3.09 -42.83
C ILE D 146 -11.82 2.57 -44.22
N ILE D 147 -11.33 3.43 -45.12
CA ILE D 147 -10.85 2.94 -46.40
C ILE D 147 -9.38 2.55 -46.31
N LYS D 148 -8.57 3.31 -45.58
CA LYS D 148 -7.15 3.03 -45.54
C LYS D 148 -6.84 1.70 -44.86
N SER D 149 -7.78 1.13 -44.11
CA SER D 149 -7.53 -0.08 -43.34
C SER D 149 -8.24 -1.30 -43.93
N LEU D 150 -8.32 -1.41 -45.25
CA LEU D 150 -8.99 -2.53 -45.87
C LEU D 150 -8.09 -3.20 -46.89
N PRO D 151 -8.28 -4.48 -47.13
CA PRO D 151 -7.61 -5.12 -48.27
C PRO D 151 -8.19 -4.63 -49.59
N TYR D 152 -7.30 -4.55 -50.59
CA TYR D 152 -7.67 -3.95 -51.88
C TYR D 152 -8.94 -4.54 -52.47
N ASP D 153 -9.24 -5.80 -52.16
CA ASP D 153 -10.37 -6.50 -52.77
C ASP D 153 -11.64 -6.41 -51.95
N LYS D 154 -11.68 -5.54 -50.93
CA LYS D 154 -12.87 -5.40 -50.12
C LYS D 154 -13.37 -3.96 -50.06
N ARG D 155 -12.76 -3.05 -50.82
CA ARG D 155 -13.22 -1.67 -50.86
C ARG D 155 -14.67 -1.60 -51.31
N PRO D 156 -15.36 -0.52 -50.98
CA PRO D 156 -16.75 -0.39 -51.42
C PRO D 156 -16.85 0.27 -52.79
N ASN D 157 -18.07 0.49 -53.26
CA ASN D 157 -18.31 1.15 -54.54
C ASN D 157 -18.62 2.62 -54.30
N VAL D 158 -17.79 3.50 -54.85
CA VAL D 158 -17.86 4.92 -54.58
C VAL D 158 -18.62 5.61 -55.70
N VAL D 159 -19.06 6.84 -55.43
CA VAL D 159 -19.79 7.67 -56.37
C VAL D 159 -19.03 8.97 -56.59
N TYR D 160 -17.70 8.87 -56.59
CA TYR D 160 -16.79 10.01 -56.64
C TYR D 160 -17.29 11.11 -57.56
N SER D 161 -17.18 12.36 -57.10
CA SER D 161 -17.63 13.50 -57.89
C SER D 161 -16.68 14.69 -57.90
N ASP D 162 -15.68 14.75 -57.02
CA ASP D 162 -14.79 15.90 -56.89
C ASP D 162 -15.56 17.17 -56.53
N GLN D 163 -16.81 17.03 -56.12
CA GLN D 163 -17.61 18.08 -55.53
C GLN D 163 -18.23 17.49 -54.27
N PRO D 164 -18.29 18.26 -53.18
CA PRO D 164 -18.77 17.71 -51.90
C PRO D 164 -20.14 17.07 -52.06
N LEU D 165 -20.22 15.79 -51.68
CA LEU D 165 -21.45 15.01 -51.80
C LEU D 165 -22.00 14.68 -50.42
N ASP D 166 -23.32 14.63 -50.33
CA ASP D 166 -24.04 14.34 -49.10
C ASP D 166 -24.33 12.85 -48.98
N PRO D 167 -24.27 12.29 -47.78
CA PRO D 167 -24.66 10.90 -47.56
C PRO D 167 -26.11 10.70 -47.13
N ASN D 168 -26.85 11.76 -46.81
CA ASN D 168 -28.23 11.59 -46.38
C ASN D 168 -29.14 11.27 -47.57
N ASN D 169 -29.06 12.06 -48.63
CA ASN D 169 -29.84 11.80 -49.83
C ASN D 169 -28.98 11.45 -51.03
N LEU D 170 -28.03 12.31 -51.39
CA LEU D 170 -27.06 12.19 -52.47
C LEU D 170 -27.70 12.34 -53.85
N ASP D 171 -29.03 12.35 -53.94
CA ASP D 171 -29.75 12.43 -55.22
C ASP D 171 -29.19 11.41 -56.22
N LEU D 172 -29.37 10.13 -55.88
CA LEU D 172 -28.78 9.06 -56.68
C LEU D 172 -29.47 8.89 -58.02
N SER D 173 -30.61 9.55 -58.23
CA SER D 173 -31.32 9.43 -59.49
C SER D 173 -30.56 10.11 -60.63
N GLU D 174 -29.65 11.03 -60.29
CA GLU D 174 -28.87 11.70 -61.32
C GLU D 174 -28.03 10.70 -62.09
N PRO D 175 -28.06 10.73 -63.42
CA PRO D 175 -27.26 9.77 -64.20
C PRO D 175 -25.77 10.05 -64.21
N GLU D 176 -25.29 10.98 -63.39
CA GLU D 176 -23.89 11.35 -63.45
C GLU D 176 -23.02 10.57 -62.47
N LEU D 177 -23.56 10.18 -61.33
CA LEU D 177 -22.75 9.51 -60.31
C LEU D 177 -22.39 8.10 -60.76
N TRP D 178 -21.09 7.82 -60.84
CA TRP D 178 -20.58 6.52 -61.29
C TRP D 178 -20.65 5.50 -60.15
N ALA D 179 -20.04 4.32 -60.36
CA ALA D 179 -19.97 3.31 -59.33
C ALA D 179 -18.77 2.42 -59.62
N GLU D 180 -17.67 2.63 -58.90
CA GLU D 180 -16.49 1.78 -59.00
C GLU D 180 -15.92 1.54 -57.61
N GLN D 181 -15.07 0.53 -57.51
CA GLN D 181 -14.32 0.32 -56.29
C GLN D 181 -13.21 1.35 -56.17
N VAL D 182 -13.00 1.85 -54.96
CA VAL D 182 -12.01 2.89 -54.74
C VAL D 182 -10.60 2.30 -54.83
N GLY D 183 -9.63 3.15 -55.15
CA GLY D 183 -8.26 2.70 -55.29
C GLY D 183 -7.41 2.97 -54.08
N GLU D 184 -6.35 3.76 -54.25
CA GLU D 184 -5.49 4.15 -53.15
C GLU D 184 -5.92 5.51 -52.62
N CYS D 185 -5.99 5.62 -51.30
CA CYS D 185 -6.45 6.83 -50.63
C CYS D 185 -5.22 7.57 -50.09
N MET D 186 -4.87 8.68 -50.74
CA MET D 186 -3.61 9.38 -50.49
C MET D 186 -3.87 10.71 -49.79
N ARG D 187 -3.08 10.97 -48.76
CA ARG D 187 -3.18 12.20 -47.98
C ARG D 187 -2.39 13.31 -48.67
N TYR D 188 -3.09 14.36 -49.09
CA TYR D 188 -2.44 15.47 -49.79
C TYR D 188 -1.28 16.03 -48.97
N ALA D 189 -0.33 16.65 -49.66
CA ALA D 189 0.89 17.15 -49.02
C ALA D 189 0.93 18.66 -48.85
N HIS D 190 0.25 19.42 -49.71
CA HIS D 190 0.19 20.86 -49.55
C HIS D 190 -0.71 21.22 -48.37
N ASN D 191 -1.99 20.88 -48.47
CA ASN D 191 -2.88 20.82 -47.32
C ASN D 191 -3.07 19.34 -46.96
N ASP D 192 -3.93 19.08 -45.98
CA ASP D 192 -4.13 17.72 -45.49
C ASP D 192 -5.37 17.07 -46.06
N GLN D 193 -5.73 17.38 -47.31
CA GLN D 193 -6.97 16.80 -47.83
C GLN D 193 -6.78 15.32 -48.15
N PRO D 194 -7.75 14.49 -47.80
CA PRO D 194 -7.67 13.06 -48.13
C PRO D 194 -8.15 12.76 -49.54
N CYS D 195 -7.28 12.87 -50.54
CA CYS D 195 -7.71 12.59 -51.90
C CYS D 195 -7.79 11.08 -52.13
N PHE D 196 -8.54 10.69 -53.16
CA PHE D 196 -8.77 9.30 -53.46
C PHE D 196 -8.44 9.01 -54.91
N TYR D 197 -8.03 7.77 -55.18
CA TYR D 197 -7.91 7.25 -56.53
C TYR D 197 -9.00 6.20 -56.76
N ILE D 198 -9.35 6.00 -58.02
CA ILE D 198 -10.41 5.07 -58.40
C ILE D 198 -9.79 3.96 -59.24
N GLY D 199 -10.35 2.76 -59.12
CA GLY D 199 -9.83 1.62 -59.85
C GLY D 199 -8.41 1.27 -59.46
N SER D 200 -7.47 1.54 -60.34
CA SER D 200 -6.05 1.34 -60.07
C SER D 200 -5.29 2.61 -60.44
N THR D 201 -3.99 2.61 -60.15
CA THR D 201 -3.15 3.74 -60.49
C THR D 201 -2.91 3.87 -61.99
N LYS D 202 -3.39 2.91 -62.79
CA LYS D 202 -3.27 2.98 -64.24
C LYS D 202 -4.39 3.76 -64.90
N ARG D 203 -5.39 4.19 -64.13
CA ARG D 203 -6.42 5.08 -64.65
C ARG D 203 -6.08 6.55 -64.45
N GLU D 204 -5.16 6.85 -63.54
CA GLU D 204 -4.76 8.23 -63.22
C GLU D 204 -5.98 9.09 -62.87
N LEU D 205 -6.97 8.46 -62.25
CA LEU D 205 -8.14 9.17 -61.73
C LEU D 205 -7.90 9.49 -60.27
N ARG D 206 -8.16 10.75 -59.90
CA ARG D 206 -7.90 11.25 -58.55
C ARG D 206 -9.07 12.14 -58.14
N VAL D 207 -9.68 11.82 -57.00
CA VAL D 207 -10.89 12.52 -56.57
C VAL D 207 -10.70 13.03 -55.16
N ASN D 208 -11.48 14.06 -54.82
CA ASN D 208 -11.44 14.66 -53.49
C ASN D 208 -12.66 14.34 -52.64
N TYR D 209 -13.69 13.74 -53.21
CA TYR D 209 -14.90 13.44 -52.45
C TYR D 209 -15.52 12.16 -52.98
N ILE D 210 -15.88 11.24 -52.08
CA ILE D 210 -16.50 9.97 -52.46
C ILE D 210 -17.60 9.65 -51.47
N VAL D 211 -18.44 8.69 -51.84
CA VAL D 211 -19.48 8.13 -50.97
C VAL D 211 -19.65 6.66 -51.31
N PRO D 212 -19.71 5.76 -50.34
CA PRO D 212 -19.86 4.33 -50.65
C PRO D 212 -21.30 3.89 -50.79
N VAL D 213 -21.57 3.16 -51.87
CA VAL D 213 -22.91 2.66 -52.16
C VAL D 213 -22.84 1.18 -52.49
N ILE D 214 -23.96 0.49 -52.26
CA ILE D 214 -24.10 -0.92 -52.61
C ILE D 214 -24.69 -1.07 -54.01
N GLY D 215 -24.70 0.00 -54.79
CA GLY D 215 -25.05 -0.02 -56.20
C GLY D 215 -23.85 -0.41 -57.05
N VAL D 216 -23.57 -1.72 -57.10
CA VAL D 216 -22.29 -2.21 -57.58
C VAL D 216 -21.94 -1.65 -58.96
N ARG D 217 -22.81 -1.84 -59.95
CA ARG D 217 -22.34 -1.57 -61.31
C ARG D 217 -22.64 -0.14 -61.77
N ASP D 218 -23.90 0.20 -61.98
CA ASP D 218 -24.23 1.59 -62.29
C ASP D 218 -25.59 1.99 -61.73
N GLU D 219 -26.32 1.03 -61.15
CA GLU D 219 -27.64 1.28 -60.59
C GLU D 219 -27.50 1.27 -59.07
N ILE D 220 -27.80 2.41 -58.46
CA ILE D 220 -27.45 2.68 -57.06
C ILE D 220 -28.70 2.44 -56.22
N GLU D 221 -28.75 1.28 -55.57
CA GLU D 221 -29.93 0.93 -54.79
C GLU D 221 -29.97 1.66 -53.46
N ARG D 222 -28.81 1.89 -52.85
CA ARG D 222 -28.76 2.44 -51.51
C ARG D 222 -27.35 2.92 -51.24
N VAL D 223 -27.23 3.91 -50.35
CA VAL D 223 -25.95 4.43 -49.94
C VAL D 223 -25.51 3.71 -48.67
N MET D 224 -24.36 3.05 -48.73
CA MET D 224 -23.88 2.26 -47.61
C MET D 224 -23.51 3.17 -46.44
N THR D 225 -24.02 2.85 -45.27
CA THR D 225 -23.74 3.65 -44.08
C THR D 225 -22.35 3.32 -43.53
N LEU D 226 -21.87 4.19 -42.64
CA LEU D 226 -20.52 4.05 -42.11
C LEU D 226 -20.31 2.71 -41.41
N GLU D 227 -21.22 2.33 -40.52
CA GLU D 227 -21.05 1.09 -39.78
C GLU D 227 -21.03 -0.13 -40.70
N GLU D 228 -21.47 0.01 -41.95
CA GLU D 228 -21.43 -1.10 -42.89
C GLU D 228 -20.25 -1.04 -43.84
N VAL D 229 -19.55 0.09 -43.91
CA VAL D 229 -18.24 0.10 -44.56
C VAL D 229 -17.14 -0.26 -43.57
N ARG D 230 -17.39 -0.10 -42.27
CA ARG D 230 -16.50 -0.68 -41.28
C ARG D 230 -16.65 -2.19 -41.25
N ASN D 231 -17.88 -2.67 -41.09
CA ASN D 231 -18.17 -4.10 -41.04
C ASN D 231 -17.80 -4.81 -42.33
N LEU D 232 -17.65 -4.08 -43.44
CA LEU D 232 -17.33 -4.69 -44.71
C LEU D 232 -16.05 -5.52 -44.69
N HIS D 233 -15.21 -5.31 -43.68
CA HIS D 233 -14.01 -6.13 -43.55
C HIS D 233 -14.37 -7.49 -42.99
#